data_6N7V
#
_entry.id   6N7V
#
_cell.length_a   1
_cell.length_b   1
_cell.length_c   1
_cell.angle_alpha   90
_cell.angle_beta   90
_cell.angle_gamma   90
#
_symmetry.space_group_name_H-M   'P 1'
#
loop_
_entity.id
_entity.type
_entity.pdbx_description
1 polymer 'DNA primase/helicase'
2 polymer 'DNA (93-MER)'
3 non-polymer "THYMIDINE-5'-TRIPHOSPHATE"
4 non-polymer 'MAGNESIUM ION'
#
loop_
_entity_poly.entity_id
_entity_poly.type
_entity_poly.pdbx_seq_one_letter_code
_entity_poly.pdbx_strand_id
1 'polypeptide(L)'
;MDNSHDSDSVFLYHIPCDNCGSSDGNSLFSDGHTFCYVCEKWTAGNEDTKERASKRKPSGGKPMTYNVWNFGESNGRYSA
LTARGISKETCQKAGYWIAKVDGVMYQVADYRDQNGNIVSQKVRDKDKNFKTTGSHKSDALFGKHLWNGGKKIVVTEGEI
DMLTVMELQDCKYPVVSLGHGASAAKKTCAANYEYFDQFEQIILMFDMDEAGRKAVEEAAQVLPAGKVRVAVLPCKDANE
CHLNGHDREIMEQVWNAGPWIPDGVVSALSLRERIREHLSSEESVGLLFSGCTGINDKTLGARGGEVIMVTSGSGMGKST
FVRQQALQWGTAMGKKVGLAMLQESVEETAEDLIGLHNRVRLRQSDSLKREIIENGKFDQWFDELFGNDTFHLYDSFAEA
ETDRLLAKLAYMRSGLGCDVIILDHISIVVSASGESDERKMIDNLMTKLKGFAKSTGVVLVVICHLKNPDKGKAHEEGRP
VSITDLRGSGALRQLSDTIIALERNQQGDMPNLVLVRILKCRFTGDTGIAGYMEYNKETGWLEPSSYSGEEESHSESTDW
SNDTDF
;
A,B,C,D,E,F
2 'polydeoxyribonucleotide'
;(DT)(DT)(DT)(DG)(DG)(DT)(DC)(DA)(DT)(DT)(DT)(DT)(DT)(DT)(DT)(DT)(DT)(DT)(DT)(DT)
(DT)(DT)(DT)(DT)(DT)(DT)(DT)(DT)(DA)(DC)(DG)(DG)(DA)(DG)(DT)(DC)(DG)(DT)(DT)(DT)
(DC)(DG)(DA)(DC)(DT)(DC)(DC)(DG)(DT)(DT)(DA)(DT)(DC)(DA)(DC)(DG)(DC)(DT)(DA)(DT)
(DG)(DT)(DC)(DG)(DT)(DC)(DA)(DA)(DG)(DT)(DT)(DG)(DT)(DA)(DC)(DC)
;
T
#
# COMPACT_ATOMS: atom_id res chain seq x y z
N GLY A 264 -24.06 -27.72 12.05
CA GLY A 264 -24.44 -26.96 10.87
C GLY A 264 -24.53 -27.80 9.62
N VAL A 265 -23.95 -28.99 9.68
CA VAL A 265 -23.96 -29.91 8.54
C VAL A 265 -25.24 -30.74 8.59
N VAL A 266 -26.00 -30.75 7.50
CA VAL A 266 -27.24 -31.50 7.39
C VAL A 266 -27.08 -32.51 6.26
N SER A 267 -27.36 -33.78 6.56
CA SER A 267 -27.28 -34.85 5.58
C SER A 267 -28.48 -34.81 4.65
N ALA A 268 -28.45 -35.65 3.61
CA ALA A 268 -29.51 -35.68 2.61
C ALA A 268 -30.75 -36.45 3.07
N LEU A 269 -30.71 -37.08 4.25
CA LEU A 269 -31.86 -37.83 4.74
C LEU A 269 -32.88 -36.95 5.46
N SER A 270 -32.45 -35.80 5.98
CA SER A 270 -33.36 -34.92 6.71
C SER A 270 -34.16 -34.00 5.79
N LEU A 271 -33.98 -34.10 4.47
CA LEU A 271 -34.64 -33.23 3.51
C LEU A 271 -35.83 -33.91 2.84
N ARG A 272 -36.56 -34.74 3.57
CA ARG A 272 -37.70 -35.45 2.98
C ARG A 272 -38.89 -34.51 2.78
N GLU A 273 -39.20 -33.68 3.79
CA GLU A 273 -40.33 -32.78 3.72
C GLU A 273 -39.95 -31.33 3.46
N ARG A 274 -38.67 -30.97 3.54
CA ARG A 274 -38.28 -29.60 3.28
C ARG A 274 -38.30 -29.29 1.79
N ILE A 275 -37.76 -30.21 0.97
CA ILE A 275 -37.80 -30.05 -0.48
C ILE A 275 -39.25 -30.07 -0.97
N ARG A 276 -40.07 -30.94 -0.38
CA ARG A 276 -41.50 -30.94 -0.64
C ARG A 276 -42.15 -29.63 -0.22
N GLU A 277 -41.61 -29.00 0.83
CA GLU A 277 -42.09 -27.67 1.20
C GLU A 277 -41.67 -26.63 0.18
N HIS A 278 -40.54 -26.85 -0.50
CA HIS A 278 -40.00 -25.82 -1.38
C HIS A 278 -40.70 -25.81 -2.74
N LEU A 279 -41.33 -26.91 -3.13
CA LEU A 279 -41.94 -26.97 -4.45
C LEU A 279 -43.23 -26.17 -4.50
N SER A 280 -43.97 -26.12 -3.40
CA SER A 280 -45.22 -25.36 -3.37
C SER A 280 -44.98 -23.94 -2.88
N VAL A 285 -42.35 -18.63 -7.16
CA VAL A 285 -43.08 -18.06 -8.28
C VAL A 285 -42.45 -16.73 -8.68
N GLY A 286 -42.09 -16.60 -9.94
CA GLY A 286 -41.43 -15.40 -10.42
C GLY A 286 -42.37 -14.22 -10.58
N LEU A 287 -41.99 -13.08 -9.99
CA LEU A 287 -42.75 -11.84 -10.19
C LEU A 287 -42.45 -11.30 -11.58
N LEU A 288 -43.51 -11.06 -12.34
CA LEU A 288 -43.38 -10.78 -13.78
C LEU A 288 -42.83 -9.37 -13.99
N PHE A 289 -42.04 -9.20 -15.04
CA PHE A 289 -41.53 -7.89 -15.40
C PHE A 289 -42.51 -7.18 -16.33
N SER A 290 -43.01 -6.03 -15.89
CA SER A 290 -43.98 -5.26 -16.65
C SER A 290 -43.27 -4.34 -17.64
N GLY A 291 -44.05 -3.77 -18.55
CA GLY A 291 -43.56 -2.84 -19.53
C GLY A 291 -43.09 -3.47 -20.82
N CYS A 292 -42.63 -4.71 -20.78
CA CYS A 292 -42.15 -5.41 -21.97
C CYS A 292 -42.26 -6.90 -21.74
N THR A 293 -42.82 -7.62 -22.73
CA THR A 293 -42.96 -9.07 -22.63
C THR A 293 -41.73 -9.81 -23.15
N GLY A 294 -40.78 -9.12 -23.77
CA GLY A 294 -39.56 -9.77 -24.21
C GLY A 294 -38.61 -10.12 -23.08
N ILE A 295 -38.77 -9.48 -21.92
CA ILE A 295 -37.95 -9.81 -20.76
C ILE A 295 -38.37 -11.14 -20.15
N ASN A 296 -39.69 -11.34 -19.99
CA ASN A 296 -40.20 -12.52 -19.29
C ASN A 296 -40.06 -13.80 -20.12
N ASP A 297 -39.77 -13.69 -21.41
CA ASP A 297 -39.57 -14.87 -22.24
C ASP A 297 -38.27 -15.58 -21.93
N LYS A 298 -37.29 -14.86 -21.38
CA LYS A 298 -35.95 -15.40 -21.15
C LYS A 298 -35.41 -15.11 -19.76
N THR A 299 -36.26 -14.62 -18.85
CA THR A 299 -35.87 -14.40 -17.46
C THR A 299 -36.72 -15.19 -16.48
N LEU A 300 -37.99 -15.47 -16.83
CA LEU A 300 -38.96 -16.20 -15.99
C LEU A 300 -39.18 -15.48 -14.65
N GLY A 301 -39.23 -14.16 -14.70
CA GLY A 301 -39.50 -13.37 -13.51
C GLY A 301 -38.34 -13.25 -12.55
N ALA A 302 -38.65 -13.27 -11.26
CA ALA A 302 -37.63 -13.16 -10.22
C ALA A 302 -38.14 -13.87 -8.96
N ARG A 303 -37.27 -14.68 -8.37
CA ARG A 303 -37.64 -15.54 -7.26
C ARG A 303 -37.19 -14.91 -5.94
N GLY A 304 -37.39 -15.65 -4.86
CA GLY A 304 -36.89 -15.22 -3.56
C GLY A 304 -35.38 -15.36 -3.50
N GLY A 305 -34.69 -14.25 -3.32
CA GLY A 305 -33.24 -14.26 -3.40
C GLY A 305 -32.74 -14.17 -4.82
N GLU A 306 -33.18 -13.14 -5.54
CA GLU A 306 -32.83 -12.93 -6.94
C GLU A 306 -32.32 -11.51 -7.08
N VAL A 307 -31.00 -11.35 -7.06
CA VAL A 307 -30.37 -10.03 -7.11
C VAL A 307 -30.36 -9.56 -8.55
N ILE A 308 -31.03 -8.44 -8.79
CA ILE A 308 -31.18 -7.87 -10.13
C ILE A 308 -30.41 -6.57 -10.19
N MET A 309 -29.45 -6.49 -11.10
CA MET A 309 -28.69 -5.28 -11.36
C MET A 309 -29.28 -4.62 -12.59
N VAL A 310 -29.57 -3.33 -12.49
CA VAL A 310 -30.17 -2.55 -13.57
C VAL A 310 -29.27 -1.37 -13.84
N THR A 311 -28.86 -1.18 -15.10
CA THR A 311 -27.95 -0.09 -15.42
C THR A 311 -28.20 0.42 -16.83
N SER A 312 -27.68 1.62 -17.08
CA SER A 312 -27.68 2.24 -18.40
C SER A 312 -26.58 3.30 -18.41
N GLY A 313 -26.62 4.17 -19.40
CA GLY A 313 -25.73 5.31 -19.45
C GLY A 313 -26.08 6.39 -18.43
N SER A 314 -25.41 7.53 -18.59
CA SER A 314 -25.58 8.64 -17.65
C SER A 314 -26.92 9.32 -17.92
N GLY A 315 -27.91 9.01 -17.10
CA GLY A 315 -29.22 9.62 -17.23
C GLY A 315 -30.09 9.09 -18.33
N MET A 316 -29.96 7.81 -18.68
CA MET A 316 -30.77 7.19 -19.73
C MET A 316 -32.05 6.57 -19.20
N GLY A 317 -32.45 6.89 -17.98
CA GLY A 317 -33.71 6.44 -17.45
C GLY A 317 -33.63 5.18 -16.61
N LYS A 318 -32.66 5.12 -15.71
CA LYS A 318 -32.64 4.05 -14.71
C LYS A 318 -33.73 4.26 -13.67
N SER A 319 -33.79 5.48 -13.11
CA SER A 319 -34.75 5.79 -12.06
C SER A 319 -36.18 5.76 -12.57
N THR A 320 -36.41 6.20 -13.81
CA THR A 320 -37.74 6.19 -14.39
C THR A 320 -38.24 4.76 -14.60
N PHE A 321 -37.40 3.89 -15.16
CA PHE A 321 -37.80 2.51 -15.42
C PHE A 321 -37.98 1.72 -14.13
N VAL A 322 -37.08 1.91 -13.16
CA VAL A 322 -37.20 1.17 -11.90
C VAL A 322 -38.39 1.68 -11.09
N ARG A 323 -38.65 2.99 -11.12
CA ARG A 323 -39.83 3.55 -10.45
C ARG A 323 -41.13 3.08 -11.12
N GLN A 324 -41.09 2.92 -12.45
CA GLN A 324 -42.25 2.37 -13.16
C GLN A 324 -42.51 0.91 -12.80
N GLN A 325 -41.43 0.11 -12.67
CA GLN A 325 -41.60 -1.29 -12.29
C GLN A 325 -42.06 -1.41 -10.83
N ALA A 326 -41.60 -0.50 -9.97
CA ALA A 326 -42.08 -0.49 -8.59
C ALA A 326 -43.53 -0.05 -8.51
N LEU A 327 -43.96 0.83 -9.42
CA LEU A 327 -45.35 1.23 -9.47
C LEU A 327 -46.24 0.11 -9.97
N GLN A 328 -45.76 -0.67 -10.94
CA GLN A 328 -46.52 -1.82 -11.43
C GLN A 328 -46.59 -2.94 -10.40
N TRP A 329 -45.49 -3.20 -9.68
CA TRP A 329 -45.47 -4.27 -8.69
C TRP A 329 -46.17 -3.89 -7.39
N GLY A 330 -46.44 -2.62 -7.17
CA GLY A 330 -46.95 -2.19 -5.89
C GLY A 330 -48.46 -2.15 -5.78
N THR A 331 -49.12 -1.51 -6.74
CA THR A 331 -50.57 -1.31 -6.67
C THR A 331 -51.35 -2.22 -7.60
N ALA A 332 -50.69 -2.92 -8.53
CA ALA A 332 -51.38 -3.79 -9.47
C ALA A 332 -51.19 -5.27 -9.17
N MET A 333 -50.20 -5.64 -8.36
CA MET A 333 -49.94 -7.03 -8.07
C MET A 333 -49.96 -7.37 -6.59
N GLY A 334 -50.21 -6.40 -5.72
CA GLY A 334 -50.39 -6.66 -4.30
C GLY A 334 -49.13 -6.91 -3.52
N LYS A 335 -47.98 -6.41 -3.96
CA LYS A 335 -46.71 -6.64 -3.29
C LYS A 335 -46.29 -5.41 -2.50
N LYS A 336 -45.77 -5.63 -1.30
CA LYS A 336 -45.23 -4.54 -0.50
C LYS A 336 -43.87 -4.14 -1.05
N VAL A 337 -43.72 -2.88 -1.42
CA VAL A 337 -42.53 -2.40 -2.12
C VAL A 337 -41.82 -1.38 -1.24
N GLY A 338 -40.56 -1.65 -0.93
CA GLY A 338 -39.76 -0.75 -0.14
C GLY A 338 -38.64 -0.08 -0.93
N LEU A 339 -38.73 1.23 -1.09
CA LEU A 339 -37.73 1.98 -1.84
C LEU A 339 -36.67 2.54 -0.90
N ALA A 340 -35.46 2.71 -1.44
CA ALA A 340 -34.35 3.34 -0.73
C ALA A 340 -33.66 4.33 -1.65
N MET A 341 -34.46 5.20 -2.27
CA MET A 341 -33.95 6.22 -3.19
C MET A 341 -33.05 7.20 -2.47
N LEU A 342 -31.76 7.14 -2.77
CA LEU A 342 -30.78 8.05 -2.19
C LEU A 342 -30.40 9.18 -3.13
N GLN A 343 -30.91 9.17 -4.37
CA GLN A 343 -30.69 10.30 -5.27
C GLN A 343 -31.45 11.53 -4.79
N GLU A 344 -32.71 11.35 -4.42
CA GLU A 344 -33.53 12.42 -3.87
C GLU A 344 -34.15 11.97 -2.54
N SER A 345 -34.91 12.87 -1.93
CA SER A 345 -35.50 12.59 -0.62
C SER A 345 -36.88 11.96 -0.75
N VAL A 346 -37.62 11.93 0.36
CA VAL A 346 -38.88 11.18 0.44
C VAL A 346 -39.98 11.85 -0.38
N GLU A 347 -40.16 13.16 -0.21
CA GLU A 347 -41.31 13.83 -0.79
C GLU A 347 -41.17 14.00 -2.29
N GLU A 348 -39.94 14.09 -2.79
CA GLU A 348 -39.71 14.20 -4.23
C GLU A 348 -40.08 12.91 -4.96
N THR A 349 -39.63 11.77 -4.46
CA THR A 349 -40.02 10.51 -5.10
C THR A 349 -41.48 10.16 -4.81
N ALA A 350 -42.06 10.70 -3.73
CA ALA A 350 -43.50 10.56 -3.53
C ALA A 350 -44.29 11.32 -4.60
N GLU A 351 -43.87 12.56 -4.89
CA GLU A 351 -44.48 13.31 -5.97
C GLU A 351 -44.25 12.65 -7.33
N ASP A 352 -43.09 12.01 -7.50
CA ASP A 352 -42.81 11.30 -8.74
C ASP A 352 -43.72 10.09 -8.90
N LEU A 353 -43.97 9.34 -7.81
CA LEU A 353 -44.89 8.21 -7.85
C LEU A 353 -46.31 8.64 -8.15
N ILE A 354 -46.77 9.73 -7.51
CA ILE A 354 -48.14 10.19 -7.74
C ILE A 354 -48.31 10.74 -9.15
N GLY A 355 -47.35 11.53 -9.63
CA GLY A 355 -47.43 12.06 -10.98
C GLY A 355 -47.24 11.02 -12.06
N LEU A 356 -46.55 9.93 -11.74
CA LEU A 356 -46.43 8.84 -12.68
C LEU A 356 -47.69 7.98 -12.72
N HIS A 357 -48.32 7.76 -11.56
CA HIS A 357 -49.56 7.00 -11.54
C HIS A 357 -50.71 7.76 -12.17
N ASN A 358 -50.72 9.09 -12.05
CA ASN A 358 -51.80 9.90 -12.60
C ASN A 358 -51.45 10.48 -13.96
N ARG A 359 -50.36 10.01 -14.57
CA ARG A 359 -50.03 10.22 -16.00
C ARG A 359 -49.77 11.68 -16.33
N VAL A 360 -49.08 12.40 -15.45
CA VAL A 360 -48.75 13.80 -15.69
C VAL A 360 -47.24 14.01 -15.55
N ARG A 361 -46.78 15.21 -15.88
CA ARG A 361 -45.39 15.62 -15.65
C ARG A 361 -45.43 16.67 -14.56
N LEU A 362 -45.30 16.22 -13.32
CA LEU A 362 -45.65 17.04 -12.15
C LEU A 362 -44.61 18.11 -11.87
N ARG A 363 -43.34 17.73 -11.78
CA ARG A 363 -42.29 18.65 -11.39
C ARG A 363 -41.67 19.39 -12.57
N GLN A 364 -42.42 19.58 -13.66
CA GLN A 364 -41.94 20.33 -14.81
C GLN A 364 -42.84 21.51 -15.17
N SER A 365 -43.94 21.71 -14.43
CA SER A 365 -44.83 22.84 -14.68
C SER A 365 -45.47 23.25 -13.37
N ASP A 366 -45.34 24.53 -13.02
CA ASP A 366 -45.81 25.00 -11.72
C ASP A 366 -47.31 25.17 -11.69
N SER A 367 -47.95 25.35 -12.85
CA SER A 367 -49.40 25.47 -12.89
C SER A 367 -50.08 24.13 -12.64
N LEU A 368 -49.41 23.03 -12.98
CA LEU A 368 -49.97 21.71 -12.78
C LEU A 368 -49.95 21.29 -11.31
N LYS A 369 -48.91 21.69 -10.58
CA LYS A 369 -48.87 21.45 -9.13
C LYS A 369 -49.90 22.30 -8.40
N ARG A 370 -50.24 23.46 -8.94
CA ARG A 370 -51.19 24.37 -8.33
C ARG A 370 -52.63 24.02 -8.64
N GLU A 371 -52.88 23.43 -9.81
CA GLU A 371 -54.25 23.14 -10.23
C GLU A 371 -54.86 22.00 -9.43
N ILE A 372 -54.05 20.99 -9.07
CA ILE A 372 -54.58 19.81 -8.40
C ILE A 372 -54.88 20.03 -6.92
N ILE A 373 -54.36 21.10 -6.32
CA ILE A 373 -54.63 21.38 -4.91
C ILE A 373 -55.78 22.37 -4.73
N GLU A 374 -56.07 23.21 -5.74
CA GLU A 374 -57.16 24.17 -5.62
C GLU A 374 -58.53 23.55 -5.84
N ASN A 375 -58.60 22.35 -6.43
CA ASN A 375 -59.87 21.69 -6.67
C ASN A 375 -60.11 20.47 -5.79
N GLY A 376 -59.19 20.18 -4.85
CA GLY A 376 -59.42 19.16 -3.86
C GLY A 376 -59.20 17.72 -4.30
N LYS A 377 -58.72 17.50 -5.52
CA LYS A 377 -58.47 16.15 -6.01
C LYS A 377 -57.07 15.65 -5.66
N PHE A 378 -56.31 16.41 -4.88
CA PHE A 378 -55.00 15.95 -4.45
C PHE A 378 -55.10 14.84 -3.42
N ASP A 379 -56.08 14.90 -2.52
CA ASP A 379 -56.29 13.84 -1.55
C ASP A 379 -56.87 12.58 -2.17
N GLN A 380 -57.45 12.68 -3.37
CA GLN A 380 -57.93 11.52 -4.09
C GLN A 380 -56.81 10.73 -4.75
N TRP A 381 -55.61 11.32 -4.85
CA TRP A 381 -54.45 10.64 -5.40
C TRP A 381 -53.54 10.05 -4.34
N PHE A 382 -53.58 10.57 -3.11
CA PHE A 382 -52.81 9.97 -2.03
C PHE A 382 -53.45 8.67 -1.54
N ASP A 383 -54.77 8.66 -1.41
CA ASP A 383 -55.45 7.52 -0.82
C ASP A 383 -55.51 6.33 -1.77
N GLU A 384 -55.51 6.58 -3.08
CA GLU A 384 -55.52 5.50 -4.05
C GLU A 384 -54.17 4.81 -4.18
N LEU A 385 -53.10 5.43 -3.69
CA LEU A 385 -51.76 4.86 -3.79
C LEU A 385 -51.23 4.37 -2.45
N PHE A 386 -51.19 5.24 -1.44
CA PHE A 386 -50.54 4.92 -0.18
C PHE A 386 -51.52 4.48 0.89
N GLY A 387 -52.75 4.15 0.50
CA GLY A 387 -53.77 3.78 1.46
C GLY A 387 -53.81 2.30 1.75
N ASN A 388 -53.25 1.49 0.86
CA ASN A 388 -53.27 0.04 1.01
C ASN A 388 -52.02 -0.51 1.68
N ASP A 389 -51.11 0.37 2.13
CA ASP A 389 -49.88 0.02 2.85
C ASP A 389 -48.95 -0.87 2.03
N THR A 390 -49.05 -0.76 0.70
CA THR A 390 -48.21 -1.53 -0.20
C THR A 390 -46.93 -0.81 -0.59
N PHE A 391 -46.71 0.39 -0.08
CA PHE A 391 -45.51 1.16 -0.38
C PHE A 391 -44.86 1.63 0.91
N HIS A 392 -43.52 1.62 0.91
CA HIS A 392 -42.74 2.16 2.01
C HIS A 392 -41.50 2.82 1.44
N LEU A 393 -41.10 3.93 2.05
CA LEU A 393 -39.98 4.72 1.58
C LEU A 393 -38.90 4.78 2.66
N TYR A 394 -37.75 5.34 2.29
CA TYR A 394 -36.61 5.45 3.19
C TYR A 394 -36.03 6.84 3.07
N ASP A 395 -35.63 7.40 4.21
CA ASP A 395 -35.14 8.77 4.28
C ASP A 395 -33.62 8.77 4.29
N SER A 396 -33.03 9.59 3.42
CA SER A 396 -31.58 9.68 3.29
C SER A 396 -30.96 10.40 4.47
N THR A 402 -22.26 2.79 6.68
CA THR A 402 -22.75 1.95 5.59
C THR A 402 -23.45 0.72 6.14
N ASP A 403 -23.02 0.27 7.33
CA ASP A 403 -23.62 -0.89 7.96
C ASP A 403 -24.94 -0.58 8.67
N ARG A 404 -25.25 0.70 8.87
CA ARG A 404 -26.51 1.11 9.47
C ARG A 404 -27.69 0.95 8.52
N LEU A 405 -27.42 0.87 7.21
CA LEU A 405 -28.50 0.69 6.24
C LEU A 405 -29.02 -0.74 6.24
N LEU A 406 -28.15 -1.72 6.42
CA LEU A 406 -28.55 -3.12 6.42
C LEU A 406 -29.41 -3.46 7.64
N ALA A 407 -29.12 -2.85 8.80
CA ALA A 407 -29.92 -3.09 9.99
C ALA A 407 -31.32 -2.49 9.87
N LYS A 408 -31.49 -1.44 9.07
CA LYS A 408 -32.82 -0.88 8.86
C LYS A 408 -33.56 -1.65 7.77
N LEU A 409 -32.84 -2.14 6.75
CA LEU A 409 -33.46 -3.00 5.74
C LEU A 409 -33.90 -4.33 6.34
N ALA A 410 -33.17 -4.83 7.35
CA ALA A 410 -33.59 -6.05 8.03
C ALA A 410 -34.87 -5.86 8.81
N TYR A 411 -35.04 -4.68 9.43
CA TYR A 411 -36.29 -4.39 10.13
C TYR A 411 -37.43 -4.11 9.14
N MET A 412 -37.10 -3.59 7.96
CA MET A 412 -38.11 -3.44 6.91
C MET A 412 -38.57 -4.80 6.40
N ARG A 413 -37.66 -5.75 6.27
CA ARG A 413 -38.01 -7.07 5.77
C ARG A 413 -38.76 -7.89 6.82
N SER A 414 -38.21 -7.97 8.03
CA SER A 414 -38.79 -8.81 9.06
C SER A 414 -40.00 -8.17 9.73
N GLY A 415 -39.84 -6.92 10.21
CA GLY A 415 -40.89 -6.27 10.96
C GLY A 415 -42.07 -5.81 10.13
N LEU A 416 -41.79 -5.12 9.01
CA LEU A 416 -42.88 -4.63 8.17
C LEU A 416 -43.40 -5.71 7.23
N GLY A 417 -42.56 -6.68 6.87
CA GLY A 417 -42.99 -7.76 6.00
C GLY A 417 -43.15 -7.31 4.56
N CYS A 418 -42.04 -6.94 3.93
CA CYS A 418 -42.07 -6.48 2.54
C CYS A 418 -41.52 -7.56 1.62
N ASP A 419 -41.67 -7.35 0.32
CA ASP A 419 -41.30 -8.35 -0.67
C ASP A 419 -40.25 -7.88 -1.65
N VAL A 420 -40.36 -6.66 -2.16
CA VAL A 420 -39.48 -6.14 -3.20
C VAL A 420 -38.80 -4.89 -2.64
N ILE A 421 -37.50 -4.97 -2.43
CA ILE A 421 -36.71 -3.85 -1.91
C ILE A 421 -35.82 -3.34 -3.03
N ILE A 422 -35.79 -2.03 -3.21
CA ILE A 422 -35.00 -1.38 -4.26
C ILE A 422 -34.00 -0.44 -3.62
N LEU A 423 -32.74 -0.53 -4.02
CA LEU A 423 -31.70 0.41 -3.63
C LEU A 423 -31.15 1.09 -4.87
N ASP A 424 -30.92 2.39 -4.77
CA ASP A 424 -30.53 3.23 -5.89
C ASP A 424 -29.23 3.95 -5.55
N HIS A 425 -28.39 4.10 -6.59
CA HIS A 425 -27.20 4.96 -6.60
C HIS A 425 -26.21 4.54 -5.52
N ILE A 426 -25.61 3.36 -5.74
CA ILE A 426 -24.70 2.71 -4.80
C ILE A 426 -23.44 3.53 -4.51
N SER A 427 -23.12 4.54 -5.34
CA SER A 427 -21.90 5.31 -5.16
C SER A 427 -21.94 6.20 -3.91
N ILE A 428 -23.13 6.47 -3.35
CA ILE A 428 -23.21 7.16 -2.07
C ILE A 428 -22.68 6.28 -0.95
N VAL A 429 -23.09 5.02 -0.93
CA VAL A 429 -22.65 4.11 0.12
C VAL A 429 -21.16 3.80 -0.03
N VAL A 430 -20.69 3.64 -1.26
CA VAL A 430 -19.27 3.44 -1.52
C VAL A 430 -18.71 4.60 -2.31
N ASP A 437 -9.49 3.67 -2.59
CA ASP A 437 -9.70 2.22 -2.56
C ASP A 437 -11.18 1.92 -2.63
N GLU A 438 -11.72 1.92 -3.85
CA GLU A 438 -13.15 1.73 -4.10
C GLU A 438 -13.47 0.30 -4.54
N ARG A 439 -12.72 -0.68 -4.04
CA ARG A 439 -12.91 -2.08 -4.41
C ARG A 439 -13.27 -2.95 -3.20
N LYS A 440 -12.55 -2.79 -2.09
CA LYS A 440 -12.82 -3.59 -0.89
C LYS A 440 -14.16 -3.21 -0.27
N MET A 441 -14.50 -1.92 -0.27
CA MET A 441 -15.75 -1.47 0.33
C MET A 441 -16.95 -1.95 -0.47
N ILE A 442 -16.90 -1.83 -1.80
CA ILE A 442 -18.00 -2.29 -2.64
C ILE A 442 -18.09 -3.81 -2.65
N ASP A 443 -16.95 -4.50 -2.48
CA ASP A 443 -16.99 -5.96 -2.45
C ASP A 443 -17.60 -6.47 -1.14
N ASN A 444 -17.25 -5.83 -0.02
CA ASN A 444 -17.85 -6.20 1.26
C ASN A 444 -19.34 -5.84 1.30
N LEU A 445 -19.71 -4.71 0.69
CA LEU A 445 -21.12 -4.33 0.60
C LEU A 445 -21.92 -5.32 -0.21
N MET A 446 -21.39 -5.71 -1.37
CA MET A 446 -22.09 -6.66 -2.24
C MET A 446 -22.16 -8.04 -1.60
N THR A 447 -21.13 -8.42 -0.82
CA THR A 447 -21.18 -9.69 -0.10
C THR A 447 -22.24 -9.66 0.99
N LYS A 448 -22.36 -8.55 1.72
CA LYS A 448 -23.36 -8.46 2.77
C LYS A 448 -24.77 -8.40 2.20
N LEU A 449 -24.96 -7.72 1.07
CA LEU A 449 -26.28 -7.71 0.44
C LEU A 449 -26.64 -9.07 -0.13
N LYS A 450 -25.65 -9.81 -0.66
CA LYS A 450 -25.94 -11.16 -1.13
C LYS A 450 -26.28 -12.10 0.02
N GLY A 451 -25.58 -11.96 1.15
CA GLY A 451 -25.90 -12.74 2.32
C GLY A 451 -27.22 -12.35 2.96
N PHE A 452 -27.66 -11.11 2.75
CA PHE A 452 -28.99 -10.72 3.22
C PHE A 452 -30.08 -11.26 2.31
N ALA A 453 -29.89 -11.18 0.99
CA ALA A 453 -30.93 -11.62 0.06
C ALA A 453 -31.02 -13.14 0.00
N LYS A 454 -29.92 -13.84 0.28
CA LYS A 454 -29.97 -15.29 0.33
C LYS A 454 -30.60 -15.73 1.64
N SER A 455 -31.39 -16.82 1.58
CA SER A 455 -32.10 -17.42 2.71
C SER A 455 -33.06 -16.44 3.37
N THR A 456 -33.66 -15.56 2.58
CA THR A 456 -34.66 -14.62 3.07
C THR A 456 -35.96 -14.68 2.28
N GLY A 457 -35.88 -14.81 0.96
CA GLY A 457 -37.06 -14.79 0.13
C GLY A 457 -37.48 -13.38 -0.20
N VAL A 458 -36.53 -12.57 -0.66
CA VAL A 458 -36.75 -11.16 -0.96
C VAL A 458 -36.16 -10.86 -2.33
N VAL A 459 -36.81 -10.01 -3.09
CA VAL A 459 -36.31 -9.57 -4.39
C VAL A 459 -35.64 -8.21 -4.17
N LEU A 460 -34.33 -8.17 -4.34
CA LEU A 460 -33.54 -6.97 -4.10
C LEU A 460 -33.01 -6.45 -5.43
N VAL A 461 -33.49 -5.29 -5.85
CA VAL A 461 -33.03 -4.64 -7.07
C VAL A 461 -32.01 -3.58 -6.68
N VAL A 462 -30.87 -3.58 -7.37
CA VAL A 462 -29.78 -2.64 -7.09
C VAL A 462 -29.51 -1.86 -8.37
N ILE A 463 -29.48 -0.53 -8.27
CA ILE A 463 -29.19 0.34 -9.40
C ILE A 463 -27.74 0.80 -9.28
N CYS A 464 -27.00 0.68 -10.38
CA CYS A 464 -25.59 1.06 -10.42
C CYS A 464 -25.35 1.94 -11.66
N HIS A 465 -24.08 2.20 -11.94
CA HIS A 465 -23.66 2.97 -13.10
C HIS A 465 -22.78 2.14 -14.01
N LEU A 466 -22.27 2.79 -15.05
CA LEU A 466 -21.31 2.19 -15.97
C LEU A 466 -20.02 3.00 -15.95
N LYS A 467 -18.94 2.37 -16.40
CA LYS A 467 -17.66 3.07 -16.44
C LYS A 467 -17.62 4.02 -17.63
N ASN A 468 -16.66 4.93 -17.59
CA ASN A 468 -16.57 5.94 -18.64
C ASN A 468 -15.94 5.34 -19.89
N PRO A 469 -16.39 5.74 -21.08
CA PRO A 469 -15.77 5.25 -22.32
C PRO A 469 -14.41 5.90 -22.54
N ASP A 470 -13.41 5.06 -22.83
CA ASP A 470 -12.06 5.56 -23.09
C ASP A 470 -11.93 6.01 -24.54
N LYS A 471 -12.24 5.13 -25.48
CA LYS A 471 -12.22 5.45 -26.90
C LYS A 471 -13.54 5.02 -27.53
N GLY A 472 -13.74 5.44 -28.77
CA GLY A 472 -14.97 5.12 -29.47
C GLY A 472 -16.09 6.08 -29.10
N LYS A 473 -17.32 5.60 -29.26
CA LYS A 473 -18.50 6.40 -28.98
C LYS A 473 -18.90 6.24 -27.51
N ALA A 474 -19.70 7.21 -27.05
CA ALA A 474 -20.08 7.28 -25.65
C ALA A 474 -21.34 6.47 -25.38
N HIS A 475 -21.80 6.50 -24.12
CA HIS A 475 -23.00 5.78 -23.73
C HIS A 475 -24.28 6.55 -24.02
N GLU A 476 -24.19 7.86 -24.28
CA GLU A 476 -25.34 8.66 -24.66
C GLU A 476 -25.62 8.58 -26.16
N GLU A 477 -24.85 7.80 -26.90
CA GLU A 477 -24.99 7.70 -28.35
C GLU A 477 -25.36 6.32 -28.84
N GLY A 478 -25.40 5.31 -27.97
CA GLY A 478 -25.79 3.98 -28.38
C GLY A 478 -24.64 3.00 -28.54
N ARG A 479 -23.68 3.05 -27.62
CA ARG A 479 -22.60 2.08 -27.65
C ARG A 479 -23.11 0.71 -27.21
N PRO A 480 -22.77 -0.36 -27.93
CA PRO A 480 -23.15 -1.72 -27.50
C PRO A 480 -22.42 -2.10 -26.23
N VAL A 481 -23.20 -2.33 -25.17
CA VAL A 481 -22.65 -2.51 -23.83
C VAL A 481 -22.15 -3.94 -23.66
N SER A 482 -21.05 -4.08 -22.91
CA SER A 482 -20.51 -5.39 -22.54
C SER A 482 -20.75 -5.64 -21.07
N ILE A 483 -20.44 -6.86 -20.63
CA ILE A 483 -20.70 -7.23 -19.24
C ILE A 483 -19.64 -6.66 -18.30
N THR A 484 -18.47 -6.28 -18.82
CA THR A 484 -17.39 -5.77 -18.00
C THR A 484 -17.40 -4.24 -17.87
N ASP A 485 -18.57 -3.62 -18.00
CA ASP A 485 -18.69 -2.18 -17.87
C ASP A 485 -19.16 -1.73 -16.49
N LEU A 486 -19.23 -2.64 -15.53
CA LEU A 486 -19.67 -2.30 -14.18
C LEU A 486 -18.48 -1.67 -13.45
N ARG A 487 -18.57 -0.36 -13.21
CA ARG A 487 -17.45 0.41 -12.59
C ARG A 487 -17.37 0.21 -11.08
N GLY A 488 -16.14 0.24 -10.54
CA GLY A 488 -15.88 0.14 -9.12
C GLY A 488 -15.13 -1.13 -8.75
N SER A 489 -15.55 -2.25 -9.31
CA SER A 489 -14.93 -3.55 -9.06
C SER A 489 -15.41 -4.51 -10.15
N GLY A 490 -15.06 -5.78 -9.99
CA GLY A 490 -15.55 -6.81 -10.88
C GLY A 490 -16.48 -7.77 -10.17
N ALA A 491 -16.73 -7.51 -8.88
CA ALA A 491 -17.59 -8.35 -8.07
C ALA A 491 -19.07 -7.99 -8.19
N LEU A 492 -19.41 -7.05 -9.07
CA LEU A 492 -20.81 -6.70 -9.28
C LEU A 492 -21.50 -7.60 -10.30
N ARG A 493 -20.75 -8.30 -11.14
CA ARG A 493 -21.33 -9.28 -12.03
C ARG A 493 -21.06 -10.72 -11.60
N GLN A 494 -20.49 -10.92 -10.40
CA GLN A 494 -20.24 -12.24 -9.88
C GLN A 494 -21.20 -12.64 -8.77
N LEU A 495 -21.85 -11.66 -8.14
CA LEU A 495 -22.89 -11.92 -7.16
C LEU A 495 -24.27 -11.50 -7.63
N SER A 496 -24.38 -10.85 -8.78
CA SER A 496 -25.68 -10.53 -9.34
C SER A 496 -26.29 -11.75 -10.01
N ASP A 497 -27.61 -11.87 -9.88
CA ASP A 497 -28.33 -13.00 -10.47
C ASP A 497 -28.90 -12.67 -11.85
N THR A 498 -29.33 -11.44 -12.08
CA THR A 498 -29.82 -11.04 -13.39
C THR A 498 -29.40 -9.61 -13.68
N ILE A 499 -28.73 -9.41 -14.81
CA ILE A 499 -28.15 -8.11 -15.15
C ILE A 499 -28.88 -7.57 -16.39
N ILE A 500 -29.44 -6.36 -16.26
CA ILE A 500 -30.24 -5.73 -17.30
C ILE A 500 -29.59 -4.40 -17.64
N ALA A 501 -29.40 -4.14 -18.93
CA ALA A 501 -28.81 -2.90 -19.40
C ALA A 501 -29.75 -2.22 -20.39
N LEU A 502 -29.81 -0.90 -20.31
CA LEU A 502 -30.66 -0.09 -21.16
C LEU A 502 -29.81 0.79 -22.05
N GLU A 503 -30.27 0.99 -23.28
CA GLU A 503 -29.55 1.82 -24.25
C GLU A 503 -30.53 2.80 -24.88
N ARG A 504 -30.19 4.09 -24.84
CA ARG A 504 -31.04 5.13 -25.41
C ARG A 504 -30.17 6.12 -26.17
N ASN A 505 -30.48 6.32 -27.45
CA ASN A 505 -29.71 7.18 -28.34
C ASN A 505 -30.39 8.54 -28.38
N GLN A 506 -30.11 9.38 -27.38
CA GLN A 506 -30.73 10.69 -27.29
C GLN A 506 -30.18 11.70 -28.29
N GLN A 507 -29.03 11.41 -28.89
CA GLN A 507 -28.44 12.31 -29.88
C GLN A 507 -28.67 11.84 -31.31
N GLY A 508 -29.17 10.63 -31.52
CA GLY A 508 -29.40 10.12 -32.85
C GLY A 508 -30.70 10.60 -33.44
N ASP A 509 -31.28 9.75 -34.30
CA ASP A 509 -32.52 10.11 -34.97
C ASP A 509 -33.71 9.99 -34.02
N MET A 510 -33.76 8.93 -33.20
CA MET A 510 -34.87 8.68 -32.29
C MET A 510 -34.37 8.78 -30.85
N PRO A 511 -34.61 9.92 -30.19
CA PRO A 511 -34.20 10.05 -28.78
C PRO A 511 -35.16 9.41 -27.78
N ASN A 512 -36.26 8.85 -28.24
CA ASN A 512 -37.30 8.32 -27.36
C ASN A 512 -37.45 6.81 -27.54
N LEU A 513 -36.38 6.13 -27.95
CA LEU A 513 -36.41 4.70 -28.17
C LEU A 513 -35.34 4.06 -27.29
N VAL A 514 -35.75 3.14 -26.44
CA VAL A 514 -34.82 2.45 -25.55
C VAL A 514 -34.74 0.98 -25.96
N LEU A 515 -33.61 0.37 -25.62
CA LEU A 515 -33.34 -1.02 -25.92
C LEU A 515 -32.91 -1.73 -24.64
N VAL A 516 -33.47 -2.91 -24.40
CA VAL A 516 -33.20 -3.70 -23.20
C VAL A 516 -32.35 -4.89 -23.58
N ARG A 517 -31.22 -5.07 -22.89
CA ARG A 517 -30.31 -6.16 -23.14
C ARG A 517 -30.07 -6.93 -21.85
N ILE A 518 -30.34 -8.23 -21.88
CA ILE A 518 -29.96 -9.11 -20.78
C ILE A 518 -28.50 -9.47 -20.93
N LEU A 519 -27.71 -9.22 -19.90
CA LEU A 519 -26.28 -9.50 -19.95
C LEU A 519 -25.88 -10.78 -19.24
N LYS A 520 -26.60 -11.17 -18.21
CA LYS A 520 -26.27 -12.38 -17.46
C LYS A 520 -27.54 -12.96 -16.85
N CYS A 521 -27.74 -14.26 -17.01
CA CYS A 521 -28.87 -14.96 -16.43
C CYS A 521 -28.38 -16.27 -15.83
N ARG A 522 -28.29 -16.33 -14.51
CA ARG A 522 -27.91 -17.57 -13.84
C ARG A 522 -28.99 -18.63 -13.97
N PHE A 523 -30.25 -18.21 -14.05
CA PHE A 523 -31.37 -19.15 -14.02
C PHE A 523 -31.54 -19.87 -15.35
N THR A 524 -31.47 -19.14 -16.46
CA THR A 524 -31.62 -19.73 -17.79
C THR A 524 -30.35 -19.66 -18.61
N GLY A 525 -29.80 -18.47 -18.81
CA GLY A 525 -28.61 -18.30 -19.61
C GLY A 525 -28.82 -17.68 -20.98
N ASP A 526 -29.92 -16.96 -21.21
CA ASP A 526 -30.18 -16.31 -22.48
C ASP A 526 -29.80 -14.84 -22.38
N THR A 527 -28.88 -14.40 -23.23
CA THR A 527 -28.40 -13.04 -23.24
C THR A 527 -28.67 -12.40 -24.60
N GLY A 528 -28.79 -11.08 -24.59
CA GLY A 528 -28.99 -10.34 -25.83
C GLY A 528 -30.16 -9.39 -25.71
N ILE A 529 -30.65 -8.96 -26.88
CA ILE A 529 -31.74 -7.98 -26.94
C ILE A 529 -33.05 -8.66 -26.59
N ALA A 530 -33.77 -8.10 -25.62
CA ALA A 530 -35.06 -8.64 -25.24
C ALA A 530 -36.20 -8.08 -26.09
N GLY A 531 -36.21 -6.77 -26.32
CA GLY A 531 -37.28 -6.17 -27.11
C GLY A 531 -36.99 -4.73 -27.38
N TYR A 532 -38.07 -3.94 -27.50
CA TYR A 532 -37.98 -2.52 -27.78
C TYR A 532 -39.12 -1.80 -27.07
N MET A 533 -38.81 -0.64 -26.50
CA MET A 533 -39.82 0.18 -25.85
C MET A 533 -39.66 1.63 -26.28
N GLU A 534 -40.78 2.33 -26.37
CA GLU A 534 -40.81 3.72 -26.80
C GLU A 534 -41.04 4.64 -25.60
N TYR A 535 -40.26 5.72 -25.54
CA TYR A 535 -40.35 6.68 -24.44
C TYR A 535 -41.30 7.81 -24.81
N ASN A 536 -42.00 8.32 -23.80
CA ASN A 536 -43.04 9.34 -23.99
C ASN A 536 -42.67 10.59 -23.22
N LYS A 537 -43.00 11.75 -23.79
CA LYS A 537 -42.78 13.05 -23.16
C LYS A 537 -44.09 13.71 -22.72
N GLU A 538 -45.16 12.94 -22.60
CA GLU A 538 -46.46 13.48 -22.21
C GLU A 538 -46.87 13.11 -20.80
N THR A 539 -46.82 11.83 -20.45
CA THR A 539 -47.23 11.36 -19.13
C THR A 539 -46.05 10.95 -18.26
N GLY A 540 -44.85 10.85 -18.82
CA GLY A 540 -43.71 10.30 -18.11
C GLY A 540 -43.52 8.81 -18.29
N TRP A 541 -44.54 8.11 -18.77
CA TRP A 541 -44.46 6.67 -18.97
C TRP A 541 -43.61 6.32 -20.19
N LEU A 542 -43.34 5.03 -20.34
CA LEU A 542 -42.75 4.48 -21.56
C LEU A 542 -43.44 3.16 -21.87
N GLU A 543 -43.81 2.97 -23.11
CA GLU A 543 -44.72 1.97 -23.65
C GLU A 543 -43.96 0.84 -24.34
N PRO A 544 -44.53 -0.36 -24.39
CA PRO A 544 -43.92 -1.42 -25.21
C PRO A 544 -44.08 -1.13 -26.70
N SER A 545 -42.96 -1.10 -27.41
CA SER A 545 -42.94 -0.78 -28.82
C SER A 545 -42.61 -2.04 -29.63
N SER A 546 -42.61 -1.89 -30.95
CA SER A 546 -42.34 -2.98 -31.87
C SER A 546 -41.36 -2.53 -32.95
N TYR A 547 -40.26 -1.92 -32.52
CA TYR A 547 -39.26 -1.41 -33.45
C TYR A 547 -38.53 -2.57 -34.14
N SER A 548 -38.15 -2.33 -35.39
CA SER A 548 -37.49 -3.34 -36.22
C SER A 548 -36.03 -2.98 -36.41
N GLY A 549 -35.17 -4.00 -36.28
CA GLY A 549 -33.74 -3.80 -36.44
C GLY A 549 -33.20 -4.37 -37.73
N GLY B 264 9.30 -35.62 14.33
CA GLY B 264 10.48 -34.90 13.91
C GLY B 264 11.06 -35.41 12.61
N VAL B 265 12.38 -35.34 12.49
CA VAL B 265 13.07 -35.78 11.28
C VAL B 265 13.09 -37.30 11.25
N VAL B 266 13.23 -37.85 10.04
CA VAL B 266 13.32 -39.30 9.84
C VAL B 266 14.50 -39.59 8.93
N SER B 267 14.93 -40.86 8.95
CA SER B 267 15.89 -41.38 7.99
C SER B 267 15.15 -42.17 6.93
N ALA B 268 15.78 -42.36 5.78
CA ALA B 268 15.13 -42.94 4.63
C ALA B 268 15.17 -44.45 4.59
N LEU B 269 15.75 -45.11 5.61
CA LEU B 269 15.76 -46.56 5.66
C LEU B 269 14.71 -47.12 6.60
N SER B 270 14.10 -46.28 7.43
CA SER B 270 12.94 -46.68 8.21
C SER B 270 11.64 -46.50 7.44
N LEU B 271 11.71 -46.09 6.17
CA LEU B 271 10.54 -45.87 5.33
C LEU B 271 10.18 -47.09 4.49
N ARG B 272 10.83 -48.24 4.70
CA ARG B 272 10.59 -49.39 3.85
C ARG B 272 9.20 -49.99 4.11
N GLU B 273 8.68 -49.82 5.32
CA GLU B 273 7.37 -50.35 5.69
C GLU B 273 6.22 -49.46 5.27
N ARG B 274 6.48 -48.22 4.84
CA ARG B 274 5.40 -47.32 4.44
C ARG B 274 5.39 -47.00 2.95
N ILE B 275 6.56 -46.94 2.31
CA ILE B 275 6.62 -46.70 0.88
C ILE B 275 5.95 -47.84 0.11
N ARG B 276 6.16 -49.09 0.57
CA ARG B 276 5.38 -50.21 0.04
C ARG B 276 3.90 -50.06 0.36
N GLU B 277 3.59 -49.55 1.55
CA GLU B 277 2.20 -49.44 1.97
C GLU B 277 1.48 -48.36 1.17
N HIS B 278 2.19 -47.29 0.79
CA HIS B 278 1.63 -46.33 -0.15
C HIS B 278 1.63 -46.86 -1.57
N LEU B 279 2.46 -47.87 -1.86
CA LEU B 279 2.57 -48.40 -3.21
C LEU B 279 1.37 -49.28 -3.59
N SER B 280 0.64 -49.79 -2.61
CA SER B 280 -0.47 -50.71 -2.83
C SER B 280 -1.73 -50.19 -2.17
N SER B 281 -2.04 -48.92 -2.37
CA SER B 281 -3.26 -48.34 -1.83
C SER B 281 -4.10 -47.69 -2.92
N SER B 284 -5.06 -42.52 -3.62
CA SER B 284 -4.04 -43.10 -4.50
C SER B 284 -4.64 -43.47 -5.85
N VAL B 285 -5.92 -43.78 -5.87
CA VAL B 285 -6.62 -44.16 -7.09
C VAL B 285 -7.28 -42.91 -7.68
N GLY B 286 -7.01 -42.65 -8.96
CA GLY B 286 -7.55 -41.47 -9.59
C GLY B 286 -9.04 -41.60 -9.90
N LEU B 287 -9.78 -40.58 -9.48
CA LEU B 287 -11.23 -40.53 -9.71
C LEU B 287 -11.51 -39.84 -11.03
N LEU B 288 -12.14 -40.56 -11.94
CA LEU B 288 -12.25 -40.11 -13.33
C LEU B 288 -13.28 -39.00 -13.45
N PHE B 289 -12.96 -38.00 -14.28
CA PHE B 289 -13.91 -36.94 -14.57
C PHE B 289 -14.96 -37.41 -15.58
N SER B 290 -16.06 -36.68 -15.63
CA SER B 290 -17.17 -37.01 -16.52
C SER B 290 -17.42 -35.86 -17.48
N GLY B 291 -18.19 -36.16 -18.53
CA GLY B 291 -18.54 -35.17 -19.53
C GLY B 291 -17.54 -35.05 -20.67
N CYS B 292 -16.27 -35.30 -20.43
CA CYS B 292 -15.27 -35.22 -21.48
C CYS B 292 -14.15 -36.22 -21.18
N THR B 293 -13.77 -36.99 -22.18
CA THR B 293 -12.64 -37.91 -22.05
C THR B 293 -11.30 -37.24 -22.24
N GLY B 294 -11.28 -36.01 -22.75
CA GLY B 294 -10.04 -35.29 -22.93
C GLY B 294 -9.39 -34.79 -21.66
N ILE B 295 -10.17 -34.58 -20.61
CA ILE B 295 -9.61 -34.21 -19.31
C ILE B 295 -8.85 -35.39 -18.71
N ASN B 296 -9.44 -36.58 -18.80
CA ASN B 296 -8.87 -37.76 -18.16
C ASN B 296 -7.70 -38.34 -18.94
N ASP B 297 -7.41 -37.83 -20.13
CA ASP B 297 -6.28 -38.32 -20.91
C ASP B 297 -4.95 -37.75 -20.43
N LYS B 298 -4.95 -36.57 -19.81
CA LYS B 298 -3.72 -35.88 -19.45
C LYS B 298 -3.70 -35.45 -17.99
N THR B 299 -4.58 -35.98 -17.16
CA THR B 299 -4.62 -35.60 -15.75
C THR B 299 -4.67 -36.86 -14.89
N LEU B 300 -5.23 -37.93 -15.45
CA LEU B 300 -5.40 -39.24 -14.80
C LEU B 300 -6.23 -39.16 -13.53
N GLY B 301 -7.14 -38.21 -13.45
CA GLY B 301 -8.11 -38.18 -12.38
C GLY B 301 -7.76 -37.30 -11.19
N ALA B 302 -8.24 -37.69 -10.01
CA ALA B 302 -8.04 -36.94 -8.77
C ALA B 302 -7.75 -37.93 -7.66
N ARG B 303 -6.77 -37.60 -6.82
CA ARG B 303 -6.26 -38.51 -5.81
C ARG B 303 -6.48 -37.92 -4.42
N GLY B 304 -6.03 -38.65 -3.41
CA GLY B 304 -6.10 -38.14 -2.05
C GLY B 304 -5.04 -37.07 -1.83
N GLY B 305 -5.44 -35.95 -1.22
CA GLY B 305 -4.56 -34.82 -1.09
C GLY B 305 -4.30 -34.14 -2.42
N GLU B 306 -5.33 -33.52 -2.98
CA GLU B 306 -5.29 -33.01 -4.34
C GLU B 306 -6.29 -31.86 -4.45
N VAL B 307 -5.78 -30.63 -4.54
CA VAL B 307 -6.61 -29.44 -4.62
C VAL B 307 -6.74 -29.05 -6.08
N ILE B 308 -7.95 -29.17 -6.62
CA ILE B 308 -8.23 -28.85 -8.01
C ILE B 308 -8.95 -27.52 -8.05
N MET B 309 -8.38 -26.57 -8.79
CA MET B 309 -9.00 -25.28 -9.00
C MET B 309 -9.80 -25.33 -10.30
N VAL B 310 -11.05 -24.87 -10.24
CA VAL B 310 -11.95 -24.88 -11.38
C VAL B 310 -12.45 -23.46 -11.60
N THR B 311 -12.25 -22.91 -12.80
CA THR B 311 -12.62 -21.52 -13.02
C THR B 311 -13.02 -21.29 -14.47
N SER B 312 -13.78 -20.21 -14.66
CA SER B 312 -14.16 -19.67 -15.97
C SER B 312 -14.62 -18.24 -15.75
N GLY B 313 -15.26 -17.66 -16.76
CA GLY B 313 -15.83 -16.35 -16.64
C GLY B 313 -17.08 -16.34 -15.76
N SER B 314 -17.55 -15.13 -15.48
CA SER B 314 -18.76 -14.91 -14.63
C SER B 314 -20.01 -15.34 -15.40
N GLY B 315 -20.50 -16.55 -15.11
CA GLY B 315 -21.68 -17.08 -15.76
C GLY B 315 -21.42 -18.03 -16.90
N MET B 316 -20.28 -18.70 -16.94
CA MET B 316 -19.90 -19.55 -18.06
C MET B 316 -20.05 -21.04 -17.76
N GLY B 317 -20.50 -21.41 -16.56
CA GLY B 317 -20.76 -22.81 -16.29
C GLY B 317 -19.84 -23.48 -15.30
N LYS B 318 -19.39 -22.75 -14.26
CA LYS B 318 -18.59 -23.38 -13.22
C LYS B 318 -19.42 -24.35 -12.38
N SER B 319 -20.46 -23.84 -11.73
CA SER B 319 -21.21 -24.62 -10.75
C SER B 319 -21.99 -25.75 -11.41
N THR B 320 -22.36 -25.60 -12.69
CA THR B 320 -23.04 -26.66 -13.40
C THR B 320 -22.12 -27.86 -13.63
N PHE B 321 -20.91 -27.62 -14.13
CA PHE B 321 -19.95 -28.69 -14.36
C PHE B 321 -19.50 -29.32 -13.05
N VAL B 322 -19.32 -28.50 -12.02
CA VAL B 322 -18.97 -29.00 -10.70
C VAL B 322 -20.09 -29.87 -10.11
N ARG B 323 -21.35 -29.46 -10.31
CA ARG B 323 -22.48 -30.22 -9.81
C ARG B 323 -22.63 -31.54 -10.57
N GLN B 324 -22.30 -31.53 -11.87
CA GLN B 324 -22.34 -32.76 -12.65
C GLN B 324 -21.26 -33.74 -12.20
N GLN B 325 -20.08 -33.20 -11.89
CA GLN B 325 -18.93 -34.02 -11.40
C GLN B 325 -19.32 -34.64 -10.06
N ALA B 326 -19.96 -33.85 -9.19
CA ALA B 326 -20.40 -34.32 -7.88
C ALA B 326 -21.51 -35.35 -8.01
N LEU B 327 -22.35 -35.22 -9.04
CA LEU B 327 -23.40 -36.21 -9.25
C LEU B 327 -22.84 -37.52 -9.77
N GLN B 328 -21.85 -37.46 -10.66
CA GLN B 328 -21.31 -38.68 -11.24
C GLN B 328 -20.36 -39.40 -10.29
N TRP B 329 -19.69 -38.67 -9.40
CA TRP B 329 -18.82 -39.32 -8.42
C TRP B 329 -19.59 -39.85 -7.21
N GLY B 330 -20.87 -39.51 -7.10
CA GLY B 330 -21.64 -39.88 -5.93
C GLY B 330 -22.55 -41.08 -6.11
N THR B 331 -23.29 -41.12 -7.21
CA THR B 331 -24.29 -42.16 -7.42
C THR B 331 -23.82 -43.28 -8.33
N ALA B 332 -22.64 -43.17 -8.93
CA ALA B 332 -22.12 -44.20 -9.82
C ALA B 332 -20.80 -44.80 -9.38
N MET B 333 -20.05 -44.12 -8.53
CA MET B 333 -18.75 -44.61 -8.09
C MET B 333 -18.69 -44.89 -6.60
N GLY B 334 -19.78 -44.68 -5.86
CA GLY B 334 -19.85 -45.03 -4.46
C GLY B 334 -19.09 -44.11 -3.53
N LYS B 335 -18.48 -43.04 -4.03
CA LYS B 335 -17.72 -42.14 -3.17
C LYS B 335 -18.66 -41.21 -2.41
N LYS B 336 -18.38 -41.03 -1.13
CA LYS B 336 -19.20 -40.16 -0.28
C LYS B 336 -18.78 -38.72 -0.50
N VAL B 337 -19.69 -37.91 -1.04
CA VAL B 337 -19.38 -36.57 -1.51
C VAL B 337 -20.02 -35.56 -0.59
N GLY B 338 -19.22 -34.58 -0.13
CA GLY B 338 -19.73 -33.51 0.69
C GLY B 338 -19.64 -32.16 0.02
N LEU B 339 -20.78 -31.50 -0.17
CA LEU B 339 -20.85 -30.21 -0.84
C LEU B 339 -20.93 -29.09 0.19
N ALA B 340 -20.39 -27.93 -0.19
CA ALA B 340 -20.43 -26.73 0.63
C ALA B 340 -20.84 -25.54 -0.24
N MET B 341 -21.93 -25.72 -0.99
CA MET B 341 -22.44 -24.68 -1.87
C MET B 341 -22.90 -23.47 -1.07
N LEU B 342 -22.29 -22.32 -1.33
CA LEU B 342 -22.63 -21.09 -0.63
C LEU B 342 -23.28 -20.06 -1.54
N GLN B 343 -23.30 -20.29 -2.86
CA GLN B 343 -24.00 -19.38 -3.76
C GLN B 343 -25.51 -19.51 -3.59
N GLU B 344 -26.01 -20.72 -3.43
CA GLU B 344 -27.43 -21.00 -3.40
C GLU B 344 -27.83 -21.55 -2.04
N SER B 345 -29.11 -21.91 -1.94
CA SER B 345 -29.64 -22.53 -0.72
C SER B 345 -29.48 -24.04 -0.81
N VAL B 346 -29.90 -24.76 0.23
CA VAL B 346 -29.76 -26.20 0.25
C VAL B 346 -30.84 -26.85 -0.62
N GLU B 347 -32.07 -26.35 -0.51
CA GLU B 347 -33.18 -26.94 -1.26
C GLU B 347 -33.06 -26.66 -2.75
N GLU B 348 -32.47 -25.53 -3.14
CA GLU B 348 -32.32 -25.20 -4.54
C GLU B 348 -31.33 -26.13 -5.24
N THR B 349 -30.16 -26.33 -4.62
CA THR B 349 -29.20 -27.27 -5.20
C THR B 349 -29.66 -28.72 -5.07
N ALA B 350 -30.49 -29.04 -4.07
CA ALA B 350 -31.02 -30.39 -3.97
C ALA B 350 -32.02 -30.68 -5.08
N GLU B 351 -32.92 -29.73 -5.36
CA GLU B 351 -33.84 -29.85 -6.48
C GLU B 351 -33.10 -29.89 -7.81
N ASP B 352 -31.99 -29.15 -7.93
CA ASP B 352 -31.24 -29.17 -9.17
C ASP B 352 -30.51 -30.49 -9.35
N LEU B 353 -30.03 -31.09 -8.26
CA LEU B 353 -29.44 -32.43 -8.32
C LEU B 353 -30.45 -33.47 -8.75
N ILE B 354 -31.67 -33.40 -8.20
CA ILE B 354 -32.72 -34.35 -8.56
C ILE B 354 -33.12 -34.18 -10.03
N GLY B 355 -33.31 -32.93 -10.47
CA GLY B 355 -33.67 -32.69 -11.85
C GLY B 355 -32.57 -33.01 -12.84
N LEU B 356 -31.31 -32.88 -12.42
CA LEU B 356 -30.21 -33.26 -13.28
C LEU B 356 -30.08 -34.77 -13.38
N HIS B 357 -30.32 -35.49 -12.28
CA HIS B 357 -30.24 -36.94 -12.34
C HIS B 357 -31.41 -37.54 -13.12
N ASN B 358 -32.57 -36.90 -13.10
CA ASN B 358 -33.70 -37.37 -13.88
C ASN B 358 -33.73 -36.80 -15.30
N ARG B 359 -32.61 -36.22 -15.77
CA ARG B 359 -32.39 -35.82 -17.17
C ARG B 359 -33.40 -34.78 -17.64
N VAL B 360 -33.85 -33.93 -16.72
CA VAL B 360 -34.83 -32.91 -17.01
C VAL B 360 -34.29 -31.56 -16.54
N ARG B 361 -35.13 -30.54 -16.66
CA ARG B 361 -34.82 -29.20 -16.19
C ARG B 361 -35.92 -28.84 -15.18
N LEU B 362 -35.66 -29.14 -13.90
CA LEU B 362 -36.73 -29.16 -12.91
C LEU B 362 -37.16 -27.76 -12.49
N ARG B 363 -36.24 -26.97 -11.93
CA ARG B 363 -36.61 -25.70 -11.31
C ARG B 363 -36.98 -24.63 -12.32
N GLN B 364 -36.66 -24.82 -13.60
CA GLN B 364 -37.04 -23.89 -14.64
C GLN B 364 -38.38 -24.24 -15.28
N SER B 365 -39.23 -24.98 -14.57
CA SER B 365 -40.55 -25.34 -15.08
C SER B 365 -41.50 -25.50 -13.89
N ASP B 366 -42.45 -24.58 -13.76
CA ASP B 366 -43.42 -24.67 -12.67
C ASP B 366 -44.41 -25.80 -12.91
N SER B 367 -44.68 -26.14 -14.18
CA SER B 367 -45.65 -27.18 -14.49
C SER B 367 -45.15 -28.55 -14.06
N LEU B 368 -43.87 -28.84 -14.28
CA LEU B 368 -43.33 -30.14 -13.88
C LEU B 368 -43.17 -30.23 -12.36
N LYS B 369 -42.84 -29.12 -11.71
CA LYS B 369 -42.77 -29.10 -10.24
C LYS B 369 -44.15 -29.28 -9.62
N ARG B 370 -45.19 -28.76 -10.28
CA ARG B 370 -46.54 -28.98 -9.80
C ARG B 370 -47.02 -30.39 -10.13
N GLU B 371 -46.50 -30.98 -11.21
CA GLU B 371 -46.96 -32.29 -11.65
C GLU B 371 -46.35 -33.41 -10.82
N ILE B 372 -45.05 -33.33 -10.51
CA ILE B 372 -44.39 -34.44 -9.82
C ILE B 372 -44.72 -34.51 -8.34
N ILE B 373 -45.36 -33.48 -7.77
CA ILE B 373 -45.79 -33.54 -6.38
C ILE B 373 -47.17 -34.19 -6.25
N GLU B 374 -47.92 -34.30 -7.33
CA GLU B 374 -49.27 -34.84 -7.30
C GLU B 374 -49.33 -36.34 -7.55
N ASN B 375 -48.62 -36.83 -8.57
CA ASN B 375 -48.65 -38.25 -8.91
C ASN B 375 -47.73 -39.10 -8.04
N GLY B 376 -47.05 -38.50 -7.06
CA GLY B 376 -46.31 -39.27 -6.08
C GLY B 376 -44.98 -39.81 -6.53
N LYS B 377 -44.45 -39.36 -7.67
CA LYS B 377 -43.14 -39.77 -8.15
C LYS B 377 -42.02 -38.92 -7.59
N PHE B 378 -42.35 -37.95 -6.73
CA PHE B 378 -41.35 -37.19 -6.00
C PHE B 378 -40.53 -38.09 -5.08
N ASP B 379 -41.20 -39.00 -4.37
CA ASP B 379 -40.49 -39.97 -3.55
C ASP B 379 -39.74 -40.98 -4.41
N GLN B 380 -40.26 -41.28 -5.59
CA GLN B 380 -39.58 -42.16 -6.53
C GLN B 380 -38.28 -41.55 -7.02
N TRP B 381 -38.24 -40.23 -7.19
CA TRP B 381 -36.99 -39.57 -7.53
C TRP B 381 -36.11 -39.31 -6.33
N PHE B 382 -36.69 -39.21 -5.13
CA PHE B 382 -35.92 -38.90 -3.94
C PHE B 382 -35.16 -40.12 -3.43
N ASP B 383 -35.84 -41.27 -3.33
CA ASP B 383 -35.25 -42.42 -2.65
C ASP B 383 -34.27 -43.16 -3.56
N GLU B 384 -34.37 -42.96 -4.88
CA GLU B 384 -33.42 -43.59 -5.77
C GLU B 384 -32.05 -42.92 -5.71
N LEU B 385 -31.99 -41.65 -5.27
CA LEU B 385 -30.71 -40.98 -5.04
C LEU B 385 -30.28 -41.07 -3.58
N PHE B 386 -31.11 -40.58 -2.67
CA PHE B 386 -30.68 -40.38 -1.29
C PHE B 386 -30.97 -41.60 -0.42
N GLY B 387 -31.11 -42.77 -1.01
CA GLY B 387 -31.29 -43.99 -0.26
C GLY B 387 -29.97 -44.57 0.21
N ASN B 388 -28.94 -44.47 -0.64
CA ASN B 388 -27.63 -44.99 -0.31
C ASN B 388 -26.87 -44.09 0.66
N ASP B 389 -27.33 -42.85 0.85
CA ASP B 389 -26.70 -41.83 1.73
C ASP B 389 -25.24 -41.59 1.33
N THR B 390 -25.06 -41.23 0.06
CA THR B 390 -23.73 -40.91 -0.45
C THR B 390 -23.47 -39.41 -0.51
N PHE B 391 -24.50 -38.59 -0.40
CA PHE B 391 -24.35 -37.15 -0.51
C PHE B 391 -24.55 -36.49 0.85
N HIS B 392 -23.78 -35.44 1.10
CA HIS B 392 -23.97 -34.61 2.28
C HIS B 392 -23.86 -33.15 1.86
N LEU B 393 -24.66 -32.30 2.48
CA LEU B 393 -24.73 -30.89 2.11
C LEU B 393 -24.38 -30.01 3.30
N TYR B 394 -24.11 -28.75 3.02
CA TYR B 394 -23.74 -27.77 4.03
C TYR B 394 -24.69 -26.59 4.00
N ASP B 395 -25.06 -26.12 5.19
CA ASP B 395 -26.00 -25.02 5.35
C ASP B 395 -25.27 -23.85 5.99
N SER B 396 -25.31 -22.69 5.34
CA SER B 396 -24.66 -21.50 5.86
C SER B 396 -25.49 -20.85 6.95
N THR B 402 -14.40 -17.91 9.53
CA THR B 402 -13.37 -18.59 8.75
C THR B 402 -12.88 -19.83 9.49
N ASP B 403 -12.71 -19.68 10.81
CA ASP B 403 -12.21 -20.78 11.63
C ASP B 403 -13.24 -21.87 11.88
N ARG B 404 -14.51 -21.52 12.02
CA ARG B 404 -15.55 -22.53 12.20
C ARG B 404 -15.84 -23.29 10.91
N LEU B 405 -15.53 -22.70 9.75
CA LEU B 405 -15.78 -23.37 8.48
C LEU B 405 -14.84 -24.56 8.29
N LEU B 406 -13.55 -24.37 8.59
CA LEU B 406 -12.60 -25.47 8.52
C LEU B 406 -12.88 -26.51 9.59
N ALA B 407 -13.43 -26.10 10.74
CA ALA B 407 -13.81 -27.06 11.77
C ALA B 407 -14.99 -27.92 11.33
N LYS B 408 -15.97 -27.30 10.66
CA LYS B 408 -17.08 -28.09 10.12
C LYS B 408 -16.66 -28.96 8.96
N LEU B 409 -15.67 -28.52 8.17
CA LEU B 409 -15.11 -29.39 7.13
C LEU B 409 -14.35 -30.57 7.74
N ALA B 410 -13.67 -30.35 8.87
CA ALA B 410 -12.99 -31.45 9.55
C ALA B 410 -13.98 -32.43 10.15
N TYR B 411 -15.10 -31.91 10.69
CA TYR B 411 -16.16 -32.79 11.18
C TYR B 411 -16.82 -33.55 10.04
N MET B 412 -16.92 -32.93 8.86
CA MET B 412 -17.43 -33.63 7.69
C MET B 412 -16.49 -34.74 7.23
N ARG B 413 -15.18 -34.50 7.31
CA ARG B 413 -14.22 -35.49 6.84
C ARG B 413 -14.06 -36.64 7.81
N SER B 414 -13.84 -36.34 9.09
CA SER B 414 -13.54 -37.39 10.06
C SER B 414 -14.82 -38.11 10.52
N GLY B 415 -15.79 -37.35 11.03
CA GLY B 415 -16.98 -37.93 11.62
C GLY B 415 -17.92 -38.58 10.64
N LEU B 416 -18.12 -37.97 9.48
CA LEU B 416 -19.05 -38.51 8.50
C LEU B 416 -18.34 -39.48 7.56
N GLY B 417 -17.07 -39.26 7.28
CA GLY B 417 -16.30 -40.14 6.44
C GLY B 417 -16.41 -39.88 4.96
N CYS B 418 -16.50 -38.62 4.54
CA CYS B 418 -16.64 -38.30 3.13
C CYS B 418 -15.31 -38.40 2.41
N ASP B 419 -15.38 -38.59 1.10
CA ASP B 419 -14.18 -38.77 0.29
C ASP B 419 -13.82 -37.53 -0.52
N VAL B 420 -14.81 -36.87 -1.12
CA VAL B 420 -14.57 -35.71 -1.97
C VAL B 420 -15.35 -34.53 -1.42
N ILE B 421 -14.63 -33.48 -1.01
CA ILE B 421 -15.24 -32.26 -0.49
C ILE B 421 -15.17 -31.20 -1.57
N ILE B 422 -16.30 -30.57 -1.85
CA ILE B 422 -16.41 -29.53 -2.86
C ILE B 422 -16.84 -28.24 -2.19
N LEU B 423 -16.11 -27.16 -2.46
CA LEU B 423 -16.49 -25.82 -2.03
C LEU B 423 -16.89 -24.98 -3.22
N ASP B 424 -17.65 -23.93 -2.96
CA ASP B 424 -18.10 -23.02 -4.00
C ASP B 424 -17.93 -21.59 -3.51
N HIS B 425 -17.40 -20.75 -4.41
CA HIS B 425 -17.32 -19.29 -4.26
C HIS B 425 -16.51 -18.90 -3.03
N ILE B 426 -15.20 -19.13 -3.15
CA ILE B 426 -14.21 -18.89 -2.09
C ILE B 426 -14.20 -17.45 -1.57
N SER B 427 -14.70 -16.48 -2.36
CA SER B 427 -14.56 -15.08 -2.00
C SER B 427 -15.46 -14.66 -0.83
N ILE B 428 -16.40 -15.50 -0.40
CA ILE B 428 -17.15 -15.20 0.82
C ILE B 428 -16.25 -15.37 2.04
N VAL B 429 -15.42 -16.41 2.05
CA VAL B 429 -14.63 -16.74 3.23
C VAL B 429 -13.54 -15.69 3.48
N VAL B 430 -13.11 -14.99 2.44
CA VAL B 430 -12.14 -13.91 2.62
C VAL B 430 -12.86 -12.59 2.86
N SER B 431 -14.18 -12.63 2.98
CA SER B 431 -14.96 -11.44 3.26
C SER B 431 -15.60 -11.50 4.63
N ASP B 437 -6.44 -6.85 4.87
CA ASP B 437 -5.95 -7.07 3.52
C ASP B 437 -6.37 -8.44 3.00
N GLU B 438 -6.89 -8.48 1.78
CA GLU B 438 -7.41 -9.73 1.22
C GLU B 438 -6.33 -10.70 0.80
N ARG B 439 -5.13 -10.22 0.45
CA ARG B 439 -4.10 -11.11 -0.06
C ARG B 439 -3.55 -12.00 1.04
N LYS B 440 -3.32 -11.44 2.23
CA LYS B 440 -2.84 -12.22 3.36
C LYS B 440 -3.92 -13.18 3.86
N MET B 441 -5.18 -12.75 3.85
CA MET B 441 -6.27 -13.61 4.30
C MET B 441 -6.47 -14.78 3.34
N ILE B 442 -6.41 -14.53 2.04
CA ILE B 442 -6.60 -15.62 1.08
C ILE B 442 -5.37 -16.51 1.04
N ASP B 443 -4.19 -15.98 1.40
CA ASP B 443 -3.00 -16.81 1.43
C ASP B 443 -3.03 -17.73 2.64
N ASN B 444 -3.46 -17.22 3.79
CA ASN B 444 -3.64 -18.05 4.98
C ASN B 444 -4.74 -19.09 4.77
N LEU B 445 -5.81 -18.72 4.07
CA LEU B 445 -6.90 -19.65 3.80
C LEU B 445 -6.45 -20.76 2.85
N MET B 446 -5.69 -20.41 1.80
CA MET B 446 -5.21 -21.42 0.87
C MET B 446 -4.19 -22.34 1.54
N THR B 447 -3.39 -21.81 2.46
CA THR B 447 -2.47 -22.65 3.22
C THR B 447 -3.21 -23.61 4.14
N LYS B 448 -4.28 -23.13 4.79
CA LYS B 448 -5.07 -24.00 5.67
C LYS B 448 -5.79 -25.08 4.87
N LEU B 449 -6.33 -24.75 3.69
CA LEU B 449 -7.00 -25.75 2.89
C LEU B 449 -6.01 -26.76 2.28
N LYS B 450 -4.79 -26.31 1.96
CA LYS B 450 -3.79 -27.25 1.48
C LYS B 450 -3.32 -28.19 2.59
N GLY B 451 -3.16 -27.68 3.81
CA GLY B 451 -2.85 -28.55 4.94
C GLY B 451 -4.00 -29.46 5.32
N PHE B 452 -5.24 -29.04 5.04
CA PHE B 452 -6.38 -29.90 5.26
C PHE B 452 -6.45 -31.02 4.22
N ALA B 453 -6.08 -30.70 2.97
CA ALA B 453 -6.11 -31.71 1.91
C ALA B 453 -4.98 -32.71 2.08
N LYS B 454 -3.75 -32.22 2.25
CA LYS B 454 -2.61 -33.11 2.45
C LYS B 454 -2.70 -33.76 3.83
N SER B 455 -2.13 -34.97 3.94
CA SER B 455 -2.04 -35.76 5.17
C SER B 455 -3.41 -36.15 5.72
N THR B 456 -4.42 -36.17 4.86
CA THR B 456 -5.75 -36.68 5.16
C THR B 456 -6.23 -37.65 4.10
N GLY B 457 -5.93 -37.38 2.83
CA GLY B 457 -6.39 -38.22 1.74
C GLY B 457 -7.74 -37.84 1.21
N VAL B 458 -8.06 -36.55 1.13
CA VAL B 458 -9.36 -36.06 0.72
C VAL B 458 -9.20 -35.22 -0.54
N VAL B 459 -10.07 -35.45 -1.52
CA VAL B 459 -10.11 -34.59 -2.70
C VAL B 459 -10.79 -33.29 -2.28
N LEU B 460 -10.19 -32.16 -2.65
CA LEU B 460 -10.73 -30.86 -2.32
C LEU B 460 -10.91 -30.07 -3.61
N VAL B 461 -12.13 -29.66 -3.90
CA VAL B 461 -12.41 -28.90 -5.12
C VAL B 461 -12.74 -27.47 -4.73
N VAL B 462 -12.03 -26.51 -5.34
CA VAL B 462 -12.12 -25.10 -4.99
C VAL B 462 -12.52 -24.31 -6.23
N ILE B 463 -13.53 -23.45 -6.09
CA ILE B 463 -14.03 -22.62 -7.17
C ILE B 463 -13.68 -21.17 -6.88
N CYS B 464 -13.04 -20.50 -7.83
CA CYS B 464 -12.76 -19.08 -7.75
C CYS B 464 -13.08 -18.41 -9.08
N HIS B 465 -13.05 -17.08 -9.09
CA HIS B 465 -13.45 -16.29 -10.24
C HIS B 465 -12.23 -15.69 -10.94
N LEU B 466 -12.50 -14.84 -11.91
CA LEU B 466 -11.45 -14.20 -12.71
C LEU B 466 -11.53 -12.70 -12.56
N LYS B 467 -10.38 -12.05 -12.57
CA LYS B 467 -10.31 -10.60 -12.53
C LYS B 467 -10.65 -10.02 -13.88
N ASN B 468 -10.76 -8.69 -13.93
CA ASN B 468 -11.09 -8.03 -15.18
C ASN B 468 -9.87 -8.02 -16.10
N PRO B 469 -10.06 -8.28 -17.39
CA PRO B 469 -8.98 -8.05 -18.34
C PRO B 469 -8.74 -6.57 -18.55
N ASP B 470 -7.46 -6.22 -18.71
CA ASP B 470 -7.07 -4.81 -18.81
C ASP B 470 -7.48 -4.23 -20.16
N LYS B 471 -7.12 -4.90 -21.24
CA LYS B 471 -7.50 -4.48 -22.59
C LYS B 471 -8.09 -5.68 -23.32
N GLY B 472 -8.36 -5.50 -24.60
CA GLY B 472 -8.91 -6.58 -25.42
C GLY B 472 -10.39 -6.71 -25.20
N LYS B 473 -10.89 -7.94 -25.29
CA LYS B 473 -12.30 -8.25 -25.09
C LYS B 473 -12.49 -8.98 -23.76
N ALA B 474 -13.72 -9.38 -23.49
CA ALA B 474 -14.08 -10.00 -22.23
C ALA B 474 -13.98 -11.51 -22.31
N HIS B 475 -13.84 -12.14 -21.15
CA HIS B 475 -13.82 -13.60 -21.08
C HIS B 475 -15.19 -14.19 -21.36
N GLU B 476 -16.25 -13.45 -21.05
CA GLU B 476 -17.61 -13.88 -21.31
C GLU B 476 -17.99 -13.77 -22.78
N GLU B 477 -17.19 -13.07 -23.59
CA GLU B 477 -17.45 -12.93 -25.00
C GLU B 477 -16.56 -13.82 -25.87
N GLY B 478 -15.69 -14.61 -25.26
CA GLY B 478 -14.92 -15.61 -25.98
C GLY B 478 -13.41 -15.44 -25.97
N ARG B 479 -12.86 -14.66 -25.06
CA ARG B 479 -11.40 -14.52 -25.00
C ARG B 479 -10.79 -15.76 -24.35
N PRO B 480 -9.73 -16.33 -24.94
CA PRO B 480 -9.05 -17.45 -24.28
C PRO B 480 -8.34 -17.01 -23.01
N VAL B 481 -8.65 -17.69 -21.92
CA VAL B 481 -8.18 -17.32 -20.59
C VAL B 481 -6.77 -17.86 -20.37
N SER B 482 -5.92 -17.03 -19.78
CA SER B 482 -4.56 -17.41 -19.41
C SER B 482 -4.52 -17.87 -17.95
N ILE B 483 -3.31 -18.06 -17.44
CA ILE B 483 -3.16 -18.61 -16.10
C ILE B 483 -3.17 -17.52 -15.03
N THR B 484 -2.83 -16.28 -15.37
CA THR B 484 -2.70 -15.22 -14.40
C THR B 484 -3.95 -14.38 -14.25
N ASP B 485 -5.13 -14.97 -14.43
CA ASP B 485 -6.38 -14.27 -14.24
C ASP B 485 -7.07 -14.65 -12.93
N LEU B 486 -6.46 -15.52 -12.12
CA LEU B 486 -7.03 -15.94 -10.85
C LEU B 486 -6.92 -14.79 -9.85
N ARG B 487 -8.06 -14.21 -9.47
CA ARG B 487 -8.03 -13.01 -8.64
C ARG B 487 -7.88 -13.36 -7.17
N GLY B 488 -7.33 -12.42 -6.40
CA GLY B 488 -7.18 -12.54 -4.97
C GLY B 488 -5.74 -12.53 -4.49
N SER B 489 -4.88 -13.28 -5.18
CA SER B 489 -3.44 -13.35 -4.91
C SER B 489 -2.79 -14.04 -6.10
N GLY B 490 -1.49 -14.27 -5.99
CA GLY B 490 -0.79 -15.16 -6.90
C GLY B 490 -0.55 -16.47 -6.21
N ALA B 491 -0.96 -16.54 -4.93
CA ALA B 491 -0.77 -17.73 -4.11
C ALA B 491 -1.77 -18.83 -4.41
N LEU B 492 -2.83 -18.53 -5.17
CA LEU B 492 -3.84 -19.55 -5.44
C LEU B 492 -3.34 -20.57 -6.46
N ARG B 493 -2.60 -20.13 -7.47
CA ARG B 493 -2.06 -21.05 -8.47
C ARG B 493 -0.72 -21.64 -8.05
N GLN B 494 -0.21 -21.27 -6.88
CA GLN B 494 1.00 -21.86 -6.34
C GLN B 494 0.73 -23.04 -5.42
N LEU B 495 -0.41 -23.02 -4.72
CA LEU B 495 -0.77 -24.11 -3.83
C LEU B 495 -1.85 -25.01 -4.41
N SER B 496 -2.23 -24.83 -5.67
CA SER B 496 -3.16 -25.72 -6.35
C SER B 496 -2.40 -26.75 -7.17
N ASP B 497 -2.95 -27.96 -7.23
CA ASP B 497 -2.26 -29.05 -7.92
C ASP B 497 -2.63 -29.09 -9.40
N THR B 498 -3.91 -28.96 -9.71
CA THR B 498 -4.39 -29.00 -11.09
C THR B 498 -5.40 -27.88 -11.29
N ILE B 499 -5.21 -27.11 -12.35
CA ILE B 499 -6.05 -25.95 -12.65
C ILE B 499 -6.78 -26.19 -13.96
N ILE B 500 -8.10 -26.16 -13.91
CA ILE B 500 -8.97 -26.39 -15.07
C ILE B 500 -9.76 -25.12 -15.33
N ALA B 501 -9.72 -24.65 -16.58
CA ALA B 501 -10.47 -23.46 -16.98
C ALA B 501 -11.45 -23.82 -18.08
N LEU B 502 -12.61 -23.19 -18.05
CA LEU B 502 -13.64 -23.38 -19.05
C LEU B 502 -13.82 -22.08 -19.82
N GLU B 503 -14.34 -22.17 -21.05
CA GLU B 503 -14.73 -20.97 -21.78
C GLU B 503 -15.88 -21.30 -22.71
N ARG B 504 -16.72 -20.29 -22.97
CA ARG B 504 -17.90 -20.42 -23.87
C ARG B 504 -18.25 -19.04 -24.43
N ASN B 505 -18.65 -18.98 -25.70
CA ASN B 505 -19.01 -17.72 -26.36
C ASN B 505 -20.53 -17.63 -26.41
N GLN B 506 -21.12 -17.02 -25.39
CA GLN B 506 -22.57 -16.91 -25.33
C GLN B 506 -23.13 -15.87 -26.29
N GLN B 507 -22.30 -15.00 -26.84
CA GLN B 507 -22.73 -14.02 -27.83
C GLN B 507 -22.36 -14.41 -29.25
N GLY B 508 -21.67 -15.53 -29.44
CA GLY B 508 -21.26 -15.98 -30.75
C GLY B 508 -22.33 -16.77 -31.46
N ASP B 509 -21.90 -17.54 -32.45
CA ASP B 509 -22.83 -18.33 -33.25
C ASP B 509 -23.31 -19.57 -32.49
N MET B 510 -22.41 -20.22 -31.75
CA MET B 510 -22.71 -21.44 -31.02
C MET B 510 -22.52 -21.18 -29.53
N PRO B 511 -23.58 -20.80 -28.81
CA PRO B 511 -23.45 -20.46 -27.40
C PRO B 511 -23.47 -21.63 -26.44
N ASN B 512 -23.42 -22.87 -26.93
CA ASN B 512 -23.42 -24.04 -26.05
C ASN B 512 -22.31 -25.01 -26.41
N LEU B 513 -21.18 -24.49 -26.88
CA LEU B 513 -20.01 -25.31 -27.20
C LEU B 513 -18.85 -24.81 -26.34
N VAL B 514 -18.62 -25.45 -25.21
CA VAL B 514 -17.59 -25.02 -24.27
C VAL B 514 -16.26 -25.65 -24.66
N LEU B 515 -15.18 -25.01 -24.22
CA LEU B 515 -13.83 -25.54 -24.37
C LEU B 515 -13.21 -25.63 -22.99
N VAL B 516 -12.43 -26.69 -22.77
CA VAL B 516 -11.77 -26.94 -21.50
C VAL B 516 -10.26 -26.84 -21.71
N ARG B 517 -9.60 -26.06 -20.88
CA ARG B 517 -8.16 -25.84 -20.98
C ARG B 517 -7.52 -26.22 -19.65
N ILE B 518 -6.63 -27.20 -19.67
CA ILE B 518 -5.86 -27.58 -18.50
C ILE B 518 -4.67 -26.63 -18.42
N LEU B 519 -4.70 -25.73 -17.44
CA LEU B 519 -3.68 -24.70 -17.35
C LEU B 519 -2.43 -25.17 -16.63
N LYS B 520 -2.60 -25.96 -15.58
CA LYS B 520 -1.51 -26.42 -14.74
C LYS B 520 -1.78 -27.85 -14.32
N CYS B 521 -0.78 -28.70 -14.45
CA CYS B 521 -0.87 -30.08 -13.96
C CYS B 521 0.48 -30.45 -13.37
N ARG B 522 0.53 -30.54 -12.04
CA ARG B 522 1.75 -30.91 -11.34
C ARG B 522 2.13 -32.37 -11.57
N PHE B 523 1.13 -33.24 -11.70
CA PHE B 523 1.41 -34.67 -11.76
C PHE B 523 1.87 -35.10 -13.15
N THR B 524 1.06 -34.86 -14.17
CA THR B 524 1.38 -35.30 -15.52
C THR B 524 2.23 -34.31 -16.29
N GLY B 525 1.94 -33.02 -16.17
CA GLY B 525 2.72 -32.00 -16.85
C GLY B 525 2.25 -31.62 -18.24
N ASP B 526 1.12 -32.17 -18.70
CA ASP B 526 0.59 -31.86 -20.01
C ASP B 526 -0.49 -30.79 -19.87
N THR B 527 -0.26 -29.63 -20.46
CA THR B 527 -1.20 -28.52 -20.41
C THR B 527 -1.69 -28.19 -21.81
N GLY B 528 -2.90 -27.64 -21.89
CA GLY B 528 -3.44 -27.24 -23.18
C GLY B 528 -4.92 -27.58 -23.28
N ILE B 529 -5.38 -27.66 -24.53
CA ILE B 529 -6.80 -27.86 -24.79
C ILE B 529 -7.15 -29.33 -24.61
N ALA B 530 -8.17 -29.61 -23.79
CA ALA B 530 -8.60 -30.99 -23.58
C ALA B 530 -9.54 -31.45 -24.69
N GLY B 531 -10.67 -30.78 -24.87
CA GLY B 531 -11.60 -31.18 -25.89
C GLY B 531 -12.75 -30.20 -26.00
N TYR B 532 -13.87 -30.72 -26.51
CA TYR B 532 -15.07 -29.93 -26.73
C TYR B 532 -16.28 -30.64 -26.14
N MET B 533 -17.19 -29.88 -25.56
CA MET B 533 -18.43 -30.42 -25.02
C MET B 533 -19.60 -29.55 -25.49
N GLU B 534 -20.75 -30.19 -25.65
CA GLU B 534 -21.98 -29.53 -26.07
C GLU B 534 -22.98 -29.56 -24.93
N TYR B 535 -23.57 -28.41 -24.60
CA TYR B 535 -24.55 -28.34 -23.52
C TYR B 535 -25.96 -28.50 -24.08
N ASN B 536 -26.74 -29.34 -23.41
CA ASN B 536 -28.11 -29.64 -23.83
C ASN B 536 -29.06 -28.77 -23.01
N LYS B 537 -29.88 -27.98 -23.70
CA LYS B 537 -30.77 -27.05 -23.02
C LYS B 537 -32.01 -27.70 -22.43
N GLU B 538 -32.37 -28.90 -22.87
CA GLU B 538 -33.60 -29.54 -22.40
C GLU B 538 -33.37 -30.52 -21.27
N THR B 539 -32.19 -31.15 -21.22
CA THR B 539 -31.87 -32.08 -20.14
C THR B 539 -30.93 -31.51 -19.11
N GLY B 540 -30.15 -30.48 -19.47
CA GLY B 540 -29.17 -29.94 -18.56
C GLY B 540 -27.87 -30.70 -18.50
N TRP B 541 -27.75 -31.79 -19.24
CA TRP B 541 -26.53 -32.60 -19.29
C TRP B 541 -25.66 -32.09 -20.42
N LEU B 542 -24.52 -31.50 -20.08
CA LEU B 542 -23.52 -31.19 -21.08
C LEU B 542 -22.73 -32.46 -21.36
N GLU B 543 -22.69 -32.84 -22.63
CA GLU B 543 -22.23 -34.11 -23.15
C GLU B 543 -20.95 -33.90 -23.97
N PRO B 544 -20.15 -34.96 -24.20
CA PRO B 544 -18.96 -34.79 -25.05
C PRO B 544 -19.32 -34.55 -26.51
N SER B 545 -18.92 -33.39 -27.02
CA SER B 545 -19.21 -32.98 -28.41
C SER B 545 -18.20 -33.61 -29.38
N SER B 546 -18.28 -33.23 -30.65
CA SER B 546 -17.39 -33.71 -31.70
C SER B 546 -16.94 -32.58 -32.61
N TYR B 547 -16.73 -31.39 -32.04
CA TYR B 547 -16.28 -30.25 -32.83
C TYR B 547 -14.80 -30.40 -33.16
N SER B 548 -14.44 -29.98 -34.37
CA SER B 548 -13.06 -29.96 -34.83
C SER B 548 -12.67 -28.53 -35.10
N GLY B 549 -11.67 -28.03 -34.38
CA GLY B 549 -11.20 -26.67 -34.55
C GLY B 549 -10.41 -26.48 -35.83
N ASP C 263 36.06 -10.18 23.33
CA ASP C 263 36.13 -9.26 22.20
C ASP C 263 36.09 -10.02 20.88
N GLY C 264 36.09 -9.29 19.78
CA GLY C 264 36.10 -9.89 18.46
C GLY C 264 36.97 -9.15 17.47
N VAL C 265 37.89 -8.35 18.00
CA VAL C 265 38.76 -7.52 17.17
C VAL C 265 40.01 -8.33 16.85
N VAL C 266 39.89 -9.17 15.83
CA VAL C 266 41.00 -10.05 15.44
C VAL C 266 41.94 -9.28 14.53
N SER C 267 43.21 -9.20 14.92
CA SER C 267 44.19 -8.49 14.12
C SER C 267 44.60 -9.32 12.91
N ALA C 268 44.98 -8.62 11.83
CA ALA C 268 45.34 -9.26 10.58
C ALA C 268 46.71 -9.93 10.63
N LEU C 269 47.53 -9.62 11.64
CA LEU C 269 48.83 -10.25 11.77
C LEU C 269 48.72 -11.62 12.44
N SER C 270 47.88 -11.75 13.46
CA SER C 270 47.70 -13.02 14.16
C SER C 270 46.58 -13.85 13.54
N LEU C 271 46.64 -14.05 12.22
CA LEU C 271 45.67 -14.86 11.51
C LEU C 271 46.35 -15.62 10.37
N ARG C 272 47.62 -15.98 10.53
CA ARG C 272 48.38 -16.56 9.43
C ARG C 272 47.95 -17.99 9.13
N GLU C 273 48.14 -18.90 10.10
CA GLU C 273 47.96 -20.33 9.87
C GLU C 273 46.52 -20.70 9.55
N ARG C 274 45.57 -19.91 10.06
CA ARG C 274 44.16 -20.04 9.71
C ARG C 274 43.95 -19.93 8.21
N ILE C 275 44.56 -18.91 7.59
CA ILE C 275 44.49 -18.78 6.14
C ILE C 275 45.22 -19.94 5.48
N ARG C 276 46.29 -20.42 6.12
CA ARG C 276 47.01 -21.58 5.61
C ARG C 276 46.16 -22.85 5.71
N GLU C 277 45.25 -22.90 6.68
CA GLU C 277 44.34 -24.04 6.69
C GLU C 277 43.00 -23.72 6.03
N HIS C 278 42.90 -22.58 5.32
CA HIS C 278 41.65 -22.28 4.66
C HIS C 278 41.75 -22.47 3.15
N LEU C 279 42.80 -21.94 2.53
CA LEU C 279 42.96 -22.04 1.09
C LEU C 279 43.57 -23.38 0.64
N SER C 280 43.96 -24.23 1.59
CA SER C 280 44.50 -25.55 1.24
C SER C 280 43.43 -26.60 1.09
N SER C 281 42.29 -26.44 1.78
CA SER C 281 41.19 -27.39 1.68
C SER C 281 40.20 -26.94 0.62
N SER C 284 34.11 -26.78 1.72
CA SER C 284 35.37 -26.80 0.99
C SER C 284 35.23 -26.05 -0.34
N VAL C 285 35.33 -26.79 -1.45
CA VAL C 285 35.22 -26.21 -2.78
C VAL C 285 34.75 -27.30 -3.74
N GLY C 286 34.00 -26.91 -4.76
CA GLY C 286 33.57 -27.85 -5.79
C GLY C 286 32.07 -28.09 -5.81
N LEU C 287 31.69 -29.38 -5.79
CA LEU C 287 30.30 -29.85 -5.72
C LEU C 287 29.47 -29.32 -6.90
N LEU C 288 29.83 -29.83 -8.08
CA LEU C 288 29.29 -29.36 -9.34
C LEU C 288 27.81 -29.73 -9.50
N PHE C 289 27.17 -29.09 -10.47
CA PHE C 289 25.78 -29.34 -10.79
C PHE C 289 25.68 -30.41 -11.88
N SER C 290 24.46 -30.67 -12.35
CA SER C 290 24.23 -31.71 -13.35
C SER C 290 23.17 -31.24 -14.33
N GLY C 291 23.15 -31.87 -15.50
CA GLY C 291 22.19 -31.57 -16.54
C GLY C 291 22.71 -30.61 -17.59
N CYS C 292 23.62 -29.72 -17.22
CA CYS C 292 24.14 -28.73 -18.15
C CYS C 292 25.62 -28.50 -17.88
N THR C 293 26.32 -28.02 -18.91
CA THR C 293 27.75 -27.69 -18.82
C THR C 293 27.96 -26.25 -18.39
N GLY C 294 27.16 -25.32 -18.94
CA GLY C 294 27.40 -23.90 -18.68
C GLY C 294 27.05 -23.45 -17.29
N ILE C 295 26.32 -24.27 -16.53
CA ILE C 295 26.03 -23.93 -15.14
C ILE C 295 27.29 -24.01 -14.30
N ASN C 296 28.05 -25.09 -14.42
CA ASN C 296 29.27 -25.26 -13.65
C ASN C 296 30.40 -24.38 -14.15
N ASP C 297 30.35 -23.92 -15.40
CA ASP C 297 31.38 -23.03 -15.92
C ASP C 297 31.23 -21.62 -15.39
N LYS C 298 30.07 -21.27 -14.85
CA LYS C 298 29.83 -19.90 -14.40
C LYS C 298 29.74 -19.82 -12.88
N THR C 299 28.92 -20.67 -12.26
CA THR C 299 28.77 -20.64 -10.81
C THR C 299 29.87 -21.38 -10.07
N LEU C 300 30.58 -22.30 -10.75
CA LEU C 300 31.62 -23.15 -10.17
C LEU C 300 31.11 -23.93 -8.96
N GLY C 301 29.98 -24.60 -9.15
CA GLY C 301 29.46 -25.51 -8.14
C GLY C 301 28.85 -24.79 -6.95
N ALA C 302 28.64 -25.57 -5.90
CA ALA C 302 28.07 -25.10 -4.65
C ALA C 302 29.10 -25.28 -3.54
N ARG C 303 29.18 -24.30 -2.64
CA ARG C 303 30.23 -24.27 -1.63
C ARG C 303 29.62 -24.19 -0.24
N GLY C 304 30.38 -24.68 0.74
CA GLY C 304 29.89 -24.71 2.10
C GLY C 304 29.81 -23.30 2.69
N GLY C 305 28.63 -22.94 3.16
CA GLY C 305 28.39 -21.60 3.68
C GLY C 305 27.74 -20.64 2.72
N GLU C 306 27.13 -21.13 1.64
CA GLU C 306 26.49 -20.27 0.65
C GLU C 306 24.98 -20.45 0.69
N VAL C 307 24.30 -19.69 -0.18
CA VAL C 307 22.88 -19.83 -0.45
C VAL C 307 22.70 -19.83 -1.98
N ILE C 308 22.23 -20.95 -2.51
CA ILE C 308 21.91 -21.08 -3.93
C ILE C 308 20.39 -21.19 -4.03
N MET C 309 19.80 -20.32 -4.83
CA MET C 309 18.36 -20.23 -4.97
C MET C 309 17.98 -20.53 -6.42
N VAL C 310 16.90 -21.29 -6.61
CA VAL C 310 16.43 -21.67 -7.94
C VAL C 310 14.96 -21.28 -8.04
N THR C 311 14.62 -20.53 -9.08
CA THR C 311 13.24 -20.05 -9.27
C THR C 311 12.71 -20.41 -10.65
N SER C 312 11.39 -20.48 -10.72
CA SER C 312 10.61 -20.69 -11.94
C SER C 312 9.22 -20.11 -11.71
N GLY C 313 8.32 -20.37 -12.65
CA GLY C 313 6.95 -19.91 -12.55
C GLY C 313 6.11 -20.79 -11.64
N SER C 314 4.92 -21.14 -12.11
CA SER C 314 4.09 -22.11 -11.43
C SER C 314 4.01 -23.38 -12.27
N GLY C 315 4.51 -24.48 -11.73
CA GLY C 315 4.53 -25.72 -12.48
C GLY C 315 5.49 -25.73 -13.65
N MET C 316 6.71 -25.23 -13.45
CA MET C 316 7.65 -25.08 -14.55
C MET C 316 8.90 -25.94 -14.37
N GLY C 317 9.06 -26.57 -13.20
CA GLY C 317 10.19 -27.45 -12.99
C GLY C 317 11.23 -26.96 -12.00
N LYS C 318 10.80 -26.27 -10.94
CA LYS C 318 11.72 -25.88 -9.89
C LYS C 318 11.85 -26.93 -8.79
N SER C 319 11.16 -28.06 -8.94
CA SER C 319 11.31 -29.20 -8.05
C SER C 319 11.90 -30.41 -8.75
N THR C 320 11.59 -30.61 -10.04
CA THR C 320 12.11 -31.75 -10.79
C THR C 320 13.62 -31.64 -10.97
N PHE C 321 14.10 -30.45 -11.34
CA PHE C 321 15.52 -30.20 -11.49
C PHE C 321 16.26 -30.37 -10.16
N VAL C 322 15.65 -29.93 -9.06
CA VAL C 322 16.31 -30.00 -7.77
C VAL C 322 16.36 -31.43 -7.23
N ARG C 323 15.30 -32.21 -7.44
CA ARG C 323 15.36 -33.63 -7.08
C ARG C 323 16.32 -34.41 -7.97
N GLN C 324 16.43 -34.02 -9.25
CA GLN C 324 17.43 -34.59 -10.14
C GLN C 324 18.84 -34.27 -9.69
N GLN C 325 19.02 -33.11 -9.03
CA GLN C 325 20.35 -32.69 -8.52
C GLN C 325 20.64 -33.42 -7.20
N ALA C 326 19.60 -33.67 -6.39
CA ALA C 326 19.74 -34.35 -5.11
C ALA C 326 19.98 -35.84 -5.30
N LEU C 327 19.55 -36.40 -6.42
CA LEU C 327 19.91 -37.79 -6.72
C LEU C 327 21.39 -37.92 -7.02
N GLN C 328 21.96 -36.95 -7.75
CA GLN C 328 23.37 -37.03 -8.12
C GLN C 328 24.27 -36.72 -6.94
N TRP C 329 23.86 -35.80 -6.05
CA TRP C 329 24.72 -35.42 -4.94
C TRP C 329 24.67 -36.42 -3.78
N GLY C 330 23.78 -37.41 -3.84
CA GLY C 330 23.68 -38.38 -2.77
C GLY C 330 24.19 -39.75 -3.13
N THR C 331 24.47 -39.97 -4.41
CA THR C 331 24.92 -41.27 -4.89
C THR C 331 26.34 -41.23 -5.44
N ALA C 332 26.60 -40.37 -6.42
CA ALA C 332 27.91 -40.35 -7.07
C ALA C 332 28.93 -39.49 -6.34
N MET C 333 28.55 -38.82 -5.25
CA MET C 333 29.46 -37.97 -4.51
C MET C 333 29.52 -38.26 -3.02
N GLY C 334 28.65 -39.13 -2.49
CA GLY C 334 28.74 -39.55 -1.12
C GLY C 334 28.32 -38.54 -0.08
N LYS C 335 27.81 -37.38 -0.48
CA LYS C 335 27.38 -36.37 0.47
C LYS C 335 26.01 -36.71 1.02
N LYS C 336 25.84 -36.52 2.33
CA LYS C 336 24.53 -36.73 2.94
C LYS C 336 23.59 -35.61 2.54
N VAL C 337 22.46 -35.98 1.94
CA VAL C 337 21.52 -35.02 1.37
C VAL C 337 20.24 -35.03 2.20
N GLY C 338 19.81 -33.86 2.65
CA GLY C 338 18.63 -33.73 3.46
C GLY C 338 17.54 -32.93 2.78
N LEU C 339 16.43 -33.59 2.48
CA LEU C 339 15.35 -33.00 1.69
C LEU C 339 14.25 -32.52 2.63
N ALA C 340 14.23 -31.21 2.90
CA ALA C 340 13.07 -30.58 3.54
C ALA C 340 12.10 -30.15 2.45
N MET C 341 11.40 -31.14 1.92
CA MET C 341 10.32 -30.93 0.96
C MET C 341 9.05 -30.68 1.76
N LEU C 342 8.35 -29.59 1.44
CA LEU C 342 7.11 -29.27 2.13
C LEU C 342 5.91 -29.21 1.20
N GLN C 343 6.13 -29.46 -0.09
CA GLN C 343 5.01 -29.50 -1.08
C GLN C 343 4.29 -30.85 -0.94
N GLU C 344 5.07 -31.95 -0.95
CA GLU C 344 4.56 -33.30 -0.81
C GLU C 344 5.11 -33.93 0.47
N SER C 345 4.42 -34.98 0.93
CA SER C 345 4.85 -35.69 2.12
C SER C 345 6.01 -36.62 1.78
N VAL C 346 6.50 -37.31 2.82
CA VAL C 346 7.67 -38.18 2.67
C VAL C 346 7.39 -39.45 1.89
N GLU C 347 6.11 -39.78 1.66
CA GLU C 347 5.77 -41.00 0.95
C GLU C 347 5.97 -40.88 -0.56
N GLU C 348 5.83 -39.68 -1.11
CA GLU C 348 5.92 -39.45 -2.55
C GLU C 348 7.29 -38.96 -2.99
N THR C 349 7.93 -38.09 -2.20
CA THR C 349 9.23 -37.57 -2.57
C THR C 349 10.35 -38.58 -2.35
N ALA C 350 10.09 -39.66 -1.62
CA ALA C 350 11.00 -40.79 -1.56
C ALA C 350 10.71 -41.83 -2.61
N GLU C 351 9.47 -41.88 -3.10
CA GLU C 351 9.08 -42.82 -4.13
C GLU C 351 9.47 -42.36 -5.52
N ASP C 352 9.45 -41.05 -5.76
CA ASP C 352 9.80 -40.53 -7.08
C ASP C 352 11.29 -40.65 -7.36
N LEU C 353 12.12 -40.53 -6.31
CA LEU C 353 13.56 -40.71 -6.44
C LEU C 353 13.95 -42.11 -6.90
N ILE C 354 13.21 -43.13 -6.47
CA ILE C 354 13.47 -44.50 -6.87
C ILE C 354 13.24 -44.66 -8.37
N GLY C 355 12.13 -44.13 -8.87
CA GLY C 355 11.85 -44.20 -10.30
C GLY C 355 12.79 -43.36 -11.13
N LEU C 356 13.23 -42.21 -10.60
CA LEU C 356 14.16 -41.37 -11.34
C LEU C 356 15.56 -42.00 -11.36
N HIS C 357 15.90 -42.74 -10.32
CA HIS C 357 17.15 -43.51 -10.34
C HIS C 357 17.07 -44.66 -11.33
N ASN C 358 15.92 -45.36 -11.36
CA ASN C 358 15.74 -46.48 -12.27
C ASN C 358 15.24 -46.05 -13.65
N ARG C 359 15.33 -44.74 -13.96
CA ARG C 359 15.08 -44.18 -15.30
C ARG C 359 13.64 -44.39 -15.76
N VAL C 360 12.69 -44.43 -14.83
CA VAL C 360 11.28 -44.59 -15.16
C VAL C 360 10.49 -43.48 -14.49
N ARG C 361 9.16 -43.57 -14.65
CA ARG C 361 8.17 -42.67 -14.00
C ARG C 361 7.29 -43.61 -13.17
N LEU C 362 7.65 -43.84 -11.90
CA LEU C 362 6.96 -44.84 -11.11
C LEU C 362 5.56 -44.40 -10.70
N ARG C 363 5.41 -43.14 -10.29
CA ARG C 363 4.12 -42.68 -9.78
C ARG C 363 3.10 -42.50 -10.89
N GLN C 364 3.55 -42.25 -12.12
CA GLN C 364 2.67 -41.95 -13.23
C GLN C 364 2.30 -43.18 -14.05
N SER C 365 2.32 -44.36 -13.44
CA SER C 365 1.92 -45.59 -14.12
C SER C 365 1.52 -46.60 -13.05
N ASP C 366 0.29 -47.12 -13.14
CA ASP C 366 -0.16 -48.10 -12.16
C ASP C 366 0.24 -49.52 -12.56
N SER C 367 0.82 -49.70 -13.74
CA SER C 367 1.29 -51.02 -14.14
C SER C 367 2.59 -51.39 -13.41
N LEU C 368 3.60 -50.52 -13.50
CA LEU C 368 4.92 -50.83 -12.95
C LEU C 368 4.91 -50.90 -11.43
N LYS C 369 4.00 -50.15 -10.78
CA LYS C 369 3.85 -50.21 -9.34
C LYS C 369 3.40 -51.61 -8.89
N ARG C 370 2.36 -52.14 -9.52
CA ARG C 370 1.90 -53.49 -9.19
C ARG C 370 2.92 -54.54 -9.61
N GLU C 371 3.66 -54.28 -10.69
CA GLU C 371 4.67 -55.24 -11.13
C GLU C 371 5.81 -55.35 -10.12
N ILE C 372 6.29 -54.22 -9.60
CA ILE C 372 7.35 -54.30 -8.60
C ILE C 372 6.80 -54.70 -7.24
N ILE C 373 5.48 -54.62 -7.02
CA ILE C 373 4.90 -55.31 -5.88
C ILE C 373 5.00 -56.82 -6.05
N GLU C 374 4.70 -57.32 -7.27
CA GLU C 374 4.61 -58.76 -7.47
C GLU C 374 5.97 -59.44 -7.46
N ASN C 375 6.86 -59.08 -8.39
CA ASN C 375 8.06 -59.87 -8.61
C ASN C 375 9.15 -59.66 -7.55
N GLY C 376 9.00 -58.67 -6.69
CA GLY C 376 9.99 -58.39 -5.67
C GLY C 376 11.12 -57.47 -6.09
N LYS C 377 10.97 -56.77 -7.22
CA LYS C 377 12.01 -55.87 -7.71
C LYS C 377 12.05 -54.57 -6.91
N PHE C 378 10.98 -54.26 -6.17
CA PHE C 378 10.94 -53.09 -5.30
C PHE C 378 11.98 -53.15 -4.20
N ASP C 379 12.21 -54.33 -3.62
CA ASP C 379 13.19 -54.45 -2.55
C ASP C 379 14.61 -54.25 -3.08
N GLN C 380 14.84 -54.71 -4.31
CA GLN C 380 16.16 -54.57 -4.98
C GLN C 380 16.39 -53.09 -5.30
N TRP C 381 15.35 -52.38 -5.76
CA TRP C 381 15.47 -50.97 -6.09
C TRP C 381 15.51 -50.10 -4.83
N PHE C 382 14.98 -50.59 -3.72
CA PHE C 382 15.09 -49.85 -2.46
C PHE C 382 16.48 -49.99 -1.84
N ASP C 383 16.99 -51.23 -1.75
CA ASP C 383 18.26 -51.43 -1.08
C ASP C 383 19.45 -51.10 -1.96
N GLU C 384 19.25 -50.96 -3.28
CA GLU C 384 20.32 -50.47 -4.13
C GLU C 384 20.54 -48.98 -3.95
N LEU C 385 19.45 -48.22 -3.82
CA LEU C 385 19.53 -46.77 -3.64
C LEU C 385 19.88 -46.41 -2.21
N PHE C 386 19.12 -46.94 -1.24
CA PHE C 386 19.30 -46.58 0.16
C PHE C 386 20.21 -47.55 0.90
N GLY C 387 21.21 -48.11 0.22
CA GLY C 387 22.18 -48.96 0.87
C GLY C 387 23.11 -48.22 1.82
N ASN C 388 23.26 -46.91 1.63
CA ASN C 388 24.06 -46.07 2.50
C ASN C 388 23.19 -44.95 3.04
N ASP C 389 23.49 -44.50 4.26
CA ASP C 389 22.72 -43.45 4.92
C ASP C 389 23.08 -42.11 4.30
N THR C 390 22.47 -41.83 3.15
CA THR C 390 22.73 -40.61 2.41
C THR C 390 21.54 -39.67 2.32
N PHE C 391 20.32 -40.20 2.30
CA PHE C 391 19.11 -39.38 2.19
C PHE C 391 18.46 -39.28 3.56
N HIS C 392 18.23 -38.05 4.01
CA HIS C 392 17.53 -37.76 5.26
C HIS C 392 16.34 -36.88 4.91
N LEU C 393 15.14 -37.37 5.17
CA LEU C 393 13.94 -36.64 4.79
C LEU C 393 13.31 -35.97 6.01
N TYR C 394 12.33 -35.11 5.79
CA TYR C 394 11.62 -34.43 6.85
C TYR C 394 10.18 -34.23 6.43
N ASP C 395 9.25 -34.44 7.37
CA ASP C 395 7.83 -34.32 7.11
C ASP C 395 7.27 -33.05 7.74
N SER C 396 6.17 -32.56 7.17
CA SER C 396 5.55 -31.34 7.64
C SER C 396 4.22 -31.62 8.32
N GLU C 401 4.77 -22.60 13.02
CA GLU C 401 5.86 -21.95 13.72
C GLU C 401 7.18 -22.17 12.98
N THR C 402 8.01 -21.14 12.95
CA THR C 402 9.31 -21.22 12.30
C THR C 402 10.44 -21.56 13.26
N ASP C 403 10.12 -21.80 14.54
CA ASP C 403 11.16 -22.05 15.53
C ASP C 403 11.68 -23.48 15.47
N ARG C 404 10.80 -24.47 15.42
CA ARG C 404 11.23 -25.86 15.44
C ARG C 404 11.84 -26.32 14.13
N LEU C 405 11.56 -25.62 13.03
CA LEU C 405 12.14 -25.98 11.73
C LEU C 405 13.65 -25.78 11.73
N LEU C 406 14.10 -24.63 12.26
CA LEU C 406 15.54 -24.38 12.32
C LEU C 406 16.22 -25.26 13.36
N ALA C 407 15.48 -25.68 14.41
CA ALA C 407 16.02 -26.63 15.36
C ALA C 407 16.22 -28.00 14.71
N LYS C 408 15.28 -28.43 13.88
CA LYS C 408 15.46 -29.71 13.19
C LYS C 408 16.53 -29.63 12.11
N LEU C 409 16.71 -28.46 11.50
CA LEU C 409 17.83 -28.29 10.56
C LEU C 409 19.17 -28.31 11.30
N ALA C 410 19.21 -27.73 12.50
CA ALA C 410 20.41 -27.82 13.32
C ALA C 410 20.67 -29.24 13.80
N TYR C 411 19.61 -30.03 13.99
CA TYR C 411 19.81 -31.44 14.30
C TYR C 411 20.30 -32.21 13.08
N MET C 412 19.88 -31.81 11.88
CA MET C 412 20.41 -32.43 10.66
C MET C 412 21.89 -32.12 10.48
N ARG C 413 22.29 -30.90 10.81
CA ARG C 413 23.71 -30.45 10.62
C ARG C 413 24.61 -30.97 11.74
N SER C 414 24.12 -31.02 12.98
CA SER C 414 24.92 -31.44 14.12
C SER C 414 24.82 -32.95 14.34
N GLY C 415 23.61 -33.46 14.52
CA GLY C 415 23.46 -34.87 14.85
C GLY C 415 23.63 -35.77 13.64
N LEU C 416 22.89 -35.51 12.57
CA LEU C 416 22.94 -36.36 11.40
C LEU C 416 24.16 -36.09 10.54
N GLY C 417 24.69 -34.87 10.58
CA GLY C 417 25.86 -34.53 9.81
C GLY C 417 25.60 -34.42 8.33
N CYS C 418 24.56 -33.66 7.96
CA CYS C 418 24.22 -33.48 6.56
C CYS C 418 25.20 -32.53 5.87
N ASP C 419 25.48 -32.81 4.60
CA ASP C 419 26.39 -31.98 3.83
C ASP C 419 25.68 -31.08 2.83
N VAL C 420 24.48 -31.47 2.39
CA VAL C 420 23.63 -30.68 1.52
C VAL C 420 22.24 -30.67 2.12
N ILE C 421 21.64 -29.50 2.24
CA ILE C 421 20.27 -29.36 2.76
C ILE C 421 19.45 -28.57 1.75
N ILE C 422 18.31 -29.12 1.35
CA ILE C 422 17.44 -28.50 0.36
C ILE C 422 16.12 -28.16 1.03
N LEU C 423 15.84 -26.86 1.17
CA LEU C 423 14.60 -26.35 1.73
C LEU C 423 13.70 -25.87 0.59
N ASP C 424 12.65 -26.65 0.30
CA ASP C 424 11.77 -26.33 -0.85
C ASP C 424 10.44 -25.71 -0.40
N HIS C 425 10.07 -24.61 -1.07
CA HIS C 425 8.79 -23.89 -0.89
C HIS C 425 8.79 -23.08 0.42
N ILE C 426 9.61 -22.03 0.42
CA ILE C 426 9.67 -21.13 1.56
C ILE C 426 8.41 -20.29 1.73
N SER C 427 7.51 -20.31 0.75
CA SER C 427 6.27 -19.53 0.86
C SER C 427 5.28 -20.13 1.85
N ILE C 428 5.43 -21.39 2.23
CA ILE C 428 4.49 -22.04 3.14
C ILE C 428 4.83 -21.74 4.60
N VAL C 429 6.08 -21.38 4.89
CA VAL C 429 6.48 -21.08 6.26
C VAL C 429 6.30 -19.61 6.59
N VAL C 430 6.06 -18.75 5.60
CA VAL C 430 5.75 -17.34 5.86
C VAL C 430 4.26 -17.07 5.86
N SER C 431 3.45 -18.00 5.34
CA SER C 431 2.01 -17.82 5.26
C SER C 431 1.24 -18.62 6.31
N ALA C 432 1.83 -19.69 6.84
CA ALA C 432 1.19 -20.45 7.92
C ALA C 432 1.50 -19.88 9.29
N SER C 433 2.35 -18.85 9.38
CA SER C 433 2.67 -18.20 10.63
C SER C 433 1.85 -16.93 10.78
N GLY C 434 1.39 -16.67 11.99
CA GLY C 434 0.54 -15.52 12.22
C GLY C 434 1.33 -14.26 12.48
N GLU C 435 1.49 -13.45 11.44
CA GLU C 435 2.24 -12.21 11.52
C GLU C 435 1.44 -11.09 10.88
N SER C 436 1.53 -9.90 11.45
CA SER C 436 0.84 -8.74 10.90
C SER C 436 1.54 -8.26 9.63
N ASP C 437 2.83 -7.98 9.72
CA ASP C 437 3.62 -7.52 8.59
C ASP C 437 4.46 -8.68 8.10
N GLU C 438 4.38 -8.97 6.79
CA GLU C 438 5.03 -10.15 6.25
C GLU C 438 6.49 -9.87 5.86
N ARG C 439 6.81 -8.61 5.57
CA ARG C 439 8.14 -8.28 5.05
C ARG C 439 9.21 -8.46 6.13
N LYS C 440 8.91 -8.04 7.36
CA LYS C 440 9.87 -8.20 8.44
C LYS C 440 10.06 -9.66 8.81
N MET C 441 9.02 -10.48 8.67
CA MET C 441 9.15 -11.90 8.97
C MET C 441 10.02 -12.61 7.95
N ILE C 442 9.85 -12.26 6.66
CA ILE C 442 10.70 -12.81 5.60
C ILE C 442 12.14 -12.35 5.78
N ASP C 443 12.34 -11.09 6.15
CA ASP C 443 13.69 -10.56 6.35
C ASP C 443 14.39 -11.23 7.53
N ASN C 444 13.66 -11.40 8.64
CA ASN C 444 14.23 -12.03 9.83
C ASN C 444 14.53 -13.51 9.59
N LEU C 445 13.63 -14.21 8.88
CA LEU C 445 13.85 -15.59 8.53
C LEU C 445 15.06 -15.74 7.61
N MET C 446 15.21 -14.82 6.66
CA MET C 446 16.32 -14.92 5.70
C MET C 446 17.65 -14.63 6.38
N THR C 447 17.71 -13.65 7.28
CA THR C 447 18.98 -13.37 7.94
C THR C 447 19.33 -14.44 8.98
N LYS C 448 18.32 -15.04 9.62
CA LYS C 448 18.61 -16.12 10.56
C LYS C 448 19.04 -17.39 9.82
N LEU C 449 18.48 -17.62 8.63
CA LEU C 449 18.86 -18.77 7.83
C LEU C 449 20.25 -18.61 7.24
N LYS C 450 20.61 -17.39 6.83
CA LYS C 450 21.96 -17.14 6.34
C LYS C 450 22.97 -17.21 7.47
N GLY C 451 22.59 -16.77 8.68
CA GLY C 451 23.46 -16.95 9.83
C GLY C 451 23.68 -18.41 10.16
N PHE C 452 22.64 -19.24 10.05
CA PHE C 452 22.80 -20.68 10.23
C PHE C 452 23.72 -21.29 9.17
N ALA C 453 23.53 -20.90 7.91
CA ALA C 453 24.33 -21.46 6.83
C ALA C 453 25.78 -21.01 6.90
N LYS C 454 26.04 -19.82 7.43
CA LYS C 454 27.41 -19.33 7.53
C LYS C 454 28.10 -19.90 8.78
N SER C 455 27.35 -20.11 9.86
CA SER C 455 27.95 -20.71 11.05
C SER C 455 28.26 -22.18 10.83
N THR C 456 27.34 -22.92 10.22
CA THR C 456 27.57 -24.35 10.01
C THR C 456 28.45 -24.64 8.81
N GLY C 457 28.39 -23.82 7.77
CA GLY C 457 29.19 -24.05 6.58
C GLY C 457 28.67 -25.21 5.74
N VAL C 458 27.35 -25.33 5.63
CA VAL C 458 26.70 -26.41 4.90
C VAL C 458 26.07 -25.81 3.65
N VAL C 459 26.05 -26.58 2.57
CA VAL C 459 25.41 -26.13 1.34
C VAL C 459 23.90 -26.13 1.55
N LEU C 460 23.26 -25.00 1.28
CA LEU C 460 21.87 -24.79 1.60
C LEU C 460 21.14 -24.24 0.39
N VAL C 461 20.37 -25.08 -0.28
CA VAL C 461 19.55 -24.66 -1.40
C VAL C 461 18.17 -24.27 -0.88
N VAL C 462 17.70 -23.08 -1.26
CA VAL C 462 16.40 -22.56 -0.82
C VAL C 462 15.59 -22.27 -2.08
N ILE C 463 14.34 -22.75 -2.11
CA ILE C 463 13.50 -22.61 -3.30
C ILE C 463 12.31 -21.71 -2.97
N CYS C 464 12.12 -20.66 -3.78
CA CYS C 464 11.02 -19.72 -3.62
C CYS C 464 10.35 -19.49 -4.98
N HIS C 465 9.26 -18.73 -4.96
CA HIS C 465 8.41 -18.52 -6.14
C HIS C 465 8.62 -17.13 -6.74
N LEU C 466 7.86 -16.86 -7.79
CA LEU C 466 7.81 -15.56 -8.43
C LEU C 466 6.46 -14.91 -8.15
N LYS C 467 6.35 -13.63 -8.47
CA LYS C 467 5.11 -12.89 -8.26
C LYS C 467 4.45 -12.57 -9.60
N ASN C 468 3.29 -11.95 -9.52
CA ASN C 468 2.51 -11.64 -10.71
C ASN C 468 3.16 -10.50 -11.50
N PRO C 469 3.31 -10.63 -12.81
CA PRO C 469 3.75 -9.50 -13.61
C PRO C 469 2.65 -8.46 -13.72
N ASP C 470 3.06 -7.19 -13.88
CA ASP C 470 2.10 -6.11 -13.94
C ASP C 470 1.35 -6.09 -15.28
N LYS C 471 2.06 -6.35 -16.38
CA LYS C 471 1.45 -6.41 -17.70
C LYS C 471 2.34 -7.25 -18.60
N GLY C 472 1.86 -7.47 -19.82
CA GLY C 472 2.63 -8.23 -20.78
C GLY C 472 2.34 -9.72 -20.72
N LYS C 473 3.33 -10.53 -21.07
CA LYS C 473 3.17 -11.97 -21.04
C LYS C 473 3.29 -12.48 -19.61
N ALA C 474 2.93 -13.75 -19.41
CA ALA C 474 3.07 -14.41 -18.13
C ALA C 474 4.33 -15.26 -18.11
N HIS C 475 4.82 -15.53 -16.90
CA HIS C 475 6.06 -16.28 -16.72
C HIS C 475 5.94 -17.72 -17.17
N GLU C 476 4.74 -18.27 -17.21
CA GLU C 476 4.51 -19.64 -17.65
C GLU C 476 4.23 -19.73 -19.15
N GLU C 477 4.46 -18.65 -19.89
CA GLU C 477 4.22 -18.61 -21.33
C GLU C 477 5.43 -18.06 -22.09
N GLY C 478 6.58 -18.01 -21.44
CA GLY C 478 7.81 -17.61 -22.09
C GLY C 478 8.33 -16.23 -21.74
N ARG C 479 7.94 -15.66 -20.61
CA ARG C 479 8.42 -14.35 -20.22
C ARG C 479 9.85 -14.44 -19.71
N PRO C 480 10.78 -13.62 -20.21
CA PRO C 480 12.13 -13.60 -19.64
C PRO C 480 12.13 -12.94 -18.27
N VAL C 481 12.40 -13.74 -17.25
CA VAL C 481 12.28 -13.31 -15.85
C VAL C 481 13.50 -12.49 -15.45
N SER C 482 13.27 -11.40 -14.73
CA SER C 482 14.33 -10.55 -14.21
C SER C 482 14.50 -10.80 -12.71
N ILE C 483 15.49 -10.14 -12.11
CA ILE C 483 15.86 -10.44 -10.73
C ILE C 483 14.88 -9.85 -9.73
N THR C 484 14.11 -8.84 -10.11
CA THR C 484 13.18 -8.19 -9.21
C THR C 484 11.83 -8.89 -9.12
N ASP C 485 11.69 -10.07 -9.74
CA ASP C 485 10.43 -10.80 -9.76
C ASP C 485 10.25 -11.74 -8.57
N LEU C 486 11.15 -11.68 -7.58
CA LEU C 486 11.05 -12.56 -6.43
C LEU C 486 9.89 -12.15 -5.54
N ARG C 487 9.09 -13.13 -5.12
CA ARG C 487 7.84 -12.85 -4.43
C ARG C 487 8.05 -12.81 -2.92
N GLY C 488 7.59 -11.73 -2.29
CA GLY C 488 7.48 -11.67 -0.85
C GLY C 488 8.22 -10.53 -0.20
N SER C 489 9.46 -10.27 -0.63
CA SER C 489 10.29 -9.21 -0.09
C SER C 489 11.45 -8.96 -1.05
N GLY C 490 12.36 -8.09 -0.64
CA GLY C 490 13.57 -7.83 -1.39
C GLY C 490 14.78 -8.39 -0.68
N ALA C 491 14.54 -9.07 0.45
CA ALA C 491 15.61 -9.73 1.18
C ALA C 491 16.01 -11.06 0.58
N LEU C 492 15.36 -11.50 -0.49
CA LEU C 492 15.66 -12.80 -1.07
C LEU C 492 16.82 -12.71 -2.06
N ARG C 493 17.02 -11.54 -2.66
CA ARG C 493 18.12 -11.36 -3.60
C ARG C 493 19.30 -10.60 -2.98
N GLN C 494 19.17 -10.09 -1.76
CA GLN C 494 20.26 -9.39 -1.12
C GLN C 494 21.14 -10.31 -0.28
N LEU C 495 20.61 -11.43 0.20
CA LEU C 495 21.33 -12.27 1.14
C LEU C 495 21.64 -13.65 0.55
N SER C 496 21.33 -13.86 -0.72
CA SER C 496 21.68 -15.09 -1.40
C SER C 496 23.00 -14.91 -2.13
N ASP C 497 23.66 -16.03 -2.41
CA ASP C 497 25.00 -16.01 -3.08
C ASP C 497 24.84 -16.35 -4.57
N THR C 498 23.85 -17.17 -4.93
CA THR C 498 23.68 -17.55 -6.33
C THR C 498 22.19 -17.65 -6.61
N ILE C 499 21.74 -17.06 -7.73
CA ILE C 499 20.34 -17.12 -8.13
C ILE C 499 20.28 -17.68 -9.55
N ILE C 500 19.53 -18.76 -9.72
CA ILE C 500 19.38 -19.46 -10.99
C ILE C 500 17.90 -19.56 -11.31
N ALA C 501 17.53 -19.13 -12.52
CA ALA C 501 16.14 -19.17 -12.96
C ALA C 501 15.99 -20.11 -14.14
N LEU C 502 14.82 -20.76 -14.22
CA LEU C 502 14.52 -21.71 -15.27
C LEU C 502 13.36 -21.18 -16.09
N GLU C 503 13.49 -21.23 -17.41
CA GLU C 503 12.49 -20.64 -18.30
C GLU C 503 12.18 -21.58 -19.45
N ARG C 504 10.89 -21.87 -19.66
CA ARG C 504 10.44 -22.62 -20.82
C ARG C 504 9.07 -22.09 -21.23
N ASN C 505 8.56 -22.60 -22.35
CA ASN C 505 7.34 -22.10 -22.98
C ASN C 505 6.41 -23.26 -23.25
N GLN C 506 5.22 -23.22 -22.67
CA GLN C 506 4.22 -24.25 -22.91
C GLN C 506 2.96 -23.65 -23.52
N MET C 510 7.88 -26.53 -28.91
CA MET C 510 8.77 -27.22 -27.98
C MET C 510 8.40 -26.92 -26.53
N PRO C 511 7.50 -27.72 -25.96
CA PRO C 511 7.04 -27.47 -24.59
C PRO C 511 7.98 -27.97 -23.50
N ASN C 512 9.15 -28.49 -23.85
CA ASN C 512 10.07 -29.02 -22.85
C ASN C 512 11.46 -28.39 -22.91
N LEU C 513 11.72 -27.54 -23.90
CA LEU C 513 13.01 -26.86 -24.01
C LEU C 513 13.12 -25.81 -22.92
N VAL C 514 13.86 -26.13 -21.85
CA VAL C 514 14.01 -25.23 -20.71
C VAL C 514 15.44 -24.67 -20.73
N LEU C 515 15.56 -23.37 -20.50
CA LEU C 515 16.84 -22.68 -20.48
C LEU C 515 17.13 -22.15 -19.09
N VAL C 516 18.41 -21.90 -18.83
CA VAL C 516 18.93 -21.57 -17.52
C VAL C 516 19.49 -20.15 -17.57
N ARG C 517 19.11 -19.32 -16.59
CA ARG C 517 19.59 -17.95 -16.51
C ARG C 517 20.23 -17.72 -15.15
N ILE C 518 21.52 -17.37 -15.16
CA ILE C 518 22.23 -16.95 -13.96
C ILE C 518 21.92 -15.48 -13.72
N LEU C 519 21.29 -15.16 -12.59
CA LEU C 519 20.89 -13.79 -12.35
C LEU C 519 21.88 -13.03 -11.47
N LYS C 520 22.44 -13.70 -10.46
CA LYS C 520 23.43 -13.05 -9.60
C LYS C 520 24.43 -14.09 -9.15
N CYS C 521 25.69 -13.91 -9.56
CA CYS C 521 26.79 -14.72 -9.06
C CYS C 521 27.70 -13.82 -8.24
N ARG C 522 27.86 -14.16 -6.96
CA ARG C 522 28.69 -13.35 -6.04
C ARG C 522 30.15 -13.83 -6.07
N PHE C 523 30.38 -15.10 -6.40
CA PHE C 523 31.73 -15.64 -6.43
C PHE C 523 32.44 -15.23 -7.72
N THR C 524 31.91 -15.67 -8.85
CA THR C 524 32.39 -15.21 -10.15
C THR C 524 31.57 -14.00 -10.57
N GLY C 525 31.68 -13.60 -11.83
CA GLY C 525 30.93 -12.47 -12.32
C GLY C 525 30.09 -12.78 -13.54
N ASP C 526 30.29 -13.94 -14.14
CA ASP C 526 29.63 -14.31 -15.38
C ASP C 526 28.18 -14.67 -15.11
N THR C 527 27.26 -13.84 -15.61
CA THR C 527 25.82 -14.07 -15.48
C THR C 527 25.18 -14.00 -16.85
N GLY C 528 23.93 -14.44 -16.94
CA GLY C 528 23.24 -14.45 -18.21
C GLY C 528 22.74 -15.82 -18.62
N ILE C 529 22.61 -16.06 -19.91
CA ILE C 529 22.10 -17.34 -20.42
C ILE C 529 23.19 -18.40 -20.29
N ALA C 530 22.94 -19.41 -19.46
CA ALA C 530 23.93 -20.44 -19.24
C ALA C 530 23.83 -21.55 -20.30
N GLY C 531 22.64 -22.09 -20.51
CA GLY C 531 22.48 -23.12 -21.51
C GLY C 531 21.05 -23.58 -21.71
N TYR C 532 20.88 -24.71 -22.39
CA TYR C 532 19.57 -25.25 -22.70
C TYR C 532 19.47 -26.69 -22.22
N MET C 533 18.38 -27.03 -21.56
CA MET C 533 18.10 -28.39 -21.14
C MET C 533 16.82 -28.86 -21.81
N GLU C 534 16.69 -30.18 -21.94
CA GLU C 534 15.47 -30.80 -22.41
C GLU C 534 14.97 -31.80 -21.40
N TYR C 535 13.69 -31.70 -21.06
CA TYR C 535 13.05 -32.64 -20.15
C TYR C 535 12.48 -33.81 -20.93
N ASN C 536 12.80 -35.02 -20.47
CA ASN C 536 12.38 -36.25 -21.13
C ASN C 536 11.06 -36.68 -20.49
N LYS C 537 10.03 -36.88 -21.32
CA LYS C 537 8.73 -37.27 -20.82
C LYS C 537 8.67 -38.74 -20.39
N GLU C 538 9.66 -39.54 -20.77
CA GLU C 538 9.65 -40.95 -20.45
C GLU C 538 10.42 -41.27 -19.17
N THR C 539 11.62 -40.72 -19.04
CA THR C 539 12.48 -41.01 -17.90
C THR C 539 12.39 -39.97 -16.79
N GLY C 540 12.31 -38.68 -17.15
CA GLY C 540 12.29 -37.63 -16.18
C GLY C 540 13.62 -36.95 -15.91
N TRP C 541 14.66 -37.31 -16.65
CA TRP C 541 15.96 -36.67 -16.52
C TRP C 541 15.99 -35.36 -17.29
N LEU C 542 16.84 -34.46 -16.85
CA LEU C 542 17.04 -33.16 -17.51
C LEU C 542 18.29 -33.30 -18.37
N GLU C 543 18.10 -33.74 -19.60
CA GLU C 543 19.26 -33.99 -20.46
C GLU C 543 19.78 -32.67 -21.04
N PRO C 544 21.07 -32.60 -21.35
CA PRO C 544 21.57 -31.43 -22.07
C PRO C 544 21.09 -31.42 -23.51
N SER C 545 20.88 -30.22 -24.04
CA SER C 545 20.33 -30.01 -25.36
C SER C 545 21.43 -29.61 -26.34
N SER C 546 21.02 -29.31 -27.55
CA SER C 546 21.93 -28.80 -28.58
C SER C 546 21.53 -27.43 -29.08
N TYR C 547 20.24 -27.21 -29.34
CA TYR C 547 19.66 -25.97 -29.89
C TYR C 547 20.33 -25.52 -31.19
N ASP D 263 25.85 25.22 32.36
CA ASP D 263 25.75 26.11 31.21
C ASP D 263 26.48 25.53 30.00
N GLY D 264 26.00 25.85 28.81
CA GLY D 264 26.61 25.35 27.59
C GLY D 264 26.67 26.39 26.49
N VAL D 265 26.59 27.66 26.86
CA VAL D 265 26.63 28.76 25.91
C VAL D 265 28.08 29.12 25.63
N VAL D 266 28.34 29.56 24.40
CA VAL D 266 29.69 29.95 23.97
C VAL D 266 29.60 31.30 23.29
N SER D 267 30.32 32.28 23.80
CA SER D 267 30.38 33.58 23.14
C SER D 267 31.31 33.49 21.93
N ALA D 268 30.95 34.22 20.87
CA ALA D 268 31.75 34.26 19.67
C ALA D 268 33.05 35.03 19.84
N LEU D 269 33.13 35.89 20.85
CA LEU D 269 34.37 36.63 21.11
C LEU D 269 35.43 35.72 21.71
N SER D 270 35.03 34.80 22.59
CA SER D 270 35.97 33.89 23.24
C SER D 270 36.12 32.59 22.47
N LEU D 271 36.37 32.70 21.17
CA LEU D 271 36.57 31.51 20.34
C LEU D 271 37.69 31.74 19.33
N ARG D 272 38.61 32.67 19.60
CA ARG D 272 39.67 32.97 18.65
C ARG D 272 40.70 31.84 18.55
N GLU D 273 40.98 31.18 19.67
CA GLU D 273 42.04 30.18 19.68
C GLU D 273 41.56 28.85 19.11
N ARG D 274 40.35 28.42 19.49
CA ARG D 274 39.85 27.11 19.09
C ARG D 274 39.61 27.01 17.59
N ILE D 275 39.33 28.11 16.92
CA ILE D 275 39.28 28.09 15.46
C ILE D 275 40.69 27.97 14.88
N ARG D 276 41.67 28.64 15.51
CA ARG D 276 43.03 28.66 14.99
C ARG D 276 43.68 27.29 15.06
N GLU D 277 43.39 26.52 16.12
CA GLU D 277 43.87 25.16 16.19
C GLU D 277 43.05 24.20 15.35
N HIS D 278 41.92 24.64 14.81
CA HIS D 278 41.07 23.75 14.02
C HIS D 278 41.44 23.75 12.54
N LEU D 279 41.76 24.90 11.99
CA LEU D 279 42.14 25.02 10.58
C LEU D 279 43.64 24.83 10.36
N SER D 280 44.40 24.52 11.40
CA SER D 280 45.84 24.37 11.28
C SER D 280 46.20 23.03 10.66
N VAL D 285 42.03 18.35 2.08
CA VAL D 285 41.52 17.40 1.09
C VAL D 285 41.13 16.10 1.77
N GLY D 286 42.13 15.37 2.26
CA GLY D 286 41.87 14.11 2.93
C GLY D 286 42.29 12.90 2.13
N LEU D 287 41.67 11.75 2.41
CA LEU D 287 42.05 10.50 1.78
C LEU D 287 41.51 10.46 0.36
N LEU D 288 42.38 10.19 -0.61
CA LEU D 288 41.95 10.15 -2.00
C LEU D 288 41.29 8.82 -2.32
N PHE D 289 40.53 8.81 -3.40
CA PHE D 289 39.89 7.61 -3.91
C PHE D 289 40.65 7.09 -5.13
N SER D 290 40.66 5.77 -5.27
CA SER D 290 41.44 5.08 -6.30
C SER D 290 40.50 4.57 -7.37
N GLY D 291 40.82 4.88 -8.63
CA GLY D 291 39.95 4.59 -9.75
C GLY D 291 38.92 5.69 -9.93
N CYS D 292 38.51 5.93 -11.19
CA CYS D 292 37.52 6.94 -11.61
C CYS D 292 37.82 8.31 -11.02
N THR D 293 38.93 8.88 -11.49
CA THR D 293 39.54 10.09 -10.94
C THR D 293 38.68 11.36 -10.98
N GLY D 294 37.47 11.28 -11.53
CA GLY D 294 36.49 12.31 -11.33
C GLY D 294 35.84 12.33 -9.96
N ILE D 295 36.18 11.40 -9.08
CA ILE D 295 35.68 11.44 -7.70
C ILE D 295 36.39 12.52 -6.90
N ASN D 296 37.71 12.38 -6.73
CA ASN D 296 38.45 13.30 -5.89
C ASN D 296 38.65 14.67 -6.53
N ASP D 297 38.39 14.80 -7.83
CA ASP D 297 38.25 16.12 -8.44
C ASP D 297 36.93 16.78 -8.07
N LYS D 298 35.90 16.00 -7.77
CA LYS D 298 34.57 16.51 -7.50
C LYS D 298 34.25 16.62 -6.02
N THR D 299 34.35 15.53 -5.26
CA THR D 299 34.03 15.54 -3.85
C THR D 299 35.25 15.72 -2.95
N LEU D 300 36.44 15.78 -3.55
CA LEU D 300 37.72 16.07 -2.86
C LEU D 300 38.04 15.05 -1.77
N GLY D 301 37.62 13.79 -1.96
CA GLY D 301 37.97 12.73 -1.04
C GLY D 301 37.27 12.78 0.30
N ALA D 302 37.58 11.82 1.17
CA ALA D 302 36.95 11.76 2.48
C ALA D 302 37.62 12.73 3.46
N ARG D 303 36.89 13.08 4.50
CA ARG D 303 37.38 13.96 5.56
C ARG D 303 37.06 13.33 6.90
N GLY D 304 37.76 13.79 7.93
CA GLY D 304 37.59 13.21 9.26
C GLY D 304 36.26 13.62 9.87
N GLY D 305 35.51 12.61 10.31
CA GLY D 305 34.22 12.86 10.91
C GLY D 305 33.08 12.92 9.91
N GLU D 306 33.00 11.96 8.99
CA GLU D 306 31.92 11.90 8.01
C GLU D 306 31.23 10.56 8.07
N VAL D 307 30.08 10.47 7.40
CA VAL D 307 29.35 9.23 7.22
C VAL D 307 29.06 9.10 5.72
N ILE D 308 29.58 8.04 5.12
CA ILE D 308 29.55 7.84 3.67
C ILE D 308 28.62 6.66 3.36
N MET D 309 27.78 6.82 2.35
CA MET D 309 26.91 5.74 1.89
C MET D 309 27.36 5.31 0.52
N VAL D 310 27.43 3.99 0.31
CA VAL D 310 27.74 3.40 -1.00
C VAL D 310 26.59 2.48 -1.37
N THR D 311 25.97 2.73 -2.53
CA THR D 311 24.79 1.99 -2.95
C THR D 311 24.94 1.45 -4.36
N SER D 312 24.28 0.31 -4.59
CA SER D 312 24.13 -0.34 -5.90
C SER D 312 23.05 -1.39 -5.73
N GLY D 313 22.75 -2.09 -6.82
CA GLY D 313 21.86 -3.23 -6.76
C GLY D 313 22.56 -4.45 -6.17
N SER D 314 21.82 -5.56 -6.17
CA SER D 314 22.36 -6.80 -5.66
C SER D 314 23.36 -7.39 -6.64
N GLY D 315 24.54 -7.76 -6.13
CA GLY D 315 25.56 -8.35 -6.96
C GLY D 315 26.25 -7.40 -7.90
N MET D 316 26.27 -6.10 -7.60
CA MET D 316 26.86 -5.12 -8.50
C MET D 316 28.28 -4.72 -8.12
N GLY D 317 28.76 -5.13 -6.95
CA GLY D 317 30.13 -4.84 -6.58
C GLY D 317 30.33 -3.64 -5.68
N LYS D 318 29.56 -3.55 -4.60
CA LYS D 318 29.82 -2.57 -3.55
C LYS D 318 30.99 -2.96 -2.67
N SER D 319 30.99 -4.21 -2.19
CA SER D 319 32.11 -4.71 -1.40
C SER D 319 33.37 -4.81 -2.24
N THR D 320 33.23 -5.09 -3.54
CA THR D 320 34.35 -5.06 -4.46
C THR D 320 34.96 -3.67 -4.58
N PHE D 321 34.11 -2.63 -4.63
CA PHE D 321 34.63 -1.27 -4.69
C PHE D 321 35.24 -0.81 -3.37
N VAL D 322 34.66 -1.17 -2.23
CA VAL D 322 35.22 -0.73 -0.96
C VAL D 322 36.47 -1.55 -0.59
N ARG D 323 36.65 -2.73 -1.18
CA ARG D 323 37.82 -3.55 -0.88
C ARG D 323 39.07 -2.95 -1.51
N GLN D 324 38.94 -2.42 -2.73
CA GLN D 324 40.04 -1.70 -3.36
C GLN D 324 40.42 -0.46 -2.59
N GLN D 325 39.43 0.21 -2.00
CA GLN D 325 39.72 1.43 -1.23
C GLN D 325 40.39 1.09 0.10
N ALA D 326 39.98 -0.01 0.73
CA ALA D 326 40.65 -0.44 1.95
C ALA D 326 42.06 -0.96 1.65
N LEU D 327 42.28 -1.47 0.43
CA LEU D 327 43.62 -1.86 0.02
C LEU D 327 44.51 -0.65 -0.20
N GLN D 328 44.02 0.35 -0.93
CA GLN D 328 44.83 1.52 -1.25
C GLN D 328 45.00 2.46 -0.07
N TRP D 329 44.14 2.36 0.95
CA TRP D 329 44.31 3.17 2.15
C TRP D 329 45.18 2.50 3.20
N GLY D 330 45.74 1.33 2.89
CA GLY D 330 46.56 0.62 3.85
C GLY D 330 48.00 0.46 3.42
N THR D 331 48.27 0.73 2.14
CA THR D 331 49.61 0.61 1.58
C THR D 331 50.18 1.98 1.20
N ALA D 332 49.45 2.74 0.39
CA ALA D 332 49.92 4.07 0.00
C ALA D 332 49.70 5.10 1.09
N MET D 333 48.79 4.85 2.03
CA MET D 333 48.50 5.82 3.09
C MET D 333 49.15 5.47 4.41
N GLY D 334 49.16 4.19 4.79
CA GLY D 334 49.70 3.79 6.07
C GLY D 334 48.78 3.98 7.25
N LYS D 335 47.51 4.31 7.01
CA LYS D 335 46.59 4.60 8.10
C LYS D 335 45.98 3.33 8.64
N LYS D 336 45.57 3.37 9.91
CA LYS D 336 44.93 2.22 10.55
C LYS D 336 43.53 2.03 9.99
N VAL D 337 43.24 0.81 9.53
CA VAL D 337 41.99 0.49 8.86
C VAL D 337 41.29 -0.61 9.66
N GLY D 338 40.00 -0.40 9.94
CA GLY D 338 39.21 -1.39 10.63
C GLY D 338 38.02 -1.85 9.81
N LEU D 339 38.03 -3.12 9.41
CA LEU D 339 36.96 -3.69 8.62
C LEU D 339 35.90 -4.27 9.56
N ALA D 340 34.63 -4.16 9.14
CA ALA D 340 33.51 -4.79 9.84
C ALA D 340 32.71 -5.52 8.77
N MET D 341 33.15 -6.74 8.48
CA MET D 341 32.52 -7.60 7.48
C MET D 341 31.44 -8.41 8.17
N LEU D 342 30.28 -7.80 8.37
CA LEU D 342 29.15 -8.53 8.94
C LEU D 342 28.55 -9.51 7.95
N GLN D 343 28.81 -9.31 6.65
CA GLN D 343 28.19 -10.16 5.59
C GLN D 343 28.93 -11.48 5.36
N GLU D 344 30.22 -11.54 5.66
CA GLU D 344 31.00 -12.76 5.41
C GLU D 344 32.05 -13.00 6.50
N SER D 345 32.95 -13.94 6.26
CA SER D 345 33.97 -14.32 7.23
C SER D 345 35.22 -13.48 7.06
N VAL D 346 36.15 -13.64 8.02
CA VAL D 346 37.38 -12.85 7.98
C VAL D 346 38.44 -13.51 7.09
N GLU D 347 38.40 -14.84 6.97
CA GLU D 347 39.39 -15.54 6.17
C GLU D 347 39.17 -15.29 4.68
N GLU D 348 37.91 -15.24 4.25
CA GLU D 348 37.62 -15.02 2.83
C GLU D 348 37.97 -13.61 2.40
N THR D 349 37.65 -12.60 3.22
CA THR D 349 38.02 -11.24 2.87
C THR D 349 39.54 -11.03 2.98
N ALA D 350 40.21 -11.79 3.85
CA ALA D 350 41.67 -11.71 3.91
C ALA D 350 42.30 -12.29 2.65
N GLU D 351 41.78 -13.44 2.18
CA GLU D 351 42.25 -14.02 0.93
C GLU D 351 41.97 -13.12 -0.26
N ASP D 352 40.84 -12.42 -0.25
CA ASP D 352 40.51 -11.54 -1.37
C ASP D 352 41.39 -10.30 -1.37
N LEU D 353 41.73 -9.79 -0.17
CA LEU D 353 42.68 -8.67 -0.08
C LEU D 353 44.06 -9.08 -0.58
N ILE D 354 44.51 -10.30 -0.23
CA ILE D 354 45.81 -10.80 -0.70
C ILE D 354 45.82 -10.96 -2.22
N GLY D 355 44.73 -11.51 -2.78
CA GLY D 355 44.65 -11.66 -4.21
C GLY D 355 44.53 -10.33 -4.94
N LEU D 356 43.88 -9.35 -4.32
CA LEU D 356 43.74 -8.05 -4.98
C LEU D 356 45.03 -7.27 -4.94
N HIS D 357 45.84 -7.43 -3.88
CA HIS D 357 47.13 -6.75 -3.84
C HIS D 357 48.14 -7.43 -4.77
N ASN D 358 48.14 -8.75 -4.83
CA ASN D 358 49.15 -9.47 -5.59
C ASN D 358 48.82 -9.61 -7.07
N ARG D 359 47.86 -8.84 -7.58
CA ARG D 359 47.45 -8.77 -9.00
C ARG D 359 46.92 -10.09 -9.55
N VAL D 360 46.63 -11.06 -8.71
CA VAL D 360 46.28 -12.41 -9.16
C VAL D 360 44.95 -12.80 -8.51
N ARG D 361 43.98 -13.18 -9.33
CA ARG D 361 42.68 -13.65 -8.86
C ARG D 361 42.85 -14.93 -8.06
N LEU D 362 42.74 -14.82 -6.73
CA LEU D 362 43.17 -15.89 -5.83
C LEU D 362 42.04 -16.85 -5.48
N ARG D 363 40.95 -16.34 -4.92
CA ARG D 363 39.88 -17.20 -4.42
C ARG D 363 39.16 -17.92 -5.55
N GLN D 364 39.10 -17.32 -6.73
CA GLN D 364 38.38 -17.86 -7.87
C GLN D 364 39.25 -18.71 -8.77
N SER D 365 40.34 -19.27 -8.25
CA SER D 365 41.22 -20.14 -9.01
C SER D 365 41.81 -21.19 -8.07
N ASP D 366 41.41 -22.44 -8.25
CA ASP D 366 41.82 -23.50 -7.34
C ASP D 366 43.13 -24.15 -7.72
N SER D 367 43.57 -24.01 -8.98
CA SER D 367 44.85 -24.56 -9.39
C SER D 367 46.04 -23.77 -8.86
N LEU D 368 45.78 -22.58 -8.29
CA LEU D 368 46.83 -21.72 -7.76
C LEU D 368 46.83 -21.65 -6.24
N LYS D 369 45.68 -21.93 -5.59
CA LYS D 369 45.60 -21.92 -4.14
C LYS D 369 46.42 -23.03 -3.51
N ARG D 370 46.59 -24.15 -4.21
CA ARG D 370 47.49 -25.20 -3.76
C ARG D 370 48.89 -25.07 -4.37
N GLU D 371 49.03 -24.27 -5.43
CA GLU D 371 50.33 -24.06 -6.06
C GLU D 371 51.18 -23.10 -5.24
N ILE D 372 50.58 -22.06 -4.69
CA ILE D 372 51.36 -21.09 -3.91
C ILE D 372 51.63 -21.54 -2.49
N ILE D 373 50.92 -22.55 -1.99
CA ILE D 373 51.16 -23.00 -0.61
C ILE D 373 52.31 -24.00 -0.57
N GLU D 374 52.67 -24.60 -1.70
CA GLU D 374 53.80 -25.52 -1.76
C GLU D 374 55.09 -24.84 -2.20
N ASN D 375 55.00 -23.68 -2.84
CA ASN D 375 56.19 -22.96 -3.28
C ASN D 375 56.86 -22.22 -2.14
N GLY D 376 56.14 -22.02 -1.02
CA GLY D 376 56.67 -21.31 0.12
C GLY D 376 56.51 -19.81 0.05
N LYS D 377 56.03 -19.26 -1.06
CA LYS D 377 55.86 -17.83 -1.22
C LYS D 377 54.53 -17.32 -0.68
N PHE D 378 53.74 -18.19 -0.05
CA PHE D 378 52.54 -17.74 0.64
C PHE D 378 52.89 -16.85 1.82
N ASP D 379 53.87 -17.25 2.64
CA ASP D 379 54.30 -16.41 3.74
C ASP D 379 55.03 -15.16 3.25
N GLN D 380 55.61 -15.21 2.05
CA GLN D 380 56.15 -14.01 1.42
C GLN D 380 55.03 -13.04 1.06
N TRP D 381 53.93 -13.53 0.50
CA TRP D 381 52.81 -12.66 0.19
C TRP D 381 52.02 -12.23 1.42
N PHE D 382 52.14 -12.98 2.53
CA PHE D 382 51.39 -12.64 3.74
C PHE D 382 51.92 -11.37 4.39
N ASP D 383 53.20 -11.37 4.79
CA ASP D 383 53.77 -10.22 5.46
C ASP D 383 54.07 -9.06 4.52
N GLU D 384 53.90 -9.23 3.22
CA GLU D 384 54.06 -8.13 2.28
C GLU D 384 52.98 -7.07 2.48
N LEU D 385 51.80 -7.49 2.91
CA LEU D 385 50.68 -6.59 3.12
C LEU D 385 50.13 -6.62 4.55
N PHE D 386 50.31 -7.71 5.28
CA PHE D 386 49.92 -7.79 6.68
C PHE D 386 51.11 -7.68 7.62
N GLY D 387 52.27 -7.24 7.12
CA GLY D 387 53.43 -7.13 7.98
C GLY D 387 53.34 -5.98 8.96
N ASN D 388 52.57 -4.95 8.62
CA ASN D 388 52.32 -3.86 9.54
C ASN D 388 51.08 -4.16 10.37
N ASP D 389 50.72 -3.23 11.26
CA ASP D 389 49.53 -3.36 12.09
C ASP D 389 48.36 -2.58 11.50
N THR D 390 48.23 -2.59 10.18
CA THR D 390 47.24 -1.75 9.51
C THR D 390 45.83 -2.29 9.69
N PHE D 391 45.59 -3.51 9.24
CA PHE D 391 44.22 -4.01 9.11
C PHE D 391 43.75 -4.66 10.41
N HIS D 392 42.52 -4.36 10.80
CA HIS D 392 41.89 -4.98 11.96
C HIS D 392 40.50 -5.48 11.58
N LEU D 393 40.34 -6.79 11.57
CA LEU D 393 39.10 -7.42 11.14
C LEU D 393 38.17 -7.63 12.33
N TYR D 394 36.89 -7.81 12.03
CA TYR D 394 35.86 -8.01 13.05
C TYR D 394 35.23 -9.39 12.83
N ASP D 395 35.24 -10.21 13.88
CA ASP D 395 34.64 -11.54 13.84
C ASP D 395 33.32 -11.50 14.60
N SER D 396 32.21 -11.61 13.86
CA SER D 396 30.89 -11.60 14.47
C SER D 396 30.61 -12.90 15.20
N THR D 402 23.76 -4.77 18.62
CA THR D 402 23.64 -3.32 18.47
C THR D 402 24.62 -2.61 19.41
N ASP D 403 24.33 -2.66 20.71
CA ASP D 403 25.21 -2.04 21.69
C ASP D 403 26.56 -2.74 21.78
N ARG D 404 26.59 -4.06 21.57
CA ARG D 404 27.86 -4.78 21.48
C ARG D 404 28.67 -4.32 20.28
N LEU D 405 28.00 -4.07 19.14
CA LEU D 405 28.70 -3.58 17.96
C LEU D 405 29.22 -2.16 18.17
N LEU D 406 28.45 -1.32 18.87
CA LEU D 406 28.92 0.02 19.20
C LEU D 406 30.11 0.00 20.15
N ALA D 407 30.09 -0.93 21.13
CA ALA D 407 31.22 -1.07 22.04
C ALA D 407 32.46 -1.58 21.31
N LYS D 408 32.27 -2.49 20.35
CA LYS D 408 33.41 -3.00 19.58
C LYS D 408 34.00 -1.92 18.67
N LEU D 409 33.14 -1.07 18.08
CA LEU D 409 33.67 0.01 17.26
C LEU D 409 34.34 1.09 18.10
N ALA D 410 33.83 1.32 19.32
CA ALA D 410 34.49 2.23 20.24
C ALA D 410 35.84 1.70 20.70
N TYR D 411 35.96 0.37 20.87
CA TYR D 411 37.24 -0.22 21.22
C TYR D 411 38.20 -0.21 20.03
N MET D 412 37.67 -0.27 18.81
CA MET D 412 38.50 -0.11 17.62
C MET D 412 39.04 1.30 17.53
N ARG D 413 38.20 2.29 17.87
CA ARG D 413 38.58 3.73 17.78
C ARG D 413 39.57 4.11 18.88
N SER D 414 39.32 3.70 20.13
CA SER D 414 40.18 4.08 21.25
C SER D 414 41.40 3.15 21.34
N GLY D 415 41.16 1.85 21.46
CA GLY D 415 42.20 0.90 21.73
C GLY D 415 43.11 0.55 20.57
N LEU D 416 42.82 1.02 19.35
CA LEU D 416 43.65 0.73 18.20
C LEU D 416 44.01 1.95 17.37
N GLY D 417 43.34 3.09 17.56
CA GLY D 417 43.65 4.29 16.81
C GLY D 417 43.29 4.22 15.34
N CYS D 418 42.10 3.72 15.03
CA CYS D 418 41.70 3.53 13.65
C CYS D 418 41.34 4.87 13.00
N ASP D 419 41.76 5.05 11.76
CA ASP D 419 41.40 6.23 10.99
C ASP D 419 40.20 5.97 10.08
N VAL D 420 40.12 4.77 9.51
CA VAL D 420 39.04 4.38 8.61
C VAL D 420 38.32 3.21 9.26
N ILE D 421 36.99 3.30 9.36
CA ILE D 421 36.18 2.18 9.81
C ILE D 421 35.12 1.90 8.76
N ILE D 422 35.13 0.70 8.20
CA ILE D 422 34.25 0.30 7.12
C ILE D 422 33.22 -0.68 7.67
N LEU D 423 31.95 -0.45 7.37
CA LEU D 423 30.85 -1.32 7.79
C LEU D 423 30.19 -1.88 6.53
N ASP D 424 30.23 -3.22 6.39
CA ASP D 424 29.89 -3.90 5.15
C ASP D 424 28.40 -3.87 4.84
N HIS D 425 27.55 -3.94 5.86
CA HIS D 425 26.12 -4.16 5.64
C HIS D 425 25.37 -3.73 6.89
N ILE D 426 24.39 -2.85 6.72
CA ILE D 426 23.65 -2.32 7.86
C ILE D 426 22.27 -2.96 8.02
N SER D 427 21.76 -3.63 6.98
CA SER D 427 20.40 -4.15 7.03
C SER D 427 20.25 -5.35 7.97
N ILE D 428 21.32 -6.11 8.17
CA ILE D 428 21.26 -7.23 9.11
C ILE D 428 21.54 -6.82 10.55
N VAL D 429 21.86 -5.54 10.78
CA VAL D 429 22.00 -5.07 12.16
C VAL D 429 20.64 -5.03 12.83
N VAL D 430 19.61 -4.61 12.09
CA VAL D 430 18.24 -4.59 12.61
C VAL D 430 17.66 -5.99 12.58
N SER D 431 17.39 -6.56 13.74
CA SER D 431 16.79 -7.89 13.85
C SER D 431 15.33 -7.77 14.26
N ARG D 439 11.72 1.14 12.35
CA ARG D 439 11.95 2.49 11.81
C ARG D 439 12.67 3.33 12.86
N LYS D 440 12.11 3.35 14.07
CA LYS D 440 12.75 4.07 15.17
C LYS D 440 14.07 3.42 15.57
N MET D 441 14.17 2.10 15.44
CA MET D 441 15.43 1.40 15.69
C MET D 441 16.49 1.69 14.64
N ILE D 442 16.11 2.25 13.50
CA ILE D 442 17.06 2.64 12.46
C ILE D 442 17.41 4.09 12.66
N ASP D 443 16.43 4.89 13.09
CA ASP D 443 16.66 6.30 13.37
C ASP D 443 17.63 6.49 14.53
N ASN D 444 17.39 5.77 15.64
CA ASN D 444 18.25 5.86 16.81
C ASN D 444 19.64 5.36 16.50
N LEU D 445 19.74 4.30 15.68
CA LEU D 445 21.04 3.75 15.31
C LEU D 445 21.83 4.73 14.45
N MET D 446 21.16 5.38 13.49
CA MET D 446 21.87 6.35 12.65
C MET D 446 22.28 7.60 13.41
N THR D 447 21.45 8.09 14.33
CA THR D 447 21.84 9.21 15.18
C THR D 447 23.02 8.83 16.08
N LYS D 448 23.02 7.60 16.61
CA LYS D 448 24.11 7.18 17.48
C LYS D 448 25.42 7.00 16.69
N LEU D 449 25.33 6.49 15.46
CA LEU D 449 26.53 6.36 14.64
C LEU D 449 27.08 7.71 14.21
N LYS D 450 26.19 8.68 13.92
CA LYS D 450 26.65 10.01 13.58
C LYS D 450 27.28 10.71 14.78
N GLY D 451 26.69 10.51 15.97
CA GLY D 451 27.28 11.08 17.18
C GLY D 451 28.63 10.47 17.51
N PHE D 452 28.79 9.16 17.29
CA PHE D 452 30.08 8.51 17.49
C PHE D 452 31.12 9.02 16.50
N ALA D 453 30.75 9.09 15.22
CA ALA D 453 31.72 9.51 14.20
C ALA D 453 32.03 11.00 14.28
N LYS D 454 31.19 11.78 14.95
CA LYS D 454 31.52 13.18 15.14
C LYS D 454 32.31 13.39 16.44
N SER D 455 32.02 12.61 17.48
CA SER D 455 32.73 12.76 18.74
C SER D 455 34.16 12.26 18.63
N THR D 456 34.38 11.16 17.90
CA THR D 456 35.73 10.66 17.73
C THR D 456 36.42 11.23 16.49
N GLY D 457 35.65 11.73 15.53
CA GLY D 457 36.24 12.27 14.32
C GLY D 457 36.81 11.24 13.37
N VAL D 458 36.40 9.99 13.50
CA VAL D 458 36.91 8.93 12.66
C VAL D 458 36.16 8.93 11.32
N VAL D 459 36.84 8.57 10.25
CA VAL D 459 36.19 8.40 8.96
C VAL D 459 35.42 7.10 8.99
N LEU D 460 34.13 7.16 8.70
CA LEU D 460 33.22 6.04 8.84
C LEU D 460 32.45 5.81 7.55
N VAL D 461 32.59 4.62 6.97
CA VAL D 461 31.92 4.26 5.73
C VAL D 461 30.88 3.20 6.05
N VAL D 462 29.67 3.36 5.54
CA VAL D 462 28.55 2.46 5.76
C VAL D 462 28.00 2.04 4.41
N ILE D 463 27.80 0.73 4.21
CA ILE D 463 27.26 0.25 2.95
C ILE D 463 25.86 -0.33 3.16
N CYS D 464 24.90 0.13 2.34
CA CYS D 464 23.55 -0.41 2.34
C CYS D 464 23.11 -0.72 0.91
N HIS D 465 21.98 -1.41 0.78
CA HIS D 465 21.43 -1.78 -0.51
C HIS D 465 20.27 -0.85 -0.90
N LEU D 466 19.68 -1.14 -2.05
CA LEU D 466 18.55 -0.40 -2.60
C LEU D 466 17.25 -1.13 -2.30
N LYS D 467 16.15 -0.46 -2.64
CA LYS D 467 14.78 -1.02 -2.47
C LYS D 467 14.27 -1.48 -3.84
N ASN D 468 13.22 -2.31 -3.84
CA ASN D 468 12.66 -2.87 -5.10
C ASN D 468 11.84 -1.78 -5.81
N PRO D 469 12.24 -1.33 -7.02
CA PRO D 469 11.47 -0.34 -7.77
C PRO D 469 10.16 -0.92 -8.24
N ASP D 470 9.15 -0.07 -8.33
CA ASP D 470 7.79 -0.54 -8.60
C ASP D 470 7.42 -0.55 -10.07
N LYS D 471 8.01 0.32 -10.90
CA LYS D 471 7.61 0.43 -12.29
C LYS D 471 8.83 0.72 -13.13
N GLY D 472 8.96 0.03 -14.26
CA GLY D 472 10.10 0.21 -15.13
C GLY D 472 11.07 -0.94 -15.04
N LYS D 473 12.32 -0.71 -15.40
CA LYS D 473 13.33 -1.75 -15.31
C LYS D 473 13.85 -1.85 -13.88
N ALA D 474 14.71 -2.84 -13.64
CA ALA D 474 15.40 -2.98 -12.38
C ALA D 474 16.73 -2.24 -12.42
N HIS D 475 17.31 -2.04 -11.24
CA HIS D 475 18.57 -1.30 -11.13
C HIS D 475 19.75 -2.07 -11.72
N GLU D 476 19.64 -3.39 -11.81
CA GLU D 476 20.75 -4.23 -12.23
C GLU D 476 21.00 -4.21 -13.73
N GLU D 477 20.08 -3.66 -14.52
CA GLU D 477 20.23 -3.58 -15.97
C GLU D 477 20.49 -2.15 -16.43
N GLY D 478 21.03 -1.32 -15.54
CA GLY D 478 21.44 0.01 -15.93
C GLY D 478 20.48 1.13 -15.62
N ARG D 479 19.51 0.91 -14.74
CA ARG D 479 18.62 1.99 -14.36
C ARG D 479 19.33 2.94 -13.40
N PRO D 480 19.28 4.25 -13.64
CA PRO D 480 19.95 5.18 -12.73
C PRO D 480 19.22 5.30 -11.40
N VAL D 481 20.02 5.45 -10.35
CA VAL D 481 19.52 5.38 -8.98
C VAL D 481 19.23 6.78 -8.47
N SER D 482 18.02 6.98 -7.95
CA SER D 482 17.65 8.21 -7.28
C SER D 482 17.92 8.11 -5.78
N ILE D 483 17.76 9.24 -5.09
CA ILE D 483 18.09 9.30 -3.67
C ILE D 483 16.95 8.76 -2.80
N THR D 484 15.78 8.50 -3.39
CA THR D 484 14.68 7.89 -2.64
C THR D 484 14.99 6.43 -2.33
N ASP D 485 15.67 5.75 -3.25
CA ASP D 485 15.87 4.30 -3.20
C ASP D 485 16.87 3.95 -2.09
N LEU D 486 16.37 3.94 -0.85
CA LEU D 486 17.14 3.53 0.31
C LEU D 486 16.18 2.83 1.26
N ARG D 487 16.53 1.60 1.63
CA ARG D 487 15.60 0.80 2.44
C ARG D 487 15.59 1.27 3.89
N GLY D 488 14.79 0.57 4.68
CA GLY D 488 14.71 0.83 6.11
C GLY D 488 13.85 2.04 6.43
N SER D 489 14.37 3.22 6.14
CA SER D 489 13.64 4.48 6.29
C SER D 489 14.30 5.50 5.37
N GLY D 490 13.97 6.77 5.58
CA GLY D 490 14.58 7.83 4.82
C GLY D 490 15.71 8.50 5.54
N ALA D 491 16.09 7.95 6.70
CA ALA D 491 17.14 8.52 7.53
C ALA D 491 18.53 8.26 6.99
N LEU D 492 18.67 7.41 5.96
CA LEU D 492 20.00 7.09 5.44
C LEU D 492 20.58 8.25 4.64
N ARG D 493 19.73 9.18 4.19
CA ARG D 493 20.19 10.31 3.40
C ARG D 493 20.12 11.64 4.14
N GLN D 494 19.43 11.70 5.28
CA GLN D 494 19.33 12.94 6.04
C GLN D 494 20.44 13.11 7.06
N LEU D 495 21.17 12.05 7.40
CA LEU D 495 22.26 12.13 8.36
C LEU D 495 23.58 11.64 7.78
N SER D 496 23.71 11.61 6.45
CA SER D 496 24.93 11.17 5.80
C SER D 496 25.46 12.29 4.91
N ASP D 497 26.79 12.39 4.85
CA ASP D 497 27.42 13.52 4.19
C ASP D 497 27.60 13.31 2.69
N THR D 498 27.84 12.09 2.24
CA THR D 498 27.95 11.83 0.82
C THR D 498 27.41 10.45 0.48
N ILE D 499 26.88 10.34 -0.75
CA ILE D 499 26.27 9.12 -1.25
C ILE D 499 26.86 8.85 -2.63
N ILE D 500 27.46 7.66 -2.79
CA ILE D 500 28.05 7.24 -4.05
C ILE D 500 27.30 6.01 -4.53
N ALA D 501 26.76 6.08 -5.74
CA ALA D 501 26.04 4.96 -6.32
C ALA D 501 26.79 4.45 -7.54
N LEU D 502 26.78 3.12 -7.72
CA LEU D 502 27.48 2.49 -8.83
C LEU D 502 26.48 1.66 -9.62
N GLU D 503 26.53 1.78 -10.95
CA GLU D 503 25.58 1.10 -11.82
C GLU D 503 26.32 0.40 -12.94
N ARG D 504 25.71 -0.68 -13.46
CA ARG D 504 26.31 -1.47 -14.57
C ARG D 504 25.23 -2.37 -15.19
N ASN D 505 25.16 -2.39 -16.53
CA ASN D 505 24.18 -3.21 -17.24
C ASN D 505 24.66 -4.65 -17.19
N GLN D 506 24.01 -5.48 -16.36
CA GLN D 506 24.53 -6.81 -16.08
C GLN D 506 24.32 -7.74 -17.25
N GLN D 507 23.05 -7.96 -17.64
CA GLN D 507 22.74 -8.72 -18.85
C GLN D 507 22.68 -7.79 -20.05
N GLY D 508 23.84 -7.19 -20.35
CA GLY D 508 23.93 -6.24 -21.44
C GLY D 508 25.00 -6.59 -22.44
N ASP D 509 25.51 -5.57 -23.14
CA ASP D 509 26.58 -5.81 -24.10
C ASP D 509 27.91 -6.10 -23.42
N MET D 510 28.19 -5.39 -22.31
CA MET D 510 29.29 -5.78 -21.42
C MET D 510 28.96 -5.33 -20.00
N PRO D 511 29.12 -6.20 -19.00
CA PRO D 511 28.84 -5.81 -17.61
C PRO D 511 30.05 -5.22 -16.90
N ASN D 512 31.09 -4.87 -17.66
CA ASN D 512 32.32 -4.35 -17.10
C ASN D 512 32.33 -2.84 -16.95
N LEU D 513 31.83 -2.11 -17.96
CA LEU D 513 31.86 -0.66 -17.95
C LEU D 513 30.85 -0.14 -16.93
N VAL D 514 31.34 0.29 -15.77
CA VAL D 514 30.48 0.73 -14.68
C VAL D 514 30.43 2.26 -14.66
N LEU D 515 29.34 2.78 -14.12
CA LEU D 515 29.12 4.20 -13.94
C LEU D 515 29.12 4.50 -12.45
N VAL D 516 29.70 5.63 -12.08
CA VAL D 516 29.74 6.10 -10.71
C VAL D 516 29.08 7.46 -10.64
N ARG D 517 28.13 7.62 -9.72
CA ARG D 517 27.37 8.86 -9.59
C ARG D 517 27.44 9.35 -8.15
N ILE D 518 27.82 10.61 -7.99
CA ILE D 518 27.68 11.31 -6.72
C ILE D 518 26.25 11.82 -6.62
N LEU D 519 25.57 11.50 -5.52
CA LEU D 519 24.19 11.95 -5.32
C LEU D 519 24.07 13.15 -4.41
N LYS D 520 24.91 13.25 -3.39
CA LYS D 520 24.86 14.37 -2.46
C LYS D 520 26.25 14.58 -1.89
N CYS D 521 26.59 15.83 -1.61
CA CYS D 521 27.82 16.15 -0.90
C CYS D 521 27.60 17.46 -0.17
N ARG D 522 27.79 17.46 1.15
CA ARG D 522 27.64 18.69 1.91
C ARG D 522 28.81 19.64 1.67
N PHE D 523 30.03 19.12 1.70
CA PHE D 523 31.21 19.97 1.69
C PHE D 523 31.53 20.55 0.32
N THR D 524 31.23 19.85 -0.77
CA THR D 524 31.56 20.35 -2.10
C THR D 524 30.33 20.74 -2.90
N GLY D 525 29.28 19.91 -2.89
CA GLY D 525 28.00 20.26 -3.46
C GLY D 525 27.80 19.75 -4.88
N ASP D 526 28.86 19.77 -5.69
CA ASP D 526 28.75 19.33 -7.08
C ASP D 526 28.56 17.82 -7.16
N THR D 527 27.52 17.40 -7.90
CA THR D 527 27.12 16.01 -7.98
C THR D 527 27.12 15.57 -9.44
N GLY D 528 26.60 14.36 -9.67
CA GLY D 528 26.42 13.88 -11.02
C GLY D 528 27.36 12.75 -11.34
N ILE D 529 27.50 12.48 -12.64
CA ILE D 529 28.34 11.39 -13.13
C ILE D 529 29.80 11.78 -12.94
N ALA D 530 30.59 10.89 -12.33
CA ALA D 530 32.01 11.14 -12.15
C ALA D 530 32.84 10.55 -13.28
N GLY D 531 32.71 9.25 -13.51
CA GLY D 531 33.51 8.63 -14.55
C GLY D 531 33.07 7.25 -14.97
N TYR D 532 33.97 6.48 -15.56
CA TYR D 532 33.68 5.15 -16.07
C TYR D 532 34.87 4.24 -15.84
N MET D 533 34.60 3.07 -15.26
CA MET D 533 35.64 2.09 -14.95
C MET D 533 35.32 0.75 -15.57
N GLU D 534 36.37 -0.02 -15.83
CA GLU D 534 36.24 -1.42 -16.19
C GLU D 534 36.83 -2.29 -15.08
N TYR D 535 36.52 -3.58 -15.13
CA TYR D 535 36.84 -4.47 -14.03
C TYR D 535 38.18 -5.20 -14.19
N ASN D 536 38.60 -5.48 -15.43
CA ASN D 536 39.81 -6.26 -15.75
C ASN D 536 39.73 -7.64 -15.11
N LYS D 537 38.82 -8.45 -15.68
CA LYS D 537 38.43 -9.78 -15.18
C LYS D 537 39.61 -10.71 -14.91
N GLU D 538 40.72 -10.55 -15.63
CA GLU D 538 41.91 -11.34 -15.36
C GLU D 538 42.51 -10.98 -14.00
N THR D 539 42.55 -9.69 -13.67
CA THR D 539 43.10 -9.26 -12.39
C THR D 539 42.01 -8.92 -11.38
N GLY D 540 41.15 -7.96 -11.70
CA GLY D 540 40.11 -7.54 -10.78
C GLY D 540 40.26 -6.14 -10.23
N TRP D 541 40.98 -5.27 -10.93
CA TRP D 541 41.13 -3.87 -10.53
C TRP D 541 40.11 -3.01 -11.27
N LEU D 542 39.31 -2.27 -10.51
CA LEU D 542 38.42 -1.27 -11.10
C LEU D 542 39.29 -0.13 -11.61
N GLU D 543 39.55 -0.11 -12.91
CA GLU D 543 40.41 0.95 -13.41
C GLU D 543 39.64 1.89 -14.33
N PRO D 544 39.95 3.18 -14.32
CA PRO D 544 39.24 4.11 -15.20
C PRO D 544 39.66 3.94 -16.65
N SER D 545 38.69 4.07 -17.54
CA SER D 545 38.91 3.90 -18.96
C SER D 545 38.16 4.96 -19.74
N SER D 546 38.52 5.11 -21.02
CA SER D 546 37.99 6.15 -21.87
C SER D 546 36.58 5.79 -22.34
N TYR D 547 35.60 6.57 -21.90
CA TYR D 547 34.23 6.41 -22.37
C TYR D 547 33.52 7.75 -22.22
N SER D 548 33.23 8.40 -23.34
CA SER D 548 32.53 9.68 -23.30
C SER D 548 31.03 9.49 -23.12
N GLY D 549 30.40 8.74 -24.02
CA GLY D 549 28.98 8.49 -23.94
C GLY D 549 28.53 7.36 -24.86
N ASP E 263 -9.78 35.51 38.61
CA ASP E 263 -10.36 35.34 37.28
C ASP E 263 -9.33 35.65 36.19
N GLY E 264 -9.62 35.22 34.97
CA GLY E 264 -8.77 35.51 33.83
C GLY E 264 -9.55 36.13 32.70
N VAL E 265 -10.74 36.64 33.02
CA VAL E 265 -11.61 37.27 32.03
C VAL E 265 -11.14 38.70 31.80
N VAL E 266 -11.21 39.15 30.54
CA VAL E 266 -10.85 40.51 30.15
C VAL E 266 -11.98 41.03 29.27
N SER E 267 -12.66 42.07 29.75
CA SER E 267 -13.68 42.72 28.94
C SER E 267 -13.04 43.57 27.85
N ALA E 268 -13.81 43.86 26.81
CA ALA E 268 -13.35 44.71 25.72
C ALA E 268 -13.38 46.18 26.08
N LEU E 269 -14.00 46.56 27.20
CA LEU E 269 -14.12 47.96 27.57
C LEU E 269 -12.83 48.50 28.18
N SER E 270 -12.28 47.79 29.17
CA SER E 270 -11.08 48.25 29.86
C SER E 270 -9.80 47.72 29.20
N LEU E 271 -9.67 47.99 27.89
CA LEU E 271 -8.53 47.49 27.14
C LEU E 271 -8.00 48.55 26.17
N ARG E 272 -8.38 49.81 26.35
CA ARG E 272 -7.93 50.87 25.44
C ARG E 272 -6.45 51.16 25.62
N GLU E 273 -5.93 51.00 26.84
CA GLU E 273 -4.52 51.26 27.10
C GLU E 273 -3.63 50.17 26.51
N ARG E 274 -3.97 48.90 26.77
CA ARG E 274 -3.13 47.78 26.37
C ARG E 274 -3.05 47.61 24.84
N ILE E 275 -4.05 48.09 24.11
CA ILE E 275 -3.94 48.12 22.66
C ILE E 275 -3.09 49.32 22.22
N ARG E 276 -3.21 50.46 22.93
CA ARG E 276 -2.47 51.66 22.57
C ARG E 276 -0.97 51.48 22.74
N GLU E 277 -0.56 50.78 23.80
CA GLU E 277 0.85 50.44 23.96
C GLU E 277 1.28 49.26 23.10
N HIS E 278 0.35 48.65 22.36
CA HIS E 278 0.70 47.52 21.50
C HIS E 278 0.98 47.94 20.08
N LEU E 279 0.21 48.89 19.54
CA LEU E 279 0.40 49.36 18.18
C LEU E 279 1.31 50.58 18.08
N SER E 280 2.00 50.93 19.17
CA SER E 280 2.90 52.07 19.15
C SER E 280 4.30 51.65 18.70
N VAL E 285 6.68 45.72 10.77
CA VAL E 285 7.23 44.89 9.71
C VAL E 285 8.24 43.91 10.27
N GLY E 286 9.26 44.42 10.94
CA GLY E 286 10.26 43.60 11.58
C GLY E 286 11.47 43.35 10.69
N LEU E 287 12.07 42.17 10.89
CA LEU E 287 13.32 41.83 10.22
C LEU E 287 13.06 41.42 8.78
N LEU E 288 14.03 41.72 7.91
CA LEU E 288 13.93 41.39 6.50
C LEU E 288 14.80 40.19 6.16
N PHE E 289 14.48 39.56 5.03
CA PHE E 289 15.26 38.44 4.53
C PHE E 289 16.10 38.87 3.33
N SER E 290 17.33 38.38 3.29
CA SER E 290 18.30 38.74 2.26
C SER E 290 18.31 37.69 1.17
N GLY E 291 18.39 38.14 -0.08
CA GLY E 291 18.30 37.25 -1.22
C GLY E 291 16.85 36.92 -1.57
N CYS E 292 16.55 36.85 -2.86
CA CYS E 292 15.20 36.64 -3.44
C CYS E 292 14.16 37.54 -2.78
N THR E 293 14.30 38.83 -3.06
CA THR E 293 13.54 39.90 -2.40
C THR E 293 12.02 39.89 -2.63
N GLY E 294 11.49 38.86 -3.29
CA GLY E 294 10.08 38.59 -3.28
C GLY E 294 9.63 37.76 -2.08
N ILE E 295 10.42 37.76 -1.01
CA ILE E 295 10.00 37.19 0.27
C ILE E 295 9.34 38.28 1.09
N ASN E 296 10.10 39.34 1.40
CA ASN E 296 9.53 40.48 2.11
C ASN E 296 8.64 41.34 1.21
N ASP E 297 8.63 41.07 -0.10
CA ASP E 297 7.55 41.56 -0.96
C ASP E 297 6.27 40.75 -0.78
N LYS E 298 6.39 39.50 -0.31
CA LYS E 298 5.25 38.60 -0.20
C LYS E 298 4.78 38.43 1.24
N THR E 299 5.66 38.00 2.15
CA THR E 299 5.29 37.79 3.54
C THR E 299 5.76 38.92 4.45
N LEU E 300 6.38 39.97 3.89
CA LEU E 300 6.78 41.18 4.59
C LEU E 300 7.79 40.91 5.70
N GLY E 301 8.66 39.94 5.48
CA GLY E 301 9.73 39.65 6.40
C GLY E 301 9.27 38.99 7.69
N ALA E 302 10.23 38.86 8.62
CA ALA E 302 9.97 38.21 9.89
C ALA E 302 9.43 39.21 10.92
N ARG E 303 8.68 38.68 11.88
CA ARG E 303 8.05 39.50 12.92
C ARG E 303 8.34 38.88 14.28
N GLY E 304 7.94 39.60 15.32
CA GLY E 304 8.22 39.13 16.67
C GLY E 304 7.27 38.04 17.11
N GLY E 305 7.77 37.18 18.00
CA GLY E 305 6.97 36.12 18.59
C GLY E 305 6.62 34.97 17.68
N GLU E 306 7.21 34.89 16.49
CA GLU E 306 6.82 33.90 15.50
C GLU E 306 7.60 32.59 15.67
N VAL E 307 7.14 31.58 14.94
CA VAL E 307 7.84 30.31 14.77
C VAL E 307 7.88 30.03 13.28
N ILE E 308 9.07 30.07 12.70
CA ILE E 308 9.26 29.98 11.25
C ILE E 308 9.86 28.61 10.94
N MET E 309 9.31 27.92 9.95
CA MET E 309 9.80 26.60 9.57
C MET E 309 10.43 26.70 8.19
N VAL E 310 11.63 26.13 8.05
CA VAL E 310 12.36 26.09 6.79
C VAL E 310 12.57 24.62 6.46
N THR E 311 11.82 24.11 5.48
CA THR E 311 11.79 22.69 5.19
C THR E 311 12.19 22.44 3.74
N SER E 312 13.20 21.60 3.54
CA SER E 312 13.59 21.14 2.22
C SER E 312 14.19 19.75 2.36
N GLY E 313 14.65 19.19 1.26
CA GLY E 313 15.29 17.89 1.26
C GLY E 313 16.72 17.95 1.73
N SER E 314 17.40 16.81 1.61
CA SER E 314 18.79 16.71 2.04
C SER E 314 19.71 17.34 1.00
N GLY E 315 20.58 18.24 1.45
CA GLY E 315 21.50 18.92 0.57
C GLY E 315 20.92 20.06 -0.23
N MET E 316 19.65 20.39 -0.01
CA MET E 316 18.98 21.44 -0.79
C MET E 316 19.44 22.84 -0.42
N GLY E 317 20.08 23.03 0.72
CA GLY E 317 20.54 24.35 1.10
C GLY E 317 19.72 24.99 2.20
N LYS E 318 19.34 24.20 3.21
CA LYS E 318 18.66 24.77 4.36
C LYS E 318 19.64 25.52 5.25
N SER E 319 20.72 24.85 5.65
CA SER E 319 21.69 25.44 6.57
C SER E 319 22.46 26.58 5.93
N THR E 320 22.70 26.51 4.61
CA THR E 320 23.34 27.62 3.90
C THR E 320 22.47 28.86 3.91
N PHE E 321 21.17 28.68 3.68
CA PHE E 321 20.23 29.80 3.69
C PHE E 321 20.11 30.42 5.08
N VAL E 322 19.94 29.58 6.11
CA VAL E 322 19.77 30.14 7.45
C VAL E 322 21.09 30.72 7.98
N ARG E 323 22.23 30.24 7.49
CA ARG E 323 23.51 30.79 7.91
C ARG E 323 23.76 32.14 7.25
N GLN E 324 23.35 32.28 5.97
CA GLN E 324 23.43 33.57 5.30
C GLN E 324 22.50 34.59 5.96
N GLN E 325 21.33 34.12 6.40
CA GLN E 325 20.33 34.98 7.09
C GLN E 325 20.91 35.40 8.45
N ALA E 326 21.61 34.48 9.13
CA ALA E 326 22.20 34.77 10.44
C ALA E 326 23.37 35.73 10.30
N LEU E 327 24.08 35.68 9.17
CA LEU E 327 25.11 36.69 8.91
C LEU E 327 24.49 38.05 8.63
N GLN E 328 23.44 38.08 7.81
CA GLN E 328 22.80 39.34 7.45
C GLN E 328 21.98 39.95 8.58
N TRP E 329 21.71 39.21 9.66
CA TRP E 329 21.01 39.78 10.81
C TRP E 329 21.97 40.11 11.95
N GLY E 330 23.28 40.01 11.73
CA GLY E 330 24.24 40.25 12.79
C GLY E 330 25.27 41.30 12.44
N THR E 331 25.27 41.77 11.19
CA THR E 331 26.18 42.81 10.74
C THR E 331 25.46 44.13 10.48
N ALA E 332 24.46 44.13 9.61
CA ALA E 332 23.72 45.35 9.34
C ALA E 332 22.63 45.61 10.37
N MET E 333 22.17 44.59 11.08
CA MET E 333 21.12 44.75 12.08
C MET E 333 21.66 44.93 13.48
N GLY E 334 22.67 44.17 13.86
CA GLY E 334 23.24 44.26 15.20
C GLY E 334 22.42 43.61 16.28
N LYS E 335 21.39 42.85 15.93
CA LYS E 335 20.56 42.18 16.93
C LYS E 335 21.27 40.94 17.45
N LYS E 336 21.00 40.61 18.71
CA LYS E 336 21.67 39.49 19.34
C LYS E 336 21.12 38.17 18.82
N VAL E 337 22.00 37.32 18.29
CA VAL E 337 21.62 36.11 17.59
C VAL E 337 22.12 34.91 18.39
N GLY E 338 21.21 33.97 18.68
CA GLY E 338 21.57 32.74 19.37
C GLY E 338 21.42 31.52 18.49
N LEU E 339 22.54 30.88 18.18
CA LEU E 339 22.53 29.71 17.30
C LEU E 339 22.37 28.44 18.12
N ALA E 340 21.79 27.43 17.50
CA ALA E 340 21.79 26.06 18.01
C ALA E 340 22.02 25.17 16.80
N MET E 341 23.28 24.96 16.48
CA MET E 341 23.69 24.11 15.37
C MET E 341 24.00 22.72 15.93
N LEU E 342 22.93 21.94 16.12
CA LEU E 342 23.09 20.57 16.57
C LEU E 342 23.56 19.63 15.47
N GLN E 343 23.50 20.10 14.22
CA GLN E 343 23.87 19.25 13.04
C GLN E 343 25.39 19.11 12.88
N GLU E 344 26.15 20.13 13.29
CA GLU E 344 27.61 20.11 13.13
C GLU E 344 28.24 20.77 14.34
N SER E 345 29.54 21.05 14.24
CA SER E 345 30.33 21.55 15.34
C SER E 345 30.16 23.06 15.53
N VAL E 346 30.92 23.61 16.48
CA VAL E 346 30.84 25.04 16.76
C VAL E 346 31.96 25.83 16.10
N GLU E 347 32.97 25.17 15.55
CA GLU E 347 34.05 25.87 14.85
C GLU E 347 33.82 25.95 13.36
N GLU E 348 33.25 24.91 12.76
CA GLU E 348 32.97 24.91 11.33
C GLU E 348 31.88 25.93 10.99
N THR E 349 30.89 26.07 11.88
CA THR E 349 29.83 27.05 11.68
C THR E 349 30.32 28.48 11.85
N ALA E 350 31.50 28.70 12.44
CA ALA E 350 32.09 30.02 12.49
C ALA E 350 33.04 30.25 11.31
N GLU E 351 33.75 29.20 10.88
CA GLU E 351 34.61 29.31 9.71
C GLU E 351 33.79 29.56 8.44
N ASP E 352 32.59 28.98 8.37
CA ASP E 352 31.71 29.25 7.23
C ASP E 352 31.20 30.69 7.25
N LEU E 353 30.91 31.23 8.43
CA LEU E 353 30.52 32.64 8.53
C LEU E 353 31.65 33.57 8.13
N ILE E 354 32.89 33.25 8.54
CA ILE E 354 34.05 34.06 8.18
C ILE E 354 34.29 34.03 6.67
N GLY E 355 34.22 32.83 6.06
CA GLY E 355 34.37 32.73 4.62
C GLY E 355 33.25 33.39 3.83
N LEU E 356 32.02 33.32 4.34
CA LEU E 356 30.89 33.95 3.67
C LEU E 356 30.98 35.47 3.76
N HIS E 357 31.41 35.99 4.92
CA HIS E 357 31.55 37.43 5.08
C HIS E 357 32.72 37.96 4.27
N ASN E 358 33.74 37.13 4.03
CA ASN E 358 34.94 37.58 3.32
C ASN E 358 34.94 37.21 1.85
N ARG E 359 33.79 36.84 1.29
CA ARG E 359 33.56 36.60 -0.14
C ARG E 359 34.42 35.46 -0.71
N VAL E 360 34.99 34.60 0.14
CA VAL E 360 35.93 33.58 -0.29
C VAL E 360 35.46 32.24 0.24
N ARG E 361 35.37 31.25 -0.66
CA ARG E 361 35.07 29.87 -0.26
C ARG E 361 36.25 29.36 0.56
N LEU E 362 36.09 29.34 1.88
CA LEU E 362 37.18 29.14 2.82
C LEU E 362 37.39 27.68 3.19
N ARG E 363 36.33 27.00 3.61
CA ARG E 363 36.45 25.65 4.16
C ARG E 363 36.75 24.59 3.10
N GLN E 364 36.83 24.99 1.84
CA GLN E 364 37.06 24.08 0.72
C GLN E 364 38.42 24.26 0.07
N SER E 365 39.02 25.45 0.16
CA SER E 365 40.33 25.71 -0.42
C SER E 365 41.39 25.49 0.65
N ASP E 366 42.28 24.52 0.41
CA ASP E 366 43.28 24.17 1.40
C ASP E 366 44.44 25.17 1.40
N SER E 367 44.75 25.76 0.23
CA SER E 367 45.89 26.66 0.13
C SER E 367 45.62 27.99 0.83
N LEU E 368 44.41 28.52 0.71
CA LEU E 368 44.11 29.82 1.27
C LEU E 368 43.98 29.79 2.79
N LYS E 369 43.57 28.66 3.35
CA LYS E 369 43.47 28.51 4.80
C LYS E 369 44.81 28.66 5.49
N ARG E 370 45.89 28.18 4.87
CA ARG E 370 47.23 28.39 5.39
C ARG E 370 47.89 29.65 4.82
N GLU E 371 47.35 30.21 3.74
CA GLU E 371 47.92 31.44 3.20
C GLU E 371 47.51 32.65 4.03
N ILE E 372 46.30 32.63 4.60
CA ILE E 372 45.83 33.80 5.36
C ILE E 372 46.42 33.79 6.77
N ILE E 373 47.01 32.68 7.18
CA ILE E 373 47.60 32.60 8.50
C ILE E 373 49.05 32.14 8.40
N LYS E 377 46.47 37.79 8.84
CA LYS E 377 45.24 38.52 8.56
C LYS E 377 44.03 37.76 9.05
N PHE E 378 44.31 36.67 9.78
CA PHE E 378 43.25 35.90 10.42
C PHE E 378 42.53 36.74 11.47
N ASP E 379 43.27 37.44 12.32
CA ASP E 379 42.64 38.28 13.33
C ASP E 379 41.94 39.48 12.68
N GLN E 380 42.46 39.95 11.54
CA GLN E 380 41.81 41.01 10.78
C GLN E 380 40.46 40.57 10.25
N TRP E 381 40.35 39.34 9.76
CA TRP E 381 39.04 38.83 9.37
C TRP E 381 38.19 38.42 10.57
N PHE E 382 38.82 38.15 11.71
CA PHE E 382 38.06 37.72 12.88
C PHE E 382 37.36 38.88 13.56
N ASP E 383 38.11 39.92 13.93
CA ASP E 383 37.60 41.00 14.75
C ASP E 383 36.54 41.84 14.05
N GLU E 384 36.61 41.95 12.71
CA GLU E 384 35.66 42.77 11.95
C GLU E 384 34.24 42.22 12.06
N LEU E 385 34.09 40.91 12.23
CA LEU E 385 32.77 40.33 12.39
C LEU E 385 32.46 39.87 13.81
N PHE E 386 33.46 39.70 14.68
CA PHE E 386 33.21 39.28 16.06
C PHE E 386 33.70 40.27 17.10
N GLY E 387 33.79 41.57 16.76
CA GLY E 387 34.11 42.55 17.78
C GLY E 387 32.96 42.89 18.68
N ASN E 388 31.74 42.62 18.24
CA ASN E 388 30.56 42.87 19.05
C ASN E 388 30.26 41.63 19.89
N ASP E 389 29.20 41.68 20.69
CA ASP E 389 28.72 40.53 21.45
C ASP E 389 27.42 40.02 20.82
N THR E 390 27.41 40.01 19.48
CA THR E 390 26.22 39.66 18.71
C THR E 390 25.86 38.18 18.86
N PHE E 391 26.81 37.30 18.53
CA PHE E 391 26.49 35.90 18.36
C PHE E 391 26.75 35.10 19.63
N HIS E 392 25.88 34.13 19.90
CA HIS E 392 26.03 33.22 21.03
C HIS E 392 25.73 31.81 20.53
N LEU E 393 26.73 30.94 20.59
CA LEU E 393 26.63 29.61 20.02
C LEU E 393 26.17 28.59 21.08
N TYR E 394 26.03 27.35 20.66
CA TYR E 394 25.65 26.26 21.55
C TYR E 394 26.41 25.01 21.17
N ASP E 395 26.93 24.29 22.17
CA ASP E 395 27.66 23.06 21.93
C ASP E 395 26.69 21.94 21.56
N ARG E 404 15.85 20.48 29.53
CA ARG E 404 17.23 20.94 29.50
C ARG E 404 17.46 21.96 28.38
N LEU E 405 17.05 21.59 27.16
CA LEU E 405 17.21 22.49 26.03
C LEU E 405 16.30 23.70 26.17
N LEU E 406 15.13 23.52 26.78
CA LEU E 406 14.25 24.66 27.07
C LEU E 406 14.86 25.60 28.09
N ALA E 407 15.55 25.06 29.10
CA ALA E 407 16.24 25.90 30.08
C ALA E 407 17.40 26.64 29.43
N LYS E 408 18.12 25.97 28.53
CA LYS E 408 19.21 26.63 27.79
C LYS E 408 18.69 27.75 26.92
N LEU E 409 17.55 27.55 26.25
CA LEU E 409 16.99 28.60 25.40
C LEU E 409 16.42 29.75 26.24
N ALA E 410 15.87 29.44 27.41
CA ALA E 410 15.41 30.49 28.31
C ALA E 410 16.57 31.31 28.85
N TYR E 411 17.70 30.66 29.13
CA TYR E 411 18.89 31.39 29.53
C TYR E 411 19.44 32.25 28.39
N MET E 412 19.48 31.70 27.17
CA MET E 412 19.93 32.47 26.01
C MET E 412 19.02 33.66 25.72
N ARG E 413 17.77 33.58 26.17
CA ARG E 413 16.77 34.67 25.94
C ARG E 413 16.82 35.72 27.05
N SER E 414 17.04 35.30 28.31
CA SER E 414 17.05 36.22 29.44
C SER E 414 18.42 36.84 29.69
N GLY E 415 19.45 36.01 29.88
CA GLY E 415 20.75 36.54 30.24
C GLY E 415 21.55 37.11 29.10
N LEU E 416 21.04 37.04 27.86
CA LEU E 416 21.82 37.45 26.71
C LEU E 416 21.10 38.42 25.78
N GLY E 417 19.78 38.63 25.93
CA GLY E 417 19.09 39.57 25.07
C GLY E 417 18.93 39.10 23.64
N CYS E 418 18.92 37.80 23.40
CA CYS E 418 18.85 37.27 22.04
C CYS E 418 17.47 37.48 21.44
N ASP E 419 17.42 38.18 20.32
CA ASP E 419 16.18 38.47 19.61
C ASP E 419 15.87 37.46 18.52
N VAL E 420 16.88 36.77 18.00
CA VAL E 420 16.70 35.71 17.01
C VAL E 420 17.32 34.45 17.58
N ILE E 421 16.57 33.35 17.56
CA ILE E 421 17.06 32.05 18.02
C ILE E 421 16.85 31.05 16.91
N ILE E 422 17.95 30.41 16.47
CA ILE E 422 17.93 29.47 15.36
C ILE E 422 18.16 28.07 15.91
N LEU E 423 17.35 27.11 15.46
CA LEU E 423 17.49 25.70 15.82
C LEU E 423 17.63 24.91 14.53
N ASP E 424 18.78 24.26 14.35
CA ASP E 424 19.14 23.67 13.06
C ASP E 424 18.45 22.33 12.79
N HIS E 425 18.09 21.58 13.83
CA HIS E 425 17.61 20.21 13.64
C HIS E 425 16.75 19.82 14.83
N ILE E 426 15.48 19.47 14.57
CA ILE E 426 14.55 19.12 15.61
C ILE E 426 14.26 17.61 15.66
N SER E 427 14.61 16.87 14.60
CA SER E 427 14.23 15.45 14.53
C SER E 427 15.03 14.60 15.51
N ILE E 428 16.20 15.07 15.95
CA ILE E 428 16.95 14.37 16.99
C ILE E 428 16.50 14.76 18.39
N VAL E 429 15.76 15.85 18.54
CA VAL E 429 15.28 16.27 19.84
C VAL E 429 13.87 15.74 20.05
N ARG E 439 5.41 10.67 18.52
CA ARG E 439 4.25 11.54 18.20
C ARG E 439 4.01 12.52 19.36
N LYS E 440 3.75 12.00 20.56
CA LYS E 440 3.51 12.84 21.73
C LYS E 440 4.78 13.58 22.16
N MET E 441 5.95 12.95 21.96
CA MET E 441 7.22 13.58 22.27
C MET E 441 7.55 14.75 21.36
N ILE E 442 6.91 14.84 20.19
CA ILE E 442 7.09 15.97 19.29
C ILE E 442 5.99 16.99 19.56
N ASP E 443 4.79 16.51 19.86
CA ASP E 443 3.65 17.40 20.07
C ASP E 443 3.79 18.22 21.34
N ASN E 444 4.18 17.57 22.46
CA ASN E 444 4.36 18.29 23.71
C ASN E 444 5.53 19.26 23.61
N LEU E 445 6.58 18.86 22.89
CA LEU E 445 7.73 19.74 22.65
C LEU E 445 7.33 20.97 21.85
N MET E 446 6.50 20.79 20.81
CA MET E 446 6.09 21.93 20.00
C MET E 446 5.14 22.86 20.75
N THR E 447 4.25 22.29 21.58
CA THR E 447 3.39 23.14 22.41
C THR E 447 4.20 23.92 23.44
N LYS E 448 5.24 23.31 24.01
CA LYS E 448 6.07 24.01 24.98
C LYS E 448 6.92 25.09 24.30
N LEU E 449 7.42 24.82 23.09
CA LEU E 449 8.14 25.83 22.33
C LEU E 449 7.24 27.00 21.93
N LYS E 450 5.98 26.71 21.56
CA LYS E 450 5.07 27.78 21.17
C LYS E 450 4.66 28.61 22.38
N GLY E 451 4.49 27.97 23.54
CA GLY E 451 4.24 28.71 24.77
C GLY E 451 5.43 29.57 25.20
N PHE E 452 6.65 29.06 25.02
CA PHE E 452 7.86 29.85 25.29
C PHE E 452 7.95 31.06 24.37
N ALA E 453 7.67 30.86 23.08
CA ALA E 453 7.68 31.97 22.13
C ALA E 453 6.60 33.00 22.44
N LYS E 454 5.41 32.56 22.87
CA LYS E 454 4.35 33.47 23.28
C LYS E 454 4.73 34.24 24.55
N SER E 455 5.41 33.59 25.50
CA SER E 455 5.77 34.25 26.74
C SER E 455 6.91 35.23 26.53
N THR E 456 7.79 34.98 25.55
CA THR E 456 8.95 35.84 25.40
C THR E 456 8.77 36.92 24.33
N GLY E 457 8.24 36.59 23.16
CA GLY E 457 8.26 37.55 22.07
C GLY E 457 9.56 37.54 21.30
N VAL E 458 10.10 36.36 21.02
CA VAL E 458 11.38 36.21 20.36
C VAL E 458 11.14 35.65 18.96
N VAL E 459 11.97 36.06 18.01
CA VAL E 459 11.96 35.45 16.69
C VAL E 459 12.62 34.09 16.78
N LEU E 460 11.93 33.05 16.30
CA LEU E 460 12.38 31.68 16.47
C LEU E 460 12.28 30.94 15.15
N VAL E 461 13.41 30.41 14.68
CA VAL E 461 13.46 29.64 13.44
C VAL E 461 13.82 28.22 13.79
N VAL E 462 13.05 27.26 13.27
CA VAL E 462 13.24 25.83 13.54
C VAL E 462 13.27 25.11 12.21
N ILE E 463 14.29 24.26 12.00
CA ILE E 463 14.44 23.53 10.74
C ILE E 463 14.13 22.05 10.97
N CYS E 464 13.23 21.51 10.14
CA CYS E 464 12.98 20.07 10.07
C CYS E 464 13.00 19.63 8.61
N HIS E 465 12.95 18.32 8.38
CA HIS E 465 13.13 17.74 7.06
C HIS E 465 11.81 17.31 6.44
N LEU E 466 11.90 16.82 5.20
CA LEU E 466 10.76 16.34 4.43
C LEU E 466 10.55 14.86 4.69
N LYS E 467 9.34 14.41 4.36
CA LYS E 467 8.97 12.98 4.48
C LYS E 467 9.44 12.23 3.22
N ASN E 468 9.25 10.92 3.20
CA ASN E 468 9.66 10.10 2.07
C ASN E 468 8.53 10.00 1.07
N PRO E 469 8.72 10.46 -0.18
CA PRO E 469 7.66 10.32 -1.18
C PRO E 469 7.48 8.87 -1.61
N ASP E 470 6.22 8.49 -1.85
CA ASP E 470 5.89 7.10 -2.12
C ASP E 470 5.79 6.77 -3.61
N LYS E 471 5.32 7.70 -4.43
CA LYS E 471 5.14 7.44 -5.86
C LYS E 471 5.47 8.69 -6.64
N GLY E 472 6.24 8.54 -7.70
CA GLY E 472 6.68 9.64 -8.53
C GLY E 472 8.15 9.94 -8.35
N LYS E 473 8.51 11.18 -8.67
CA LYS E 473 9.89 11.62 -8.54
C LYS E 473 10.14 12.09 -7.12
N ALA E 474 11.38 12.50 -6.84
CA ALA E 474 11.76 12.99 -5.53
C ALA E 474 11.90 14.50 -5.54
N HIS E 475 11.99 15.08 -4.35
CA HIS E 475 12.13 16.52 -4.20
C HIS E 475 13.49 17.00 -4.70
N GLU E 476 14.49 16.11 -4.70
CA GLU E 476 15.84 16.46 -5.11
C GLU E 476 15.98 16.55 -6.62
N GLU E 477 14.99 16.09 -7.38
CA GLU E 477 15.02 16.16 -8.84
C GLU E 477 13.88 17.00 -9.41
N GLY E 478 13.39 17.98 -8.66
CA GLY E 478 12.43 18.93 -9.21
C GLY E 478 10.99 18.63 -8.93
N ARG E 479 10.65 18.13 -7.76
CA ARG E 479 9.25 17.96 -7.40
C ARG E 479 8.83 19.07 -6.44
N PRO E 480 7.68 19.71 -6.66
CA PRO E 480 7.22 20.73 -5.72
C PRO E 480 6.75 20.12 -4.41
N VAL E 481 6.82 20.92 -3.35
CA VAL E 481 6.58 20.46 -1.99
C VAL E 481 5.18 20.87 -1.57
N SER E 482 4.42 19.91 -1.07
CA SER E 482 3.13 20.18 -0.43
C SER E 482 3.30 20.26 1.08
N ILE E 483 2.24 20.69 1.76
CA ILE E 483 2.31 20.86 3.21
C ILE E 483 2.18 19.52 3.93
N THR E 484 1.84 18.46 3.22
CA THR E 484 1.85 17.12 3.77
C THR E 484 3.26 16.66 4.14
N ASP E 485 4.26 17.10 3.38
CA ASP E 485 5.62 16.57 3.47
C ASP E 485 6.34 17.03 4.73
N LEU E 486 5.89 16.57 5.90
CA LEU E 486 6.52 16.87 7.17
C LEU E 486 6.55 15.61 8.02
N ARG E 487 7.72 15.25 8.51
CA ARG E 487 7.88 14.03 9.29
C ARG E 487 7.30 14.21 10.69
N GLY E 488 7.32 13.12 11.46
CA GLY E 488 6.91 13.16 12.84
C GLY E 488 5.41 13.10 13.05
N SER E 489 4.74 14.21 12.81
CA SER E 489 3.30 14.31 13.00
C SER E 489 2.76 15.44 12.14
N GLY E 490 1.51 15.81 12.35
CA GLY E 490 0.85 16.87 11.62
C GLY E 490 0.72 18.18 12.34
N ALA E 491 1.21 18.28 13.58
CA ALA E 491 1.16 19.53 14.33
C ALA E 491 2.21 20.53 13.89
N LEU E 492 3.17 20.11 13.05
CA LEU E 492 4.23 21.01 12.61
C LEU E 492 3.70 22.10 11.68
N ARG E 493 2.65 21.80 10.92
CA ARG E 493 2.02 22.79 10.08
C ARG E 493 0.87 23.53 10.77
N GLN E 494 0.53 23.14 11.99
CA GLN E 494 -0.56 23.78 12.72
C GLN E 494 -0.09 24.70 13.84
N LEU E 495 1.06 24.41 14.44
CA LEU E 495 1.60 25.28 15.49
C LEU E 495 2.76 26.14 15.00
N SER E 496 2.81 26.43 13.71
CA SER E 496 3.80 27.33 13.16
C SER E 496 3.11 28.55 12.57
N ASP E 497 3.90 29.48 12.05
CA ASP E 497 3.38 30.70 11.47
C ASP E 497 3.70 30.88 10.00
N THR E 498 4.85 30.40 9.54
CA THR E 498 5.14 30.38 8.11
C THR E 498 6.06 29.21 7.78
N ILE E 499 5.94 28.73 6.54
CA ILE E 499 6.69 27.58 6.05
C ILE E 499 7.35 27.97 4.74
N ILE E 500 8.67 27.84 4.67
CA ILE E 500 9.47 28.24 3.53
C ILE E 500 10.18 27.01 2.99
N ALA E 501 10.05 26.77 1.69
CA ALA E 501 10.60 25.59 1.04
C ALA E 501 11.48 25.98 -0.13
N LEU E 502 12.49 25.16 -0.40
CA LEU E 502 13.40 25.37 -1.52
C LEU E 502 13.43 24.13 -2.40
N GLU E 503 13.48 24.33 -3.71
CA GLU E 503 13.48 23.24 -4.67
C GLU E 503 14.56 23.49 -5.71
N ARG E 504 15.35 22.45 -6.01
CA ARG E 504 16.44 22.56 -7.02
C ARG E 504 16.70 21.18 -7.65
N ASN E 505 16.84 21.13 -8.97
CA ASN E 505 17.09 19.88 -9.68
C ASN E 505 18.56 19.54 -9.53
N GLN E 506 18.88 18.72 -8.52
CA GLN E 506 20.27 18.49 -8.14
C GLN E 506 21.01 17.65 -9.18
N GLN E 507 20.38 16.59 -9.67
CA GLN E 507 20.96 15.81 -10.77
C GLN E 507 20.48 16.33 -12.12
N GLY E 508 20.66 17.63 -12.35
CA GLY E 508 20.18 18.25 -13.57
C GLY E 508 21.25 18.98 -14.34
N ASP E 509 20.84 19.86 -15.26
CA ASP E 509 21.80 20.60 -16.06
C ASP E 509 22.36 21.80 -15.30
N MET E 510 21.52 22.50 -14.55
CA MET E 510 21.94 23.65 -13.76
C MET E 510 21.36 23.50 -12.36
N PRO E 511 22.02 22.78 -11.45
CA PRO E 511 21.49 22.63 -10.09
C PRO E 511 21.73 23.81 -9.15
N ASN E 512 22.30 24.89 -9.63
CA ASN E 512 22.64 26.05 -8.81
C ASN E 512 21.61 27.16 -9.00
N LEU E 513 20.35 26.79 -9.17
CA LEU E 513 19.28 27.76 -9.39
C LEU E 513 18.09 27.29 -8.57
N VAL E 514 17.97 27.78 -7.35
CA VAL E 514 16.92 27.33 -6.45
C VAL E 514 15.64 28.09 -6.72
N LEU E 515 14.52 27.48 -6.32
CA LEU E 515 13.22 28.13 -6.32
C LEU E 515 12.72 28.13 -4.88
N VAL E 516 12.13 29.25 -4.48
CA VAL E 516 11.62 29.42 -3.12
C VAL E 516 10.11 29.46 -3.17
N ARG E 517 9.47 28.68 -2.29
CA ARG E 517 8.02 28.63 -2.20
C ARG E 517 7.60 28.95 -0.77
N ILE E 518 6.59 29.81 -0.64
CA ILE E 518 5.96 30.09 0.65
C ILE E 518 4.68 29.27 0.70
N LEU E 519 4.49 28.54 1.81
CA LEU E 519 3.35 27.64 1.92
C LEU E 519 2.25 28.13 2.84
N LYS E 520 2.55 29.04 3.76
CA LYS E 520 1.61 29.44 4.80
C LYS E 520 2.06 30.78 5.35
N CYS E 521 1.10 31.66 5.62
CA CYS E 521 1.39 32.95 6.24
C CYS E 521 0.12 33.47 6.91
N ARG E 522 0.05 33.34 8.24
CA ARG E 522 -1.13 33.77 8.99
C ARG E 522 -1.40 35.26 8.91
N PHE E 523 -0.38 36.07 8.68
CA PHE E 523 -0.57 37.52 8.59
C PHE E 523 -1.09 37.94 7.22
N THR E 524 -0.42 37.51 6.15
CA THR E 524 -0.79 37.97 4.82
C THR E 524 -1.69 36.99 4.08
N GLY E 525 -1.30 35.72 3.95
CA GLY E 525 -1.97 34.80 3.07
C GLY E 525 -1.33 34.67 1.70
N ASP E 526 -0.45 35.61 1.35
CA ASP E 526 0.23 35.55 0.06
C ASP E 526 1.23 34.40 0.05
N THR E 527 0.94 33.37 -0.74
CA THR E 527 1.74 32.17 -0.84
C THR E 527 2.12 31.90 -2.29
N GLY E 528 3.03 30.95 -2.48
CA GLY E 528 3.39 30.53 -3.82
C GLY E 528 4.87 30.68 -4.15
N ILE E 529 5.18 30.72 -5.43
CA ILE E 529 6.57 30.84 -5.89
C ILE E 529 7.01 32.29 -5.72
N ALA E 530 8.07 32.51 -4.94
CA ALA E 530 8.53 33.86 -4.66
C ALA E 530 9.61 34.31 -5.63
N GLY E 531 10.72 33.60 -5.70
CA GLY E 531 11.79 34.03 -6.57
C GLY E 531 12.83 32.95 -6.76
N TYR E 532 13.95 33.37 -7.34
CA TYR E 532 15.07 32.49 -7.67
C TYR E 532 16.35 33.06 -7.10
N MET E 533 17.26 32.17 -6.69
CA MET E 533 18.60 32.55 -6.26
C MET E 533 19.62 31.64 -6.93
N GLU E 534 20.69 32.24 -7.45
CA GLU E 534 21.81 31.46 -7.92
C GLU E 534 22.90 31.47 -6.86
N TYR E 535 23.66 30.36 -6.81
CA TYR E 535 24.56 30.13 -5.68
C TYR E 535 25.89 30.84 -5.84
N ASN E 536 26.36 31.05 -7.07
CA ASN E 536 27.64 31.68 -7.39
C ASN E 536 28.80 30.90 -6.73
N LYS E 537 29.03 29.71 -7.29
CA LYS E 537 29.95 28.69 -6.75
C LYS E 537 31.35 29.21 -6.44
N GLU E 538 31.78 30.27 -7.12
CA GLU E 538 33.10 30.86 -6.84
C GLU E 538 33.10 31.57 -5.48
N THR E 539 31.99 32.22 -5.14
CA THR E 539 31.93 33.05 -3.93
C THR E 539 31.18 32.40 -2.78
N GLY E 540 29.94 31.98 -3.01
CA GLY E 540 29.14 31.35 -1.98
C GLY E 540 27.93 32.14 -1.52
N TRP E 541 27.76 33.37 -1.96
CA TRP E 541 26.59 34.17 -1.65
C TRP E 541 25.44 33.80 -2.58
N LEU E 542 24.28 33.50 -2.00
CA LEU E 542 23.07 33.33 -2.80
C LEU E 542 22.63 34.69 -3.28
N GLU E 543 22.66 34.91 -4.59
CA GLU E 543 22.20 36.19 -5.06
C GLU E 543 20.95 36.03 -5.94
N PRO E 544 19.98 36.95 -5.83
CA PRO E 544 18.78 36.83 -6.64
C PRO E 544 19.03 37.22 -8.09
N SER E 545 18.62 36.34 -8.99
CA SER E 545 18.75 36.57 -10.43
C SER E 545 17.68 35.79 -11.18
N GLY F 264 -36.11 6.05 11.68
CA GLY F 264 -35.65 4.83 11.03
C GLY F 264 -36.40 4.54 9.75
N VAL F 265 -37.47 3.77 9.86
CA VAL F 265 -38.32 3.40 8.72
C VAL F 265 -39.58 4.24 8.79
N VAL F 266 -39.85 5.00 7.73
CA VAL F 266 -41.00 5.89 7.65
C VAL F 266 -42.07 5.24 6.78
N SER F 267 -43.27 5.10 7.32
CA SER F 267 -44.38 4.53 6.58
C SER F 267 -44.92 5.53 5.55
N ALA F 268 -45.78 5.03 4.66
CA ALA F 268 -46.40 5.87 3.66
C ALA F 268 -47.67 6.55 4.15
N LEU F 269 -48.14 6.22 5.37
CA LEU F 269 -49.31 6.88 5.92
C LEU F 269 -48.98 8.18 6.62
N SER F 270 -47.70 8.41 6.93
CA SER F 270 -47.28 9.65 7.59
C SER F 270 -46.94 10.76 6.61
N LEU F 271 -47.30 10.61 5.34
CA LEU F 271 -47.08 11.62 4.31
C LEU F 271 -48.40 12.24 3.89
N ARG F 272 -49.30 12.48 4.85
CA ARG F 272 -50.64 12.94 4.51
C ARG F 272 -50.64 14.42 4.16
N GLU F 273 -49.88 15.24 4.88
CA GLU F 273 -49.85 16.67 4.65
C GLU F 273 -48.45 17.19 4.29
N ARG F 274 -47.39 16.44 4.60
CA ARG F 274 -46.03 16.89 4.38
C ARG F 274 -45.70 17.05 2.90
N ILE F 275 -46.32 16.22 2.04
CA ILE F 275 -46.19 16.41 0.60
C ILE F 275 -46.80 17.74 0.18
N ARG F 276 -47.92 18.12 0.81
CA ARG F 276 -48.46 19.47 0.65
C ARG F 276 -47.48 20.51 1.19
N GLU F 277 -46.74 20.17 2.24
CA GLU F 277 -45.66 21.04 2.71
C GLU F 277 -44.55 21.14 1.68
N VAL F 285 -35.67 29.32 14.59
CA VAL F 285 -34.56 29.42 13.66
C VAL F 285 -33.28 29.74 14.41
N GLY F 286 -33.25 30.89 15.07
CA GLY F 286 -32.12 31.29 15.88
C GLY F 286 -31.26 32.34 15.20
N LEU F 287 -29.98 32.34 15.56
CA LEU F 287 -29.03 33.32 15.04
C LEU F 287 -28.65 32.99 13.61
N LEU F 288 -28.53 34.02 12.79
CA LEU F 288 -28.22 33.86 11.37
C LEU F 288 -26.73 34.08 11.13
N PHE F 289 -26.23 33.46 10.07
CA PHE F 289 -24.83 33.56 9.70
C PHE F 289 -24.63 34.62 8.61
N SER F 290 -23.56 35.38 8.75
CA SER F 290 -23.24 36.46 7.82
C SER F 290 -22.22 35.97 6.81
N GLY F 291 -22.52 36.17 5.52
CA GLY F 291 -21.70 35.62 4.46
C GLY F 291 -22.11 34.21 4.13
N CYS F 292 -21.92 33.81 2.86
CA CYS F 292 -22.26 32.49 2.30
C CYS F 292 -23.66 32.03 2.70
N THR F 293 -24.65 32.77 2.17
CA THR F 293 -26.05 32.69 2.60
C THR F 293 -26.75 31.35 2.34
N GLY F 294 -26.04 30.36 1.81
CA GLY F 294 -26.54 28.99 1.78
C GLY F 294 -26.14 28.20 3.01
N ILE F 295 -25.91 28.88 4.13
CA ILE F 295 -25.72 28.23 5.42
C ILE F 295 -27.02 28.32 6.21
N ASN F 296 -27.45 29.55 6.52
CA ASN F 296 -28.71 29.75 7.21
C ASN F 296 -29.92 29.40 6.34
N ASP F 297 -29.74 29.31 5.02
CA ASP F 297 -30.72 28.68 4.16
C ASP F 297 -30.74 27.16 4.32
N LYS F 298 -29.63 26.56 4.74
CA LYS F 298 -29.48 25.11 4.76
C LYS F 298 -29.61 24.53 6.16
N THR F 299 -28.81 24.97 7.12
CA THR F 299 -28.87 24.45 8.48
C THR F 299 -29.81 25.25 9.36
N LEU F 300 -30.50 26.25 8.80
CA LEU F 300 -31.47 27.11 9.47
C LEU F 300 -30.85 27.85 10.65
N GLY F 301 -29.58 28.25 10.49
CA GLY F 301 -28.88 29.01 11.50
C GLY F 301 -28.53 28.21 12.74
N ALA F 302 -27.92 28.91 13.69
CA ALA F 302 -27.56 28.30 14.95
C ALA F 302 -28.75 28.28 15.90
N ARG F 303 -28.70 27.38 16.88
CA ARG F 303 -29.75 27.26 17.87
C ARG F 303 -29.11 27.18 19.26
N GLY F 304 -29.94 27.36 20.28
CA GLY F 304 -29.46 27.31 21.64
C GLY F 304 -29.10 25.91 22.07
N GLY F 305 -27.99 25.80 22.81
CA GLY F 305 -27.51 24.52 23.28
C GLY F 305 -26.73 23.70 22.28
N GLU F 306 -26.49 24.23 21.07
CA GLU F 306 -25.79 23.47 20.05
C GLU F 306 -24.28 23.56 20.25
N VAL F 307 -23.58 22.59 19.64
CA VAL F 307 -22.13 22.57 19.58
C VAL F 307 -21.75 22.51 18.11
N ILE F 308 -21.28 23.64 17.58
CA ILE F 308 -20.93 23.76 16.17
C ILE F 308 -19.42 23.56 16.04
N MET F 309 -19.00 22.75 15.07
CA MET F 309 -17.59 22.53 14.82
C MET F 309 -17.22 23.13 13.47
N VAL F 310 -16.10 23.82 13.41
CA VAL F 310 -15.55 24.39 12.18
C VAL F 310 -14.22 23.69 11.95
N THR F 311 -14.17 22.78 10.98
CA THR F 311 -13.01 21.94 10.75
C THR F 311 -12.45 22.21 9.36
N SER F 312 -11.24 22.74 9.31
CA SER F 312 -10.54 22.94 8.04
C SER F 312 -9.05 22.78 8.29
N GLY F 313 -8.25 22.98 7.24
CA GLY F 313 -6.82 22.78 7.31
C GLY F 313 -6.09 23.97 7.90
N SER F 314 -4.79 24.01 7.65
CA SER F 314 -3.94 25.06 8.18
C SER F 314 -3.99 26.27 7.26
N GLY F 315 -4.38 27.43 7.80
CA GLY F 315 -4.46 28.64 7.04
C GLY F 315 -5.68 28.77 6.15
N MET F 316 -6.69 27.92 6.36
CA MET F 316 -7.91 27.95 5.54
C MET F 316 -8.91 29.01 5.96
N GLY F 317 -8.63 29.77 7.03
CA GLY F 317 -9.49 30.86 7.40
C GLY F 317 -10.56 30.49 8.41
N LYS F 318 -10.19 29.72 9.43
CA LYS F 318 -11.15 29.33 10.45
C LYS F 318 -11.36 30.46 11.46
N SER F 319 -10.25 30.99 11.99
CA SER F 319 -10.31 32.07 12.96
C SER F 319 -10.86 33.35 12.35
N THR F 320 -10.57 33.60 11.07
CA THR F 320 -11.11 34.76 10.37
C THR F 320 -12.63 34.66 10.23
N PHE F 321 -13.12 33.49 9.86
CA PHE F 321 -14.55 33.28 9.68
C PHE F 321 -15.30 33.38 11.00
N VAL F 322 -14.76 32.75 12.06
CA VAL F 322 -15.45 32.80 13.33
C VAL F 322 -15.31 34.17 13.98
N ARG F 323 -14.28 34.95 13.63
CA ARG F 323 -14.16 36.30 14.16
C ARG F 323 -15.12 37.24 13.44
N GLN F 324 -15.34 37.02 12.14
CA GLN F 324 -16.37 37.75 11.40
C GLN F 324 -17.76 37.45 11.95
N GLN F 325 -17.98 36.18 12.32
CA GLN F 325 -19.27 35.74 12.90
C GLN F 325 -19.41 36.45 14.26
N ALA F 326 -18.35 36.46 15.06
CA ALA F 326 -18.37 37.11 16.37
C ALA F 326 -18.64 38.61 16.29
N LEU F 327 -18.10 39.27 15.26
CA LEU F 327 -18.38 40.68 15.07
C LEU F 327 -19.82 40.92 14.63
N GLN F 328 -20.33 40.07 13.74
CA GLN F 328 -21.72 40.22 13.30
C GLN F 328 -22.72 39.70 14.32
N TRP F 329 -22.27 39.04 15.38
CA TRP F 329 -23.15 38.63 16.47
C TRP F 329 -22.96 39.48 17.72
N GLY F 330 -22.25 40.60 17.61
CA GLY F 330 -22.03 41.47 18.75
C GLY F 330 -22.48 42.89 18.50
N THR F 331 -22.70 43.22 17.24
CA THR F 331 -23.18 44.54 16.84
C THR F 331 -24.58 44.51 16.28
N ALA F 332 -24.84 43.65 15.28
CA ALA F 332 -26.19 43.53 14.72
C ALA F 332 -27.08 42.67 15.57
N MET F 333 -26.53 41.80 16.41
CA MET F 333 -27.31 40.97 17.31
C MET F 333 -27.34 41.49 18.74
N GLY F 334 -26.24 42.04 19.22
CA GLY F 334 -26.19 42.62 20.55
C GLY F 334 -26.01 41.63 21.68
N LYS F 335 -25.92 40.34 21.38
CA LYS F 335 -25.77 39.33 22.42
C LYS F 335 -24.35 39.32 22.95
N LYS F 336 -24.21 38.93 24.23
CA LYS F 336 -22.91 38.90 24.87
C LYS F 336 -22.08 37.76 24.30
N VAL F 337 -20.91 38.09 23.76
CA VAL F 337 -20.06 37.12 23.06
C VAL F 337 -18.79 36.92 23.88
N GLY F 338 -18.52 35.67 24.24
CA GLY F 338 -17.33 35.32 24.98
C GLY F 338 -16.32 34.54 24.17
N LEU F 339 -15.14 35.13 23.96
CA LEU F 339 -14.11 34.54 23.12
C LEU F 339 -13.13 33.73 23.95
N ALA F 340 -12.55 32.70 23.32
CA ALA F 340 -11.44 31.92 23.86
C ALA F 340 -10.43 31.77 22.74
N MET F 341 -9.55 32.77 22.62
CA MET F 341 -8.49 32.81 21.62
C MET F 341 -7.17 32.44 22.31
N LEU F 342 -6.92 31.14 22.38
CA LEU F 342 -5.61 30.68 22.87
C LEU F 342 -4.59 30.56 21.75
N GLN F 343 -4.94 30.99 20.54
CA GLN F 343 -4.03 30.96 19.40
C GLN F 343 -3.13 32.19 19.34
N GLU F 344 -3.63 33.35 19.75
CA GLU F 344 -2.83 34.57 19.77
C GLU F 344 -3.22 35.38 21.00
N SER F 345 -2.76 36.62 21.06
CA SER F 345 -2.95 37.48 22.22
C SER F 345 -4.32 38.14 22.19
N VAL F 346 -4.63 38.87 23.27
CA VAL F 346 -5.93 39.53 23.39
C VAL F 346 -5.98 40.90 22.72
N GLU F 347 -4.84 41.49 22.40
CA GLU F 347 -4.82 42.78 21.73
C GLU F 347 -4.89 42.64 20.21
N GLU F 348 -4.24 41.62 19.67
CA GLU F 348 -4.23 41.42 18.23
C GLU F 348 -5.60 41.01 17.71
N THR F 349 -6.32 40.19 18.48
CA THR F 349 -7.67 39.80 18.11
C THR F 349 -8.67 40.94 18.24
N ALA F 350 -8.35 41.99 19.00
CA ALA F 350 -9.17 43.18 19.05
C ALA F 350 -8.83 44.14 17.93
N GLU F 351 -7.54 44.24 17.58
CA GLU F 351 -7.13 45.05 16.44
C GLU F 351 -7.68 44.48 15.14
N ASP F 352 -7.78 43.15 15.04
CA ASP F 352 -8.40 42.53 13.88
C ASP F 352 -9.88 42.86 13.79
N LEU F 353 -10.58 42.90 14.94
CA LEU F 353 -11.98 43.31 14.96
C LEU F 353 -12.16 44.77 14.56
N ILE F 354 -11.28 45.64 15.04
CA ILE F 354 -11.36 47.06 14.72
C ILE F 354 -11.10 47.31 13.24
N GLY F 355 -10.07 46.64 12.69
CA GLY F 355 -9.80 46.77 11.27
C GLY F 355 -10.86 46.15 10.39
N LEU F 356 -11.48 45.05 10.83
CA LEU F 356 -12.52 44.42 10.04
C LEU F 356 -13.71 45.38 10.04
N HIS F 357 -14.21 45.75 11.21
CA HIS F 357 -15.30 46.72 11.29
C HIS F 357 -15.09 48.01 10.51
N ASN F 358 -13.84 48.50 10.46
CA ASN F 358 -13.53 49.74 9.75
C ASN F 358 -13.16 49.51 8.28
N ARG F 359 -13.41 48.31 7.76
CA ARG F 359 -13.27 47.94 6.34
C ARG F 359 -11.84 48.08 5.81
N VAL F 360 -10.84 48.24 6.67
CA VAL F 360 -9.47 48.52 6.25
C VAL F 360 -8.56 47.53 6.96
N ARG F 361 -7.68 46.87 6.21
CA ARG F 361 -6.71 45.93 6.73
C ARG F 361 -5.75 46.66 7.67
N LEU F 362 -5.90 46.44 8.97
CA LEU F 362 -5.24 47.23 10.00
C LEU F 362 -3.85 46.69 10.37
N ARG F 363 -3.79 45.44 10.83
CA ARG F 363 -2.57 44.91 11.42
C ARG F 363 -1.50 44.60 10.38
N GLN F 364 -1.82 44.67 9.10
CA GLN F 364 -0.87 44.35 8.04
C GLN F 364 -0.40 45.58 7.27
N SER F 365 -0.92 46.76 7.59
CA SER F 365 -0.43 48.01 7.04
C SER F 365 0.32 48.75 8.15
N ASP F 366 1.57 49.12 7.89
CA ASP F 366 2.42 49.66 8.94
C ASP F 366 2.15 51.14 9.20
N SER F 367 1.97 51.93 8.14
CA SER F 367 1.87 53.39 8.30
C SER F 367 0.54 53.80 8.91
N LEU F 368 -0.54 53.08 8.61
CA LEU F 368 -1.86 53.46 9.08
C LEU F 368 -2.04 53.25 10.59
N LYS F 369 -1.33 52.29 11.18
CA LYS F 369 -1.45 52.02 12.61
C LYS F 369 -0.95 53.17 13.46
N ARG F 370 0.02 53.93 12.96
CA ARG F 370 0.47 55.15 13.62
C ARG F 370 -0.18 56.40 13.04
N GLU F 371 -0.77 56.31 11.84
CA GLU F 371 -1.47 57.46 11.28
C GLU F 371 -2.81 57.69 11.97
N ILE F 372 -3.48 56.62 12.41
CA ILE F 372 -4.81 56.77 13.01
C ILE F 372 -4.71 57.08 14.49
N ILE F 373 -3.50 57.20 15.02
CA ILE F 373 -3.32 57.54 16.43
C ILE F 373 -2.25 58.61 16.57
N LYS F 377 -8.10 59.61 16.27
CA LYS F 377 -9.34 58.95 15.87
C LYS F 377 -9.30 57.47 16.22
N PHE F 378 -8.25 57.08 16.95
CA PHE F 378 -8.19 55.71 17.47
C PHE F 378 -9.27 55.48 18.52
N ASP F 379 -9.51 56.47 19.38
CA ASP F 379 -10.62 56.36 20.33
C ASP F 379 -11.96 56.37 19.62
N GLN F 380 -12.06 57.10 18.50
CA GLN F 380 -13.28 57.12 17.70
C GLN F 380 -13.56 55.75 17.09
N TRP F 381 -12.54 55.06 16.60
CA TRP F 381 -12.75 53.72 16.08
C TRP F 381 -12.83 52.68 17.19
N PHE F 382 -12.37 53.00 18.40
CA PHE F 382 -12.48 52.07 19.51
C PHE F 382 -13.89 52.06 20.08
N ASP F 383 -14.39 53.22 20.50
CA ASP F 383 -15.64 53.28 21.24
C ASP F 383 -16.87 52.97 20.39
N GLU F 384 -16.80 53.19 19.07
CA GLU F 384 -17.91 52.91 18.16
C GLU F 384 -18.28 51.43 18.16
N LEU F 385 -17.29 50.56 18.36
CA LEU F 385 -17.55 49.13 18.43
C LEU F 385 -17.43 48.53 19.83
N PHE F 386 -16.81 49.23 20.79
CA PHE F 386 -16.68 48.73 22.15
C PHE F 386 -17.35 49.64 23.19
N GLY F 387 -18.38 50.39 22.82
CA GLY F 387 -19.07 51.20 23.82
C GLY F 387 -19.95 50.40 24.76
N ASN F 388 -20.33 49.19 24.38
CA ASN F 388 -21.16 48.34 25.22
C ASN F 388 -20.27 47.42 26.06
N ASP F 389 -20.90 46.52 26.80
CA ASP F 389 -20.20 45.48 27.55
C ASP F 389 -20.44 44.14 26.87
N THR F 390 -20.40 44.16 25.53
CA THR F 390 -20.75 42.98 24.73
C THR F 390 -19.66 41.92 24.77
N PHE F 391 -18.47 42.27 24.29
CA PHE F 391 -17.42 41.28 24.07
C PHE F 391 -16.66 41.00 25.37
N HIS F 392 -16.30 39.74 25.56
CA HIS F 392 -15.51 39.32 26.71
C HIS F 392 -14.39 38.41 26.22
N LEU F 393 -13.16 38.93 26.19
CA LEU F 393 -12.02 38.16 25.73
C LEU F 393 -11.45 37.33 26.89
N TYR F 394 -10.48 36.49 26.57
CA TYR F 394 -9.85 35.63 27.57
C TYR F 394 -8.37 35.51 27.27
N ASP F 395 -7.55 35.58 28.31
CA ASP F 395 -6.10 35.44 28.17
C ASP F 395 -5.76 33.96 27.97
N ARG F 404 -10.62 24.33 35.16
CA ARG F 404 -10.23 25.73 35.07
C ARG F 404 -11.01 26.46 33.98
N LEU F 405 -10.83 25.98 32.74
CA LEU F 405 -11.51 26.60 31.61
C LEU F 405 -13.01 26.41 31.68
N LEU F 406 -13.47 25.28 32.22
CA LEU F 406 -14.89 25.06 32.41
C LEU F 406 -15.48 25.99 33.46
N ALA F 407 -14.72 26.25 34.54
CA ALA F 407 -15.17 27.21 35.54
C ALA F 407 -15.19 28.62 34.98
N LYS F 408 -14.22 28.96 34.12
CA LYS F 408 -14.20 30.27 33.47
C LYS F 408 -15.38 30.43 32.52
N LEU F 409 -15.72 29.39 31.76
CA LEU F 409 -16.86 29.49 30.85
C LEU F 409 -18.18 29.49 31.61
N ALA F 410 -18.25 28.80 32.75
CA ALA F 410 -19.43 28.86 33.60
C ALA F 410 -19.61 30.25 34.21
N TYR F 411 -18.50 30.90 34.57
CA TYR F 411 -18.57 32.29 35.04
C TYR F 411 -19.01 33.24 33.91
N MET F 412 -18.45 33.06 32.71
CA MET F 412 -18.86 33.85 31.54
C MET F 412 -20.33 33.65 31.20
N ARG F 413 -20.88 32.49 31.55
CA ARG F 413 -22.30 32.17 31.24
C ARG F 413 -23.25 32.68 32.33
N SER F 414 -22.85 32.58 33.61
CA SER F 414 -23.71 33.00 34.72
C SER F 414 -23.60 34.48 35.03
N GLY F 415 -22.40 34.97 35.31
CA GLY F 415 -22.27 36.35 35.75
C GLY F 415 -22.27 37.37 34.63
N LEU F 416 -22.35 36.94 33.37
CA LEU F 416 -22.23 37.88 32.26
C LEU F 416 -23.31 37.75 31.19
N GLY F 417 -24.15 36.70 31.22
CA GLY F 417 -25.21 36.59 30.23
C GLY F 417 -24.74 36.29 28.83
N CYS F 418 -23.70 35.48 28.67
CA CYS F 418 -23.19 35.18 27.33
C CYS F 418 -24.12 34.22 26.60
N ASP F 419 -24.40 34.55 25.34
CA ASP F 419 -25.23 33.74 24.48
C ASP F 419 -24.43 33.02 23.39
N VAL F 420 -23.27 33.56 23.03
CA VAL F 420 -22.36 32.93 22.08
C VAL F 420 -21.02 32.76 22.76
N ILE F 421 -20.52 31.53 22.81
CA ILE F 421 -19.21 31.23 23.38
C ILE F 421 -18.38 30.55 22.30
N ILE F 422 -17.23 31.14 22.00
CA ILE F 422 -16.35 30.66 20.93
C ILE F 422 -15.07 30.15 21.57
N LEU F 423 -14.63 28.96 21.17
CA LEU F 423 -13.35 28.40 21.58
C LEU F 423 -12.57 28.05 20.32
N ASP F 424 -11.39 28.64 20.16
CA ASP F 424 -10.66 28.50 18.90
C ASP F 424 -9.74 27.28 18.87
N HIS F 425 -9.04 26.97 19.96
CA HIS F 425 -8.07 25.87 19.95
C HIS F 425 -8.34 24.96 21.13
N ILE F 426 -8.57 23.68 20.84
CA ILE F 426 -8.93 22.69 21.86
C ILE F 426 -7.86 21.60 21.98
N SER F 427 -6.90 21.54 21.05
CA SER F 427 -5.97 20.41 21.00
C SER F 427 -4.96 20.42 22.15
N ILE F 428 -4.79 21.56 22.81
CA ILE F 428 -3.93 21.63 23.99
C ILE F 428 -4.71 21.47 25.29
N VAL F 429 -6.04 21.60 25.26
CA VAL F 429 -6.85 21.51 26.46
C VAL F 429 -7.27 20.05 26.69
N ARG F 439 -7.14 10.16 24.15
CA ARG F 439 -8.44 9.55 23.92
C ARG F 439 -9.38 9.84 25.08
N LYS F 440 -8.99 9.35 26.26
CA LYS F 440 -9.89 9.37 27.41
C LYS F 440 -10.10 10.78 27.94
N MET F 441 -9.03 11.56 28.05
CA MET F 441 -9.15 12.94 28.51
C MET F 441 -9.81 13.85 27.49
N ILE F 442 -9.81 13.47 26.21
CA ILE F 442 -10.47 14.22 25.16
C ILE F 442 -11.96 13.92 25.23
N ASP F 443 -12.30 12.63 25.40
CA ASP F 443 -13.69 12.23 25.45
C ASP F 443 -14.37 12.71 26.72
N ASN F 444 -13.65 12.73 27.85
CA ASN F 444 -14.20 13.24 29.09
C ASN F 444 -14.45 14.74 29.01
N LEU F 445 -13.52 15.46 28.36
CA LEU F 445 -13.70 16.89 28.13
C LEU F 445 -14.88 17.17 27.21
N MET F 446 -15.08 16.34 26.18
CA MET F 446 -16.20 16.55 25.27
C MET F 446 -17.54 16.23 25.94
N THR F 447 -17.59 15.18 26.77
CA THR F 447 -18.80 14.89 27.53
C THR F 447 -19.09 15.98 28.56
N LYS F 448 -18.06 16.56 29.16
CA LYS F 448 -18.27 17.65 30.12
C LYS F 448 -18.76 18.90 29.43
N LEU F 449 -18.22 19.22 28.24
CA LEU F 449 -18.73 20.34 27.45
C LEU F 449 -20.17 20.11 27.00
N LYS F 450 -20.51 18.87 26.62
CA LYS F 450 -21.88 18.59 26.20
C LYS F 450 -22.85 18.68 27.37
N GLY F 451 -22.43 18.22 28.56
CA GLY F 451 -23.25 18.39 29.75
C GLY F 451 -23.42 19.85 30.15
N PHE F 452 -22.37 20.65 30.02
CA PHE F 452 -22.47 22.08 30.27
C PHE F 452 -23.42 22.76 29.30
N ALA F 453 -23.35 22.38 28.01
CA ALA F 453 -24.25 22.95 27.02
C ALA F 453 -25.69 22.53 27.25
N LYS F 454 -25.92 21.29 27.69
CA LYS F 454 -27.28 20.85 28.01
C LYS F 454 -27.81 21.53 29.27
N SER F 455 -26.92 21.82 30.24
CA SER F 455 -27.36 22.49 31.46
C SER F 455 -27.67 23.96 31.20
N THR F 456 -26.93 24.60 30.29
CA THR F 456 -27.13 26.03 30.07
C THR F 456 -28.10 26.34 28.94
N GLY F 457 -27.86 25.86 27.73
CA GLY F 457 -28.62 26.31 26.59
C GLY F 457 -27.98 27.46 25.86
N VAL F 458 -26.66 27.41 25.70
CA VAL F 458 -25.87 28.49 25.09
C VAL F 458 -25.35 28.00 23.74
N VAL F 459 -25.23 28.94 22.80
CA VAL F 459 -24.62 28.63 21.52
C VAL F 459 -23.11 28.53 21.71
N LEU F 460 -22.52 27.43 21.24
CA LEU F 460 -21.12 27.12 21.46
C LEU F 460 -20.47 26.74 20.13
N VAL F 461 -19.40 27.44 19.77
CA VAL F 461 -18.67 27.18 18.53
C VAL F 461 -17.23 26.82 18.88
N VAL F 462 -16.83 25.59 18.60
CA VAL F 462 -15.51 25.08 18.94
C VAL F 462 -14.81 24.69 17.64
N ILE F 463 -13.55 25.11 17.49
CA ILE F 463 -12.77 24.82 16.29
C ILE F 463 -11.70 23.78 16.61
N CYS F 464 -11.64 22.73 15.81
CA CYS F 464 -10.56 21.74 15.86
C CYS F 464 -9.99 21.56 14.45
N HIS F 465 -8.91 20.77 14.35
CA HIS F 465 -8.13 20.66 13.13
C HIS F 465 -8.42 19.34 12.41
N LEU F 466 -7.82 19.18 11.23
CA LEU F 466 -7.95 17.99 10.40
C LEU F 466 -6.77 17.06 10.63
N LYS F 467 -6.95 15.82 10.15
CA LYS F 467 -5.90 14.77 10.23
C LYS F 467 -5.07 14.80 8.95
N ASN F 468 -3.84 14.29 9.00
CA ASN F 468 -2.93 14.31 7.82
C ASN F 468 -3.37 13.27 6.79
N PRO F 469 -3.65 13.65 5.53
CA PRO F 469 -4.05 12.68 4.50
C PRO F 469 -2.86 11.75 4.24
N ASP F 470 -3.12 10.45 4.08
CA ASP F 470 -2.04 9.50 3.89
C ASP F 470 -1.75 9.17 2.43
N LYS F 471 -2.71 9.40 1.53
CA LYS F 471 -2.52 9.05 0.13
C LYS F 471 -3.21 10.07 -0.75
N GLY F 472 -2.49 10.55 -1.76
CA GLY F 472 -3.01 11.53 -2.68
C GLY F 472 -2.55 12.94 -2.35
N LYS F 473 -3.41 13.89 -2.65
CA LYS F 473 -3.13 15.29 -2.34
C LYS F 473 -3.61 15.60 -0.93
N ALA F 474 -3.51 16.86 -0.53
CA ALA F 474 -3.93 17.30 0.79
C ALA F 474 -5.23 18.09 0.69
N HIS F 475 -5.78 18.44 1.86
CA HIS F 475 -7.01 19.21 1.91
C HIS F 475 -6.78 20.66 1.47
N GLU F 476 -5.54 21.13 1.54
CA GLU F 476 -5.23 22.51 1.19
C GLU F 476 -5.11 22.72 -0.31
N GLU F 477 -5.25 21.65 -1.10
CA GLU F 477 -5.05 21.79 -2.58
C GLU F 477 -6.22 21.22 -3.40
N GLY F 478 -7.45 21.24 -2.88
CA GLY F 478 -8.58 20.78 -3.66
C GLY F 478 -9.15 19.44 -3.28
N ARG F 479 -9.01 19.01 -2.04
CA ARG F 479 -9.60 17.76 -1.62
C ARG F 479 -10.76 18.03 -0.66
N PRO F 480 -11.92 17.40 -0.87
CA PRO F 480 -13.04 17.63 0.05
C PRO F 480 -12.84 16.94 1.39
N VAL F 481 -13.31 17.59 2.44
CA VAL F 481 -13.15 17.12 3.80
C VAL F 481 -14.23 16.08 4.09
N SER F 482 -13.80 14.89 4.52
CA SER F 482 -14.71 13.86 4.97
C SER F 482 -14.94 13.99 6.47
N ILE F 483 -15.96 13.27 6.97
CA ILE F 483 -16.27 13.31 8.39
C ILE F 483 -15.28 12.46 9.19
N THR F 484 -14.52 11.59 8.52
CA THR F 484 -13.53 10.77 9.19
C THR F 484 -12.30 11.59 9.58
N ASP F 485 -11.98 12.61 8.79
CA ASP F 485 -10.74 13.36 8.95
C ASP F 485 -10.76 14.26 10.18
N LEU F 486 -10.60 13.67 11.37
CA LEU F 486 -10.63 14.40 12.63
C LEU F 486 -9.58 13.82 13.57
N ARG F 487 -8.77 14.70 14.15
CA ARG F 487 -7.74 14.25 15.08
C ARG F 487 -8.32 14.03 16.47
N GLY F 488 -7.46 13.62 17.40
CA GLY F 488 -7.85 13.45 18.79
C GLY F 488 -8.55 12.14 19.07
N SER F 489 -9.83 12.07 18.68
CA SER F 489 -10.66 10.89 18.92
C SER F 489 -11.81 10.91 17.91
N GLY F 490 -12.81 10.08 18.15
CA GLY F 490 -13.98 10.02 17.31
C GLY F 490 -15.23 10.69 17.86
N ALA F 491 -15.13 11.34 19.02
CA ALA F 491 -16.29 12.01 19.60
C ALA F 491 -16.61 13.33 18.92
N LEU F 492 -15.71 13.85 18.08
CA LEU F 492 -15.93 15.14 17.42
C LEU F 492 -17.04 15.07 16.40
N ARG F 493 -17.29 13.90 15.81
CA ARG F 493 -18.43 13.71 14.93
C ARG F 493 -19.60 13.01 15.61
N GLN F 494 -19.51 12.73 16.91
CA GLN F 494 -20.58 12.07 17.63
C GLN F 494 -21.31 13.00 18.60
N LEU F 495 -20.60 13.79 19.39
CA LEU F 495 -21.22 14.65 20.38
C LEU F 495 -21.40 16.07 19.90
N SER F 496 -21.13 16.34 18.62
CA SER F 496 -21.38 17.64 18.03
C SER F 496 -22.72 17.63 17.32
N ASP F 497 -23.15 18.81 16.87
CA ASP F 497 -24.43 18.94 16.19
C ASP F 497 -24.30 19.32 14.73
N THR F 498 -23.26 20.05 14.34
CA THR F 498 -23.00 20.31 12.93
C THR F 498 -21.51 20.55 12.71
N ILE F 499 -21.07 20.28 11.49
CA ILE F 499 -19.67 20.37 11.08
C ILE F 499 -19.60 21.17 9.80
N ILE F 500 -18.83 22.26 9.82
CA ILE F 500 -18.68 23.17 8.68
C ILE F 500 -17.21 23.15 8.25
N ALA F 501 -16.99 22.94 6.96
CA ALA F 501 -15.64 22.85 6.41
C ALA F 501 -15.45 23.87 5.30
N LEU F 502 -14.21 24.34 5.14
CA LEU F 502 -13.85 25.31 4.11
C LEU F 502 -12.69 24.74 3.30
N GLU F 503 -12.78 24.83 1.97
CA GLU F 503 -11.79 24.25 1.08
C GLU F 503 -11.39 25.29 0.04
N ARG F 504 -10.08 25.42 -0.19
CA ARG F 504 -9.58 26.30 -1.23
C ARG F 504 -8.24 25.78 -1.73
N ASN F 505 -7.96 26.01 -3.01
CA ASN F 505 -6.68 25.64 -3.61
C ASN F 505 -5.68 26.73 -3.26
N GLN F 506 -4.83 26.47 -2.26
CA GLN F 506 -3.95 27.52 -1.76
C GLN F 506 -2.76 27.75 -2.70
N GLN F 507 -2.20 26.65 -3.22
CA GLN F 507 -1.08 26.76 -4.19
C GLN F 507 -1.66 26.69 -5.61
N GLY F 508 -2.64 27.54 -5.91
CA GLY F 508 -3.27 27.52 -7.21
C GLY F 508 -3.30 28.88 -7.88
N ASP F 509 -4.22 29.06 -8.84
CA ASP F 509 -4.32 30.34 -9.52
C ASP F 509 -5.11 31.36 -8.70
N MET F 510 -6.16 30.91 -8.02
CA MET F 510 -7.00 31.78 -7.21
C MET F 510 -7.10 31.20 -5.81
N PRO F 511 -6.21 31.56 -4.88
CA PRO F 511 -6.27 31.06 -3.51
C PRO F 511 -7.25 31.79 -2.59
N ASN F 512 -8.17 32.57 -3.14
CA ASN F 512 -9.08 33.40 -2.36
C ASN F 512 -10.53 33.11 -2.72
N LEU F 513 -10.80 31.86 -3.11
CA LEU F 513 -12.14 31.47 -3.58
C LEU F 513 -12.49 30.14 -2.94
N VAL F 514 -13.14 30.18 -1.79
CA VAL F 514 -13.38 29.00 -0.98
C VAL F 514 -14.69 28.34 -1.37
N LEU F 515 -14.85 27.09 -0.95
CA LEU F 515 -16.11 26.39 -0.98
C LEU F 515 -16.43 25.96 0.46
N VAL F 516 -17.69 26.07 0.84
CA VAL F 516 -18.15 25.75 2.19
C VAL F 516 -18.96 24.47 2.10
N ARG F 517 -18.72 23.54 3.03
CA ARG F 517 -19.41 22.26 3.03
C ARG F 517 -20.00 22.01 4.41
N ILE F 518 -21.27 21.62 4.44
CA ILE F 518 -21.92 21.09 5.63
C ILE F 518 -21.74 19.58 5.62
N LEU F 519 -21.29 19.02 6.74
CA LEU F 519 -21.05 17.58 6.81
C LEU F 519 -22.05 16.84 7.65
N LYS F 520 -22.80 17.54 8.50
CA LYS F 520 -23.72 16.91 9.45
C LYS F 520 -24.66 17.99 9.95
N CYS F 521 -25.94 17.62 10.09
CA CYS F 521 -26.94 18.53 10.64
C CYS F 521 -28.10 17.72 11.19
N ARG F 522 -28.19 17.60 12.51
CA ARG F 522 -29.20 16.75 13.14
C ARG F 522 -30.61 17.26 12.93
N PHE F 523 -30.79 18.57 12.76
CA PHE F 523 -32.13 19.15 12.66
C PHE F 523 -32.65 19.15 11.24
N THR F 524 -31.77 19.28 10.25
CA THR F 524 -32.22 19.29 8.87
C THR F 524 -31.86 18.03 8.10
N GLY F 525 -30.59 17.63 8.07
CA GLY F 525 -30.13 16.60 7.18
C GLY F 525 -29.56 17.12 5.87
N ASP F 526 -29.84 18.38 5.54
CA ASP F 526 -29.32 18.98 4.32
C ASP F 526 -27.83 19.25 4.47
N THR F 527 -27.01 18.44 3.82
CA THR F 527 -25.56 18.57 3.84
C THR F 527 -25.02 18.70 2.43
N GLY F 528 -23.76 19.10 2.33
CA GLY F 528 -23.11 19.23 1.03
C GLY F 528 -22.57 20.62 0.75
N ILE F 529 -22.57 21.00 -0.52
CA ILE F 529 -22.03 22.29 -0.94
C ILE F 529 -22.98 23.40 -0.54
N ALA F 530 -22.46 24.44 0.11
CA ALA F 530 -23.25 25.63 0.40
C ALA F 530 -23.09 26.67 -0.69
N GLY F 531 -21.86 27.08 -0.97
CA GLY F 531 -21.62 28.07 -1.99
C GLY F 531 -20.16 28.43 -2.10
N TYR F 532 -19.93 29.65 -2.58
CA TYR F 532 -18.59 30.18 -2.79
C TYR F 532 -18.47 31.56 -2.16
N MET F 533 -17.30 31.87 -1.62
CA MET F 533 -16.99 33.19 -1.10
C MET F 533 -15.68 33.69 -1.67
N GLU F 534 -15.49 35.00 -1.61
CA GLU F 534 -14.20 35.62 -1.83
C GLU F 534 -13.79 36.37 -0.58
N TYR F 535 -12.48 36.55 -0.41
CA TYR F 535 -11.95 37.15 0.80
C TYR F 535 -11.95 38.67 0.77
N ASN F 536 -11.87 39.27 -0.43
CA ASN F 536 -11.80 40.72 -0.65
C ASN F 536 -10.61 41.32 0.09
N LYS F 537 -9.43 41.00 -0.45
CA LYS F 537 -8.12 41.26 0.18
C LYS F 537 -7.89 42.71 0.59
N GLU F 538 -8.62 43.67 0.00
CA GLU F 538 -8.57 45.05 0.46
C GLU F 538 -9.14 45.20 1.87
N THR F 539 -10.33 44.64 2.10
CA THR F 539 -11.05 44.84 3.35
C THR F 539 -10.86 43.69 4.35
N GLY F 540 -11.11 42.46 3.92
CA GLY F 540 -11.02 41.30 4.79
C GLY F 540 -12.35 40.66 5.13
N TRP F 541 -13.47 41.18 4.63
CA TRP F 541 -14.77 40.57 4.85
C TRP F 541 -14.99 39.45 3.85
N LEU F 542 -15.33 38.26 4.35
CA LEU F 542 -15.70 37.16 3.48
C LEU F 542 -17.06 37.45 2.88
N GLU F 543 -17.14 37.55 1.56
CA GLU F 543 -18.43 37.84 0.96
C GLU F 543 -18.78 36.84 -0.13
N PRO F 544 -20.03 36.40 -0.19
CA PRO F 544 -20.42 35.46 -1.26
C PRO F 544 -20.66 36.18 -2.57
N SER F 545 -20.52 35.44 -3.66
CA SER F 545 -20.75 35.96 -5.00
C SER F 545 -21.22 34.87 -5.94
#